data_9ETJ
#
_entry.id   9ETJ
#
_cell.length_a   101.730
_cell.length_b   118.250
_cell.length_c   122.450
_cell.angle_alpha   90.000
_cell.angle_beta   90.000
_cell.angle_gamma   90.000
#
_symmetry.space_group_name_H-M   'P 21 21 21'
#
loop_
_entity.id
_entity.type
_entity.pdbx_description
1 polymer "2',3'-cyclic-nucleotide 3'-phosphodiesterase"
2 polymer 'Chains: C,D,F,H'
3 non-polymer 'CALCIUM ION'
#
loop_
_entity_poly.entity_id
_entity_poly.type
_entity_poly.pdbx_seq_one_letter_code
_entity_poly.pdbx_strand_id
1 'polypeptide(L)'
;GLEKDFLPLYFGWFLTKKSSETLRKAGQVFLEELGNHKAFKKELRHFISGDEPKEKLELVSYFGKRPPGVLHCTTKFCDY
GKAAGAEEYAQQEVVKRSYGKAFKLSISALFVTPKTAGAQVVLTDQELQLWPSDLDKPSASEGLPPGSRAHVTLGCAADV
QPVQTGLDLLDILQQVKGGSQGEAVGELPRGKLYSLGKGRWMLSLTKKMEVKAIFTGYYG
;
A,B,E,G
2 'polypeptide(L)'
;EVQLEESGGGLVQPGGSLRLSCAVSGITLDDFGIGWFRQAPGKEREGVACISPGYEHIYYADSAKGRFTISRDNAKNTVY
LQMNNLKPWDTGVYYCAADNDLPDRLWGGSDWSDPSPYDYWGQGTQVTVSS
;
C,D,F,H
#
loop_
_chem_comp.id
_chem_comp.type
_chem_comp.name
_chem_comp.formula
CA non-polymer 'CALCIUM ION' 'Ca 2'
#
# COMPACT_ATOMS: atom_id res chain seq x y z
N GLU A 3 -31.11 28.03 -27.19
CA GLU A 3 -30.67 26.88 -28.00
C GLU A 3 -29.52 26.15 -27.29
N LYS A 4 -29.44 24.85 -27.51
CA LYS A 4 -28.58 23.91 -26.77
C LYS A 4 -27.16 24.40 -26.69
N ASP A 5 -26.53 24.66 -27.84
CA ASP A 5 -25.11 25.04 -27.93
C ASP A 5 -24.76 26.37 -27.28
N PHE A 6 -25.72 27.24 -27.02
CA PHE A 6 -25.46 28.50 -26.34
C PHE A 6 -25.62 28.38 -24.82
N LEU A 7 -25.76 27.15 -24.30
CA LEU A 7 -26.11 27.04 -22.90
C LEU A 7 -24.90 27.42 -22.03
N PRO A 8 -25.12 27.66 -20.73
CA PRO A 8 -23.99 27.91 -19.86
C PRO A 8 -23.40 26.58 -19.42
N LEU A 9 -22.22 26.72 -18.77
CA LEU A 9 -21.69 25.60 -18.01
C LEU A 9 -22.74 25.15 -16.97
N TYR A 10 -23.35 26.11 -16.28
CA TYR A 10 -24.43 25.77 -15.40
C TYR A 10 -25.19 27.03 -15.07
N PHE A 11 -26.38 26.84 -14.53
CA PHE A 11 -27.27 27.91 -14.05
C PHE A 11 -27.19 27.93 -12.51
N GLY A 12 -27.58 29.04 -11.93
CA GLY A 12 -27.63 29.09 -10.46
C GLY A 12 -28.05 30.48 -10.02
N TRP A 13 -28.30 30.56 -8.70
CA TRP A 13 -28.46 31.82 -8.02
C TRP A 13 -27.06 32.21 -7.50
N PHE A 14 -26.48 33.26 -8.10
CA PHE A 14 -25.14 33.73 -7.75
C PHE A 14 -25.36 34.86 -6.78
N LEU A 15 -24.89 34.70 -5.57
CA LEU A 15 -25.13 35.73 -4.60
C LEU A 15 -24.38 37.04 -5.01
N THR A 16 -25.00 38.14 -4.63
CA THR A 16 -24.43 39.44 -4.81
C THR A 16 -23.20 39.56 -3.92
N LYS A 17 -22.33 40.55 -4.26
CA LYS A 17 -21.07 40.71 -3.55
C LYS A 17 -21.33 40.94 -2.08
N LYS A 18 -22.23 41.86 -1.80
CA LYS A 18 -22.59 42.19 -0.43
C LYS A 18 -23.13 40.95 0.28
N SER A 19 -24.01 40.20 -0.41
CA SER A 19 -24.60 39.02 0.21
C SER A 19 -23.60 37.91 0.33
N SER A 20 -22.84 37.68 -0.75
CA SER A 20 -21.80 36.66 -0.73
C SER A 20 -20.87 36.89 0.47
N GLU A 21 -20.47 38.12 0.68
CA GLU A 21 -19.56 38.39 1.77
C GLU A 21 -20.22 38.19 3.12
N THR A 22 -21.47 38.64 3.25
CA THR A 22 -22.22 38.38 4.48
C THR A 22 -22.26 36.89 4.82
N LEU A 23 -22.61 36.09 3.84
CA LEU A 23 -22.65 34.66 4.07
C LEU A 23 -21.29 34.05 4.32
N ARG A 24 -20.24 34.61 3.66
CA ARG A 24 -18.90 34.09 3.87
C ARG A 24 -18.47 34.34 5.31
N LYS A 25 -18.72 35.55 5.78
CA LYS A 25 -18.46 35.93 7.15
C LYS A 25 -19.21 34.98 8.09
N ALA A 26 -20.51 34.93 7.94
CA ALA A 26 -21.32 34.14 8.87
C ALA A 26 -20.84 32.68 8.87
N GLY A 27 -20.48 32.14 7.72
CA GLY A 27 -19.90 30.82 7.69
C GLY A 27 -18.68 30.67 8.60
N GLN A 28 -17.70 31.61 8.50
CA GLN A 28 -16.49 31.39 9.30
C GLN A 28 -16.77 31.51 10.78
N VAL A 29 -17.75 32.30 11.17
CA VAL A 29 -18.07 32.36 12.59
C VAL A 29 -18.58 31.01 13.07
N PHE A 30 -19.40 30.31 12.24
CA PHE A 30 -19.93 28.99 12.61
C PHE A 30 -18.79 28.00 12.79
N LEU A 31 -17.78 28.13 11.98
CA LEU A 31 -16.61 27.27 12.15
C LEU A 31 -15.75 27.72 13.34
N GLU A 32 -15.57 29.04 13.54
CA GLU A 32 -14.79 29.47 14.67
C GLU A 32 -15.44 28.98 15.94
N GLU A 33 -16.78 29.16 16.03
CA GLU A 33 -17.55 28.80 17.23
C GLU A 33 -17.74 27.28 17.38
N LEU A 34 -17.83 26.52 16.24
CA LEU A 34 -17.94 25.06 16.24
C LEU A 34 -16.64 24.39 16.66
N GLY A 35 -15.50 24.87 16.15
CA GLY A 35 -14.25 24.25 16.56
C GLY A 35 -13.93 24.41 18.01
N ASN A 36 -14.50 25.43 18.65
CA ASN A 36 -14.30 25.70 20.07
C ASN A 36 -15.46 25.21 20.97
N HIS A 37 -16.55 24.66 20.41
CA HIS A 37 -17.69 24.16 21.21
C HIS A 37 -17.35 22.79 21.81
N LYS A 38 -17.33 22.73 23.14
CA LYS A 38 -16.93 21.51 23.84
C LYS A 38 -17.69 20.29 23.32
N ALA A 39 -19.00 20.46 23.04
CA ALA A 39 -19.81 19.37 22.49
C ALA A 39 -19.21 18.79 21.21
N PHE A 40 -18.36 19.54 20.50
CA PHE A 40 -17.68 19.08 19.31
C PHE A 40 -16.30 18.50 19.58
N LYS A 41 -15.58 19.04 20.59
CA LYS A 41 -14.22 18.62 20.90
C LYS A 41 -14.14 17.20 21.40
N LYS A 42 -15.20 16.71 22.03
CA LYS A 42 -15.29 15.31 22.46
C LYS A 42 -15.48 14.38 21.26
N GLU A 43 -16.30 14.78 20.29
CA GLU A 43 -16.54 14.00 19.09
C GLU A 43 -15.62 14.52 17.99
N LEU A 44 -14.34 14.28 18.21
CA LEU A 44 -13.36 14.41 17.16
C LEU A 44 -12.85 13.08 16.66
N ARG A 45 -12.99 12.02 17.47
CA ARG A 45 -12.64 10.69 16.97
C ARG A 45 -13.45 10.41 15.70
N HIS A 46 -14.78 10.70 15.69
CA HIS A 46 -15.64 10.55 14.51
C HIS A 46 -15.69 11.79 13.62
N PHE A 47 -14.62 12.56 13.52
CA PHE A 47 -14.48 13.68 12.58
C PHE A 47 -13.10 13.71 11.93
N ILE A 48 -12.07 13.22 12.63
CA ILE A 48 -10.69 13.19 12.16
C ILE A 48 -10.03 11.98 12.81
N SER A 49 -8.94 11.53 12.20
CA SER A 49 -8.11 10.48 12.77
C SER A 49 -7.45 10.98 14.06
N GLU A 58 -8.65 23.54 14.38
CA GLU A 58 -9.01 24.71 13.65
C GLU A 58 -9.74 24.38 12.34
N LEU A 59 -11.03 24.79 12.31
CA LEU A 59 -11.92 24.43 11.20
C LEU A 59 -11.72 25.27 9.94
N VAL A 60 -11.56 26.59 10.05
CA VAL A 60 -11.39 27.39 8.83
C VAL A 60 -10.28 26.77 7.93
N SER A 61 -9.17 26.34 8.57
CA SER A 61 -8.07 25.73 7.83
C SER A 61 -8.46 24.33 7.30
N TYR A 62 -9.16 23.54 8.10
CA TYR A 62 -9.65 22.23 7.62
C TYR A 62 -10.46 22.39 6.35
N PHE A 63 -11.41 23.31 6.34
CA PHE A 63 -12.14 23.59 5.10
C PHE A 63 -11.40 24.67 4.30
N GLY A 64 -10.13 24.38 3.95
CA GLY A 64 -9.31 25.32 3.22
C GLY A 64 -9.60 25.47 1.74
N LYS A 65 -10.39 24.59 1.14
CA LYS A 65 -10.74 24.73 -0.26
C LYS A 65 -12.05 25.50 -0.28
N ARG A 66 -12.01 26.79 -0.52
CA ARG A 66 -13.23 27.57 -0.57
C ARG A 66 -13.47 28.06 -1.99
N PRO A 67 -14.71 28.35 -2.33
CA PRO A 67 -15.01 28.85 -3.70
C PRO A 67 -14.26 30.13 -3.89
N PRO A 68 -13.76 30.43 -5.09
CA PRO A 68 -12.92 31.61 -5.31
C PRO A 68 -13.66 32.87 -5.73
N GLY A 69 -14.99 32.89 -5.82
CA GLY A 69 -15.65 34.15 -6.15
C GLY A 69 -16.80 34.41 -5.23
N VAL A 70 -17.97 34.59 -5.84
CA VAL A 70 -19.18 34.75 -5.06
C VAL A 70 -19.81 33.39 -4.85
N LEU A 71 -20.44 33.26 -3.71
CA LEU A 71 -21.26 32.12 -3.40
C LEU A 71 -22.44 31.99 -4.37
N HIS A 72 -22.88 30.74 -4.56
CA HIS A 72 -24.01 30.56 -5.47
C HIS A 72 -24.73 29.28 -5.12
N CYS A 73 -26.01 29.21 -5.54
CA CYS A 73 -26.87 28.06 -5.34
C CYS A 73 -27.14 27.47 -6.73
N THR A 74 -26.53 26.35 -7.00
CA THR A 74 -26.65 25.73 -8.32
C THR A 74 -28.06 25.15 -8.49
N THR A 75 -28.57 25.29 -9.71
CA THR A 75 -29.80 24.61 -10.11
C THR A 75 -29.39 23.48 -11.03
N LYS A 76 -28.88 23.77 -12.22
CA LYS A 76 -28.72 22.72 -13.22
C LYS A 76 -27.35 22.80 -13.87
N PHE A 77 -26.54 21.78 -13.62
CA PHE A 77 -25.32 21.60 -14.37
C PHE A 77 -25.67 21.31 -15.81
N CYS A 78 -25.06 22.01 -16.77
CA CYS A 78 -25.41 21.86 -18.16
C CYS A 78 -24.30 21.46 -19.09
N ASP A 79 -23.06 21.63 -18.72
CA ASP A 79 -21.98 21.37 -19.69
C ASP A 79 -22.34 21.81 -21.10
N TYR A 80 -22.76 23.12 -21.25
CA TYR A 80 -22.97 23.76 -22.57
C TYR A 80 -23.95 22.97 -23.45
N GLY A 81 -25.03 22.50 -22.86
CA GLY A 81 -26.09 21.84 -23.55
C GLY A 81 -25.94 20.34 -23.61
N LYS A 82 -24.74 19.85 -23.34
CA LYS A 82 -24.44 18.42 -23.51
C LYS A 82 -24.59 17.62 -22.22
N ALA A 83 -24.98 18.28 -21.11
CA ALA A 83 -25.35 17.56 -19.91
C ALA A 83 -26.73 16.93 -20.05
N ALA A 84 -27.01 15.89 -19.23
CA ALA A 84 -28.31 15.18 -19.31
C ALA A 84 -29.43 16.13 -18.86
N GLY A 85 -30.50 16.23 -19.68
CA GLY A 85 -31.55 17.19 -19.43
C GLY A 85 -31.16 18.65 -19.56
N ALA A 86 -29.95 19.00 -20.00
CA ALA A 86 -29.57 20.41 -20.08
C ALA A 86 -30.53 21.16 -21.00
N GLU A 87 -30.74 20.67 -22.24
CA GLU A 87 -31.60 21.40 -23.18
C GLU A 87 -33.00 21.61 -22.60
N GLU A 88 -33.59 20.55 -22.02
CA GLU A 88 -34.96 20.60 -21.48
C GLU A 88 -35.12 21.62 -20.35
N TYR A 89 -34.18 21.67 -19.45
CA TYR A 89 -34.24 22.69 -18.40
C TYR A 89 -34.29 24.10 -19.04
N ALA A 90 -33.46 24.32 -20.07
CA ALA A 90 -33.33 25.64 -20.69
C ALA A 90 -34.61 26.02 -21.45
N GLN A 91 -35.30 25.03 -21.99
CA GLN A 91 -36.48 25.38 -22.77
C GLN A 91 -37.74 25.57 -21.90
N GLN A 92 -37.57 25.55 -20.57
CA GLN A 92 -38.66 25.86 -19.65
C GLN A 92 -38.97 27.34 -19.67
N GLU A 93 -40.25 27.68 -19.70
CA GLU A 93 -40.63 29.09 -19.77
C GLU A 93 -40.15 29.85 -18.53
N VAL A 94 -40.09 29.20 -17.36
CA VAL A 94 -39.62 29.91 -16.17
C VAL A 94 -38.13 30.23 -16.28
N VAL A 95 -37.36 29.33 -16.88
CA VAL A 95 -35.91 29.49 -16.96
C VAL A 95 -35.55 30.66 -17.89
N LYS A 96 -36.10 30.67 -19.10
CA LYS A 96 -35.71 31.69 -20.06
C LYS A 96 -36.29 33.05 -19.71
N ARG A 97 -37.35 33.08 -18.89
CA ARG A 97 -37.91 34.35 -18.44
C ARG A 97 -37.26 34.91 -17.17
N SER A 98 -36.88 34.07 -16.20
CA SER A 98 -36.27 34.58 -14.98
C SER A 98 -34.77 34.80 -15.13
N TYR A 99 -34.22 34.64 -16.33
CA TYR A 99 -32.79 34.87 -16.56
C TYR A 99 -32.46 36.37 -16.42
N GLY A 100 -31.48 36.65 -15.55
CA GLY A 100 -31.05 38.02 -15.26
C GLY A 100 -31.91 38.70 -14.22
N LYS A 101 -32.93 38.01 -13.69
CA LYS A 101 -33.75 38.54 -12.63
C LYS A 101 -33.08 38.14 -11.30
N ALA A 102 -33.39 38.95 -10.27
CA ALA A 102 -32.83 38.95 -8.94
C ALA A 102 -33.73 38.22 -8.00
N PHE A 103 -33.12 37.51 -7.05
CA PHE A 103 -33.91 36.69 -6.12
C PHE A 103 -33.51 36.99 -4.68
N LYS A 104 -34.28 36.42 -3.77
CA LYS A 104 -34.07 36.51 -2.33
C LYS A 104 -34.16 35.08 -1.82
N LEU A 105 -33.03 34.43 -1.59
CA LEU A 105 -33.06 33.08 -1.03
C LEU A 105 -33.09 33.09 0.52
N SER A 106 -33.73 32.07 1.11
CA SER A 106 -33.70 31.92 2.56
C SER A 106 -32.64 30.88 2.92
N ILE A 107 -31.79 31.20 3.92
CA ILE A 107 -30.82 30.27 4.47
C ILE A 107 -31.38 29.73 5.77
N SER A 108 -31.47 28.40 5.84
CA SER A 108 -32.18 27.66 6.86
C SER A 108 -31.31 27.23 8.01
N ALA A 109 -30.15 26.70 7.71
CA ALA A 109 -29.24 26.10 8.67
C ALA A 109 -27.85 26.09 8.02
N LEU A 110 -26.84 25.83 8.83
CA LEU A 110 -25.47 25.71 8.39
C LEU A 110 -24.97 24.38 8.91
N PHE A 111 -24.38 23.58 8.04
CA PHE A 111 -23.99 22.22 8.36
C PHE A 111 -22.50 22.06 8.23
N VAL A 112 -21.97 21.08 8.94
CA VAL A 112 -20.55 20.77 8.93
C VAL A 112 -20.40 19.27 9.00
N THR A 113 -19.79 18.66 7.95
CA THR A 113 -19.48 17.24 8.10
C THR A 113 -17.95 17.13 8.12
N PRO A 114 -17.38 15.93 8.29
CA PRO A 114 -15.93 15.78 8.16
C PRO A 114 -15.48 15.97 6.75
N LYS A 115 -16.40 16.23 5.83
CA LYS A 115 -16.03 16.44 4.44
C LYS A 115 -16.27 17.87 3.96
N THR A 116 -17.44 18.43 4.20
CA THR A 116 -17.79 19.71 3.62
C THR A 116 -18.57 20.51 4.64
N ALA A 117 -18.60 21.84 4.40
CA ALA A 117 -19.28 22.82 5.24
C ALA A 117 -20.09 23.73 4.34
N GLY A 118 -21.34 23.96 4.71
CA GLY A 118 -22.18 24.63 3.77
C GLY A 118 -23.41 25.19 4.41
N ALA A 119 -24.28 25.71 3.57
CA ALA A 119 -25.54 26.31 3.98
C ALA A 119 -26.68 25.67 3.20
N GLN A 120 -27.83 25.55 3.87
CA GLN A 120 -29.05 25.01 3.31
C GLN A 120 -29.99 26.11 2.87
N VAL A 121 -30.60 25.92 1.70
CA VAL A 121 -31.50 26.87 1.05
C VAL A 121 -32.90 26.29 1.05
N VAL A 122 -33.88 27.09 1.49
CA VAL A 122 -35.30 26.71 1.34
C VAL A 122 -35.92 27.56 0.23
N LEU A 123 -36.44 26.91 -0.79
CA LEU A 123 -36.91 27.60 -1.98
C LEU A 123 -38.39 27.87 -1.86
N THR A 124 -38.81 29.08 -2.18
CA THR A 124 -40.22 29.37 -2.40
C THR A 124 -40.79 28.52 -3.55
N ASP A 125 -42.13 28.32 -3.52
CA ASP A 125 -42.80 27.62 -4.62
C ASP A 125 -42.37 28.22 -5.98
N GLN A 126 -42.21 29.54 -6.07
CA GLN A 126 -41.82 30.10 -7.36
C GLN A 126 -40.38 29.74 -7.73
N GLU A 127 -39.45 29.83 -6.78
CA GLU A 127 -38.06 29.44 -6.98
C GLU A 127 -37.93 27.95 -7.26
N LEU A 128 -38.84 27.14 -6.70
CA LEU A 128 -38.82 25.71 -6.96
C LEU A 128 -39.15 25.38 -8.40
N GLN A 129 -39.88 26.25 -9.12
CA GLN A 129 -40.07 26.05 -10.55
C GLN A 129 -38.74 26.03 -11.30
N LEU A 130 -37.69 26.70 -10.78
CA LEU A 130 -36.35 26.66 -11.32
C LEU A 130 -35.51 25.47 -10.78
N TRP A 131 -36.07 24.66 -9.91
CA TRP A 131 -35.22 23.53 -9.53
C TRP A 131 -35.41 22.37 -10.51
N PRO A 132 -34.33 21.74 -11.04
CA PRO A 132 -34.56 20.58 -11.94
C PRO A 132 -34.90 19.27 -11.27
N SER A 139 -30.96 6.29 -3.04
CA SER A 139 -30.10 6.93 -2.04
C SER A 139 -30.85 8.15 -1.49
N ALA A 140 -30.29 9.34 -1.76
CA ALA A 140 -30.96 10.60 -1.47
C ALA A 140 -31.88 10.99 -2.60
N SER A 141 -31.89 10.20 -3.67
CA SER A 141 -32.77 10.42 -4.79
C SER A 141 -34.23 10.15 -4.41
N GLU A 142 -34.49 9.74 -3.16
CA GLU A 142 -35.81 9.25 -2.75
C GLU A 142 -36.18 9.71 -1.36
N GLY A 143 -37.50 9.83 -1.15
CA GLY A 143 -38.15 10.27 0.09
C GLY A 143 -38.37 11.74 0.45
N LEU A 144 -37.42 12.63 0.07
CA LEU A 144 -37.41 14.04 0.49
C LEU A 144 -38.15 14.95 -0.50
N PRO A 145 -38.67 16.09 0.00
CA PRO A 145 -39.37 17.05 -0.89
C PRO A 145 -38.43 17.76 -1.83
N PRO A 146 -38.92 18.17 -3.01
CA PRO A 146 -38.05 18.74 -4.03
C PRO A 146 -37.32 19.99 -3.56
N GLY A 147 -36.12 20.18 -4.11
CA GLY A 147 -35.22 21.28 -3.76
C GLY A 147 -34.47 21.09 -2.47
N SER A 148 -34.66 19.92 -1.78
CA SER A 148 -34.03 19.60 -0.50
C SER A 148 -32.50 19.67 -0.59
N ARG A 149 -31.94 19.39 -1.79
CA ARG A 149 -30.49 19.40 -2.02
C ARG A 149 -29.95 20.81 -2.10
N ALA A 150 -30.83 21.81 -2.26
CA ALA A 150 -30.42 23.18 -2.55
C ALA A 150 -29.50 23.72 -1.46
N HIS A 151 -28.31 24.19 -1.86
CA HIS A 151 -27.35 24.58 -0.82
C HIS A 151 -26.45 25.74 -1.27
N VAL A 152 -25.46 26.05 -0.44
CA VAL A 152 -24.35 26.94 -0.83
C VAL A 152 -23.10 26.36 -0.17
N THR A 153 -22.13 25.95 -0.98
CA THR A 153 -20.94 25.33 -0.43
C THR A 153 -20.10 26.42 0.20
N LEU A 154 -19.64 26.15 1.42
CA LEU A 154 -18.76 27.13 2.07
C LEU A 154 -17.34 26.64 2.22
N GLY A 155 -17.06 25.33 2.26
CA GLY A 155 -15.70 24.83 2.37
C GLY A 155 -15.63 23.34 2.04
N CYS A 156 -14.40 22.85 1.81
CA CYS A 156 -14.21 21.42 1.57
C CYS A 156 -12.90 20.96 2.18
N ALA A 157 -12.92 19.73 2.66
CA ALA A 157 -11.71 19.06 3.10
C ALA A 157 -10.73 19.00 1.94
N ALA A 158 -9.44 18.85 2.24
CA ALA A 158 -8.46 18.95 1.15
C ALA A 158 -8.75 18.00 -0.03
N ASP A 159 -9.15 16.74 0.24
CA ASP A 159 -9.30 15.74 -0.81
C ASP A 159 -10.75 15.55 -1.25
N VAL A 160 -11.67 16.36 -0.77
CA VAL A 160 -13.09 16.24 -1.13
C VAL A 160 -13.52 17.24 -2.21
N GLN A 161 -14.24 16.75 -3.24
CA GLN A 161 -14.73 17.62 -4.31
C GLN A 161 -16.03 18.30 -3.89
N PRO A 162 -16.30 19.51 -4.35
CA PRO A 162 -17.45 20.22 -3.77
C PRO A 162 -18.81 19.55 -3.99
N VAL A 163 -19.05 18.81 -5.06
CA VAL A 163 -20.43 18.29 -5.24
C VAL A 163 -20.87 17.46 -4.03
N GLN A 164 -19.91 17.00 -3.24
CA GLN A 164 -20.22 16.33 -1.99
C GLN A 164 -21.18 17.13 -1.12
N THR A 165 -21.12 18.47 -1.13
CA THR A 165 -21.93 19.24 -0.18
C THR A 165 -23.43 18.91 -0.32
N GLY A 166 -23.92 18.77 -1.56
CA GLY A 166 -25.34 18.56 -1.75
C GLY A 166 -25.83 17.26 -1.11
N LEU A 167 -24.96 16.22 -1.15
CA LEU A 167 -25.30 14.91 -0.63
C LEU A 167 -25.19 14.86 0.87
N ASP A 168 -24.30 15.66 1.50
CA ASP A 168 -24.30 15.67 2.96
C ASP A 168 -25.56 16.32 3.51
N LEU A 169 -25.91 17.48 2.92
CA LEU A 169 -27.20 18.10 3.26
C LEU A 169 -28.38 17.11 3.12
N LEU A 170 -28.44 16.38 2.01
CA LEU A 170 -29.48 15.37 1.89
C LEU A 170 -29.32 14.33 2.99
N ASP A 171 -28.06 13.88 3.23
CA ASP A 171 -27.83 12.89 4.28
C ASP A 171 -28.35 13.36 5.64
N ILE A 172 -28.13 14.64 5.94
CA ILE A 172 -28.68 15.17 7.18
C ILE A 172 -30.22 15.16 7.17
N LEU A 173 -30.87 15.58 6.06
CA LEU A 173 -32.33 15.67 5.99
C LEU A 173 -32.99 14.28 6.01
N GLN A 174 -32.33 13.27 5.45
CA GLN A 174 -32.79 11.91 5.60
C GLN A 174 -32.68 11.47 7.06
N GLN A 175 -31.84 12.18 7.84
CA GLN A 175 -31.70 11.90 9.27
C GLN A 175 -32.73 12.64 10.13
N VAL A 176 -32.86 13.95 9.93
CA VAL A 176 -33.83 14.73 10.71
C VAL A 176 -35.24 14.24 10.41
N LYS A 177 -35.55 14.02 9.12
CA LYS A 177 -36.82 13.40 8.76
C LYS A 177 -36.85 11.98 9.29
N GLY A 178 -35.70 11.31 9.32
CA GLY A 178 -35.73 9.96 9.86
C GLY A 178 -36.15 9.88 11.32
N GLY A 179 -35.91 10.95 12.09
CA GLY A 179 -36.12 10.96 13.54
C GLY A 179 -34.82 11.00 14.32
N SER A 180 -33.70 10.63 13.68
CA SER A 180 -32.36 10.66 14.26
C SER A 180 -31.83 12.09 14.29
N GLN A 181 -32.74 13.06 14.37
CA GLN A 181 -32.33 14.46 14.47
C GLN A 181 -31.44 14.68 15.70
N GLY A 182 -31.77 14.01 16.80
CA GLY A 182 -31.06 14.13 18.05
C GLY A 182 -31.25 15.48 18.72
N GLU A 183 -31.58 15.47 20.01
CA GLU A 183 -31.89 16.68 20.75
C GLU A 183 -30.73 17.67 20.66
N ALA A 184 -30.98 18.87 21.20
CA ALA A 184 -29.97 19.93 21.11
C ALA A 184 -28.82 19.63 22.05
N VAL A 185 -27.60 19.83 21.55
CA VAL A 185 -26.42 19.64 22.38
C VAL A 185 -25.72 20.97 22.69
N GLY A 186 -25.98 22.03 21.94
CA GLY A 186 -25.29 23.28 22.16
C GLY A 186 -26.12 24.48 21.76
N GLU A 187 -26.01 25.58 22.47
CA GLU A 187 -26.66 26.83 22.11
C GLU A 187 -25.62 27.78 21.55
N LEU A 188 -25.71 28.06 20.25
CA LEU A 188 -24.94 29.11 19.61
C LEU A 188 -25.74 30.41 19.59
N PRO A 189 -25.08 31.53 19.27
CA PRO A 189 -25.80 32.82 19.29
C PRO A 189 -26.87 32.98 18.21
N ARG A 190 -26.64 32.43 17.02
CA ARG A 190 -27.59 32.53 15.90
C ARG A 190 -28.60 31.39 15.88
N GLY A 191 -28.34 30.31 16.59
CA GLY A 191 -29.33 29.26 16.75
C GLY A 191 -28.80 28.11 17.58
N LYS A 192 -29.64 27.06 17.68
CA LYS A 192 -29.33 25.85 18.43
C LYS A 192 -28.50 24.87 17.59
N LEU A 193 -27.49 24.27 18.19
CA LEU A 193 -26.61 23.35 17.49
C LEU A 193 -26.98 21.90 17.83
N TYR A 194 -27.20 21.08 16.80
CA TYR A 194 -27.42 19.65 16.91
C TYR A 194 -26.26 18.80 16.35
N SER A 195 -26.12 17.56 16.87
CA SER A 195 -25.09 16.59 16.49
C SER A 195 -25.74 15.28 16.02
N LEU A 196 -25.63 14.96 14.72
CA LEU A 196 -26.33 13.81 14.16
C LEU A 196 -25.45 12.55 14.15
N GLY A 197 -24.21 12.69 14.60
CA GLY A 197 -23.36 11.56 14.83
C GLY A 197 -22.10 11.62 14.04
N LYS A 198 -22.04 10.81 12.98
CA LYS A 198 -20.77 10.55 12.30
C LYS A 198 -20.12 11.83 11.85
N GLY A 199 -19.69 12.65 12.83
CA GLY A 199 -19.06 13.94 12.58
C GLY A 199 -19.91 14.96 11.89
N ARG A 200 -21.23 14.79 11.87
CA ARG A 200 -22.13 15.74 11.21
C ARG A 200 -22.75 16.70 12.25
N TRP A 201 -22.69 18.03 11.95
CA TRP A 201 -23.15 19.10 12.85
C TRP A 201 -24.12 20.01 12.11
N MET A 202 -25.14 20.52 12.81
CA MET A 202 -26.12 21.37 12.14
C MET A 202 -26.56 22.52 13.04
N LEU A 203 -26.54 23.76 12.47
CA LEU A 203 -26.97 24.98 13.16
C LEU A 203 -28.27 25.53 12.55
N SER A 204 -29.41 25.22 13.19
CA SER A 204 -30.72 25.69 12.72
C SER A 204 -30.95 27.14 13.20
N LEU A 205 -31.00 28.08 12.24
CA LEU A 205 -30.96 29.51 12.54
C LEU A 205 -32.21 29.99 13.26
N THR A 206 -32.02 30.76 14.34
CA THR A 206 -33.16 31.35 15.04
C THR A 206 -33.91 32.30 14.13
N LYS A 207 -33.19 33.04 13.31
CA LYS A 207 -33.77 33.88 12.28
C LYS A 207 -33.12 33.42 10.99
N LYS A 208 -33.96 33.05 10.04
CA LYS A 208 -33.46 32.64 8.74
C LYS A 208 -32.70 33.81 8.10
N MET A 209 -31.63 33.48 7.45
CA MET A 209 -30.80 34.48 6.76
C MET A 209 -31.29 34.62 5.33
N GLU A 210 -31.88 35.80 5.02
CA GLU A 210 -32.23 36.21 3.67
C GLU A 210 -31.03 36.79 2.92
N VAL A 211 -30.69 36.22 1.78
CA VAL A 211 -29.49 36.54 1.01
C VAL A 211 -29.89 36.86 -0.42
N LYS A 212 -29.34 37.87 -0.98
CA LYS A 212 -29.79 38.36 -2.28
C LYS A 212 -29.01 37.59 -3.34
N ALA A 213 -29.61 37.33 -4.48
CA ALA A 213 -28.82 36.71 -5.52
C ALA A 213 -29.48 36.97 -6.84
N ILE A 214 -28.75 36.65 -7.89
CA ILE A 214 -29.22 36.77 -9.28
C ILE A 214 -29.22 35.37 -9.96
N PHE A 215 -30.27 35.15 -10.75
CA PHE A 215 -30.39 33.91 -11.50
C PHE A 215 -29.81 34.10 -12.89
N THR A 216 -28.78 33.35 -13.23
CA THR A 216 -28.04 33.59 -14.46
C THR A 216 -27.16 32.38 -14.76
N GLY A 217 -26.45 32.44 -15.89
CA GLY A 217 -25.52 31.42 -16.29
C GLY A 217 -24.07 31.76 -16.01
N TYR A 218 -23.28 30.75 -15.70
CA TYR A 218 -21.84 30.83 -15.52
C TYR A 218 -21.12 30.45 -16.80
N TYR A 219 -20.25 31.29 -17.26
CA TYR A 219 -19.48 31.05 -18.47
C TYR A 219 -17.99 31.22 -18.23
N GLY A 220 -17.26 30.11 -18.42
CA GLY A 220 -15.81 30.09 -18.40
C GLY A 220 -15.19 30.66 -17.14
N VAL B 2 -4.22 18.77 -31.15
CA VAL B 2 -4.82 18.47 -29.84
C VAL B 2 -4.82 16.95 -29.58
N GLN B 3 -3.83 16.45 -28.84
CA GLN B 3 -3.58 15.02 -28.81
C GLN B 3 -3.15 14.58 -27.43
N LEU B 4 -3.77 13.50 -26.96
CA LEU B 4 -3.43 12.88 -25.70
C LEU B 4 -2.98 11.45 -26.03
N GLU B 5 -1.71 11.16 -25.83
CA GLU B 5 -1.22 9.81 -26.12
C GLU B 5 -0.79 9.15 -24.81
N GLU B 6 -1.61 8.17 -24.35
CA GLU B 6 -1.23 7.35 -23.21
C GLU B 6 -0.08 6.42 -23.58
N SER B 7 0.45 5.73 -22.60
CA SER B 7 1.54 4.79 -22.79
C SER B 7 1.88 4.24 -21.42
N GLY B 8 2.61 3.10 -21.44
CA GLY B 8 3.09 2.51 -20.21
C GLY B 8 2.23 1.41 -19.65
N GLY B 9 1.11 1.07 -20.32
CA GLY B 9 0.32 -0.07 -19.92
C GLY B 9 0.88 -1.40 -20.44
N GLY B 10 0.24 -2.50 -20.03
CA GLY B 10 0.63 -3.85 -20.42
C GLY B 10 0.34 -4.83 -19.29
N LEU B 11 1.02 -5.96 -19.33
CA LEU B 11 0.81 -6.98 -18.30
C LEU B 11 1.63 -6.74 -17.03
N VAL B 12 1.04 -7.17 -15.91
CA VAL B 12 1.63 -7.09 -14.59
C VAL B 12 0.93 -8.10 -13.70
N GLN B 13 1.69 -8.75 -12.83
CA GLN B 13 1.08 -9.72 -11.94
C GLN B 13 0.40 -9.03 -10.78
N PRO B 14 -0.50 -9.73 -10.09
CA PRO B 14 -1.17 -9.12 -8.93
C PRO B 14 -0.18 -8.64 -7.87
N GLY B 15 -0.42 -7.43 -7.37
CA GLY B 15 0.46 -6.78 -6.45
C GLY B 15 1.48 -5.90 -7.14
N GLY B 16 1.80 -6.19 -8.39
CA GLY B 16 2.68 -5.38 -9.20
C GLY B 16 2.27 -3.93 -9.34
N SER B 17 3.08 -3.22 -10.08
CA SER B 17 2.86 -1.79 -10.22
C SER B 17 3.16 -1.37 -11.64
N LEU B 18 2.49 -0.29 -12.02
CA LEU B 18 2.61 0.29 -13.32
C LEU B 18 2.48 1.78 -13.14
N ARG B 19 3.15 2.51 -14.02
CA ARG B 19 3.07 3.96 -14.08
C ARG B 19 2.62 4.34 -15.50
N LEU B 20 1.40 4.79 -15.62
CA LEU B 20 0.97 5.26 -16.93
C LEU B 20 1.39 6.73 -17.15
N SER B 21 1.37 7.13 -18.41
CA SER B 21 1.79 8.48 -18.77
C SER B 21 1.04 8.90 -20.02
N CYS B 22 0.56 10.13 -20.00
CA CYS B 22 -0.04 10.77 -21.16
C CYS B 22 0.80 11.97 -21.57
N ALA B 23 1.14 12.06 -22.84
CA ALA B 23 1.81 13.22 -23.39
C ALA B 23 0.76 14.11 -24.01
N VAL B 24 0.36 15.11 -23.28
CA VAL B 24 -0.63 16.08 -23.71
C VAL B 24 0.02 17.00 -24.73
N SER B 25 -0.70 17.31 -25.79
CA SER B 25 -0.15 18.13 -26.87
C SER B 25 -1.25 19.01 -27.44
N GLY B 26 -0.85 20.19 -27.90
CA GLY B 26 -1.80 21.21 -28.34
C GLY B 26 -2.65 21.85 -27.26
N ILE B 27 -2.61 21.33 -26.04
CA ILE B 27 -3.34 21.82 -24.87
C ILE B 27 -2.29 21.90 -23.77
N THR B 28 -2.56 22.68 -22.77
CA THR B 28 -1.58 22.93 -21.73
C THR B 28 -2.15 22.55 -20.37
N LEU B 29 -1.30 22.06 -19.51
CA LEU B 29 -1.87 21.63 -18.24
C LEU B 29 -2.14 22.81 -17.32
N ASP B 30 -1.78 24.01 -17.72
CA ASP B 30 -2.16 25.18 -16.94
C ASP B 30 -3.59 25.60 -17.18
N ASP B 31 -4.18 25.23 -18.29
CA ASP B 31 -5.58 25.56 -18.53
C ASP B 31 -6.53 24.37 -18.38
N PHE B 32 -6.01 23.12 -18.47
CA PHE B 32 -6.85 21.93 -18.48
C PHE B 32 -6.62 21.01 -17.30
N GLY B 33 -7.68 20.62 -16.66
CA GLY B 33 -7.62 19.51 -15.75
C GLY B 33 -7.65 18.18 -16.52
N ILE B 34 -7.06 17.17 -15.91
CA ILE B 34 -6.94 15.84 -16.49
C ILE B 34 -7.62 14.80 -15.61
N GLY B 35 -8.45 13.97 -16.23
CA GLY B 35 -9.02 12.82 -15.51
C GLY B 35 -8.42 11.58 -16.13
N TRP B 36 -7.93 10.67 -15.31
CA TRP B 36 -7.61 9.34 -15.82
C TRP B 36 -8.82 8.40 -15.63
N PHE B 37 -9.25 7.76 -16.70
CA PHE B 37 -10.42 6.86 -16.66
C PHE B 37 -10.07 5.41 -16.97
N ARG B 38 -10.87 4.52 -16.43
CA ARG B 38 -10.70 3.09 -16.73
C ARG B 38 -11.93 2.56 -17.41
N GLN B 39 -11.74 1.85 -18.51
CA GLN B 39 -12.85 1.12 -19.13
C GLN B 39 -12.47 -0.36 -19.15
N ALA B 40 -13.16 -1.13 -18.34
CA ALA B 40 -13.14 -2.58 -18.25
C ALA B 40 -14.22 -3.15 -19.14
N PRO B 41 -14.05 -4.44 -19.53
CA PRO B 41 -14.98 -5.07 -20.49
C PRO B 41 -16.39 -4.98 -19.98
N GLY B 42 -17.31 -4.42 -20.79
CA GLY B 42 -18.67 -4.34 -20.38
C GLY B 42 -19.03 -3.32 -19.36
N LYS B 43 -18.12 -2.88 -18.55
CA LYS B 43 -18.44 -1.74 -17.71
C LYS B 43 -18.50 -0.44 -18.52
N GLU B 44 -18.80 0.64 -17.81
CA GLU B 44 -18.77 2.00 -18.32
C GLU B 44 -17.54 2.75 -17.82
N ARG B 45 -17.19 3.87 -18.47
CA ARG B 45 -15.96 4.60 -18.06
C ARG B 45 -16.08 5.10 -16.64
N GLU B 46 -15.14 4.71 -15.80
CA GLU B 46 -15.26 5.09 -14.41
C GLU B 46 -13.95 5.75 -13.99
N GLY B 47 -14.10 6.88 -13.32
CA GLY B 47 -12.96 7.71 -13.09
C GLY B 47 -12.16 7.14 -11.97
N VAL B 48 -10.85 7.23 -12.12
CA VAL B 48 -9.87 6.71 -11.17
C VAL B 48 -9.16 7.84 -10.41
N ALA B 49 -8.80 8.92 -11.12
CA ALA B 49 -8.14 10.08 -10.54
C ALA B 49 -8.22 11.38 -11.46
N CYS B 50 -8.02 12.51 -10.82
CA CYS B 50 -8.22 13.78 -11.51
C CYS B 50 -7.32 14.81 -10.87
N ILE B 51 -6.78 15.64 -11.72
CA ILE B 51 -5.92 16.78 -11.30
C ILE B 51 -6.34 17.99 -12.07
N SER B 52 -6.80 18.97 -11.36
CA SER B 52 -7.09 20.26 -12.02
C SER B 52 -5.89 21.22 -11.95
N PRO B 53 -5.89 22.25 -12.78
CA PRO B 53 -4.77 23.21 -12.74
C PRO B 53 -4.68 24.00 -11.44
N GLY B 54 -5.77 24.18 -10.69
CA GLY B 54 -5.70 24.93 -9.43
C GLY B 54 -4.89 24.33 -8.28
N TYR B 55 -4.18 23.24 -8.55
CA TYR B 55 -3.29 22.51 -7.64
C TYR B 55 -3.86 21.99 -6.33
N GLU B 56 -4.94 22.58 -5.82
CA GLU B 56 -5.59 22.04 -4.64
C GLU B 56 -6.74 21.10 -5.01
N HIS B 57 -6.84 20.71 -6.28
CA HIS B 57 -7.85 19.78 -6.79
C HIS B 57 -7.23 18.50 -7.33
N ILE B 58 -6.75 17.65 -6.46
CA ILE B 58 -6.29 16.33 -6.82
C ILE B 58 -7.15 15.35 -6.06
N TYR B 59 -7.94 14.56 -6.82
CA TYR B 59 -8.98 13.63 -6.35
C TYR B 59 -8.65 12.25 -6.81
N TYR B 60 -9.16 11.28 -6.05
CA TYR B 60 -9.00 9.85 -6.32
C TYR B 60 -10.31 9.12 -6.10
N ALA B 61 -10.59 8.12 -6.95
CA ALA B 61 -11.72 7.21 -6.68
C ALA B 61 -11.43 6.36 -5.46
N ASP B 62 -12.47 6.07 -4.70
CA ASP B 62 -12.28 5.26 -3.50
C ASP B 62 -11.53 3.97 -3.76
N SER B 63 -11.75 3.31 -4.90
CA SER B 63 -10.98 2.08 -5.16
C SER B 63 -9.48 2.37 -5.08
N ALA B 64 -9.01 3.41 -5.78
CA ALA B 64 -7.58 3.71 -5.84
C ALA B 64 -7.20 4.87 -4.99
N LYS B 65 -7.87 5.09 -3.88
CA LYS B 65 -7.61 6.32 -3.15
C LYS B 65 -6.17 6.35 -2.65
N GLY B 66 -5.63 5.20 -2.20
CA GLY B 66 -4.27 5.25 -1.67
C GLY B 66 -3.20 4.53 -2.46
N ARG B 67 -3.58 3.72 -3.41
CA ARG B 67 -2.64 2.93 -4.22
C ARG B 67 -2.11 3.72 -5.41
N PHE B 68 -2.91 4.63 -5.94
CA PHE B 68 -2.56 5.35 -7.15
C PHE B 68 -2.16 6.76 -6.76
N THR B 69 -1.33 7.37 -7.59
CA THR B 69 -0.90 8.76 -7.43
C THR B 69 -0.85 9.41 -8.80
N ILE B 70 -1.57 10.49 -8.94
CA ILE B 70 -1.55 11.28 -10.16
C ILE B 70 -0.68 12.52 -9.93
N SER B 71 0.02 12.95 -10.96
CA SER B 71 0.93 14.08 -10.89
C SER B 71 1.19 14.61 -12.30
N ARG B 72 1.85 15.76 -12.38
CA ARG B 72 2.15 16.35 -13.69
C ARG B 72 3.58 16.83 -13.62
N ASP B 73 4.23 16.88 -14.78
CA ASP B 73 5.49 17.64 -14.93
C ASP B 73 5.16 18.71 -15.99
N ASN B 74 4.62 19.85 -15.55
CA ASN B 74 4.14 20.85 -16.49
C ASN B 74 5.23 21.29 -17.45
N ALA B 75 6.50 21.13 -17.06
CA ALA B 75 7.62 21.40 -17.97
C ALA B 75 7.56 20.50 -19.19
N LYS B 76 7.19 19.22 -18.99
CA LYS B 76 7.05 18.25 -20.07
C LYS B 76 5.60 18.10 -20.55
N ASN B 77 4.63 18.88 -20.00
CA ASN B 77 3.19 18.78 -20.26
C ASN B 77 2.85 17.30 -20.46
N THR B 78 3.13 16.52 -19.45
CA THR B 78 2.80 15.12 -19.38
C THR B 78 2.31 14.89 -17.97
N VAL B 79 1.23 14.11 -17.88
CA VAL B 79 0.61 13.71 -16.63
C VAL B 79 0.95 12.24 -16.42
N TYR B 80 0.99 11.84 -15.16
CA TYR B 80 1.43 10.52 -14.75
C TYR B 80 0.35 9.87 -13.87
N LEU B 81 0.32 8.52 -13.88
CA LEU B 81 -0.58 7.81 -12.98
C LEU B 81 0.15 6.58 -12.44
N GLN B 82 0.63 6.71 -11.20
CA GLN B 82 1.36 5.63 -10.53
C GLN B 82 0.39 4.67 -9.85
N MET B 83 0.35 3.43 -10.31
CA MET B 83 -0.54 2.45 -9.74
C MET B 83 0.24 1.39 -8.97
N ASN B 84 -0.08 1.27 -7.68
CA ASN B 84 0.61 0.36 -6.79
C ASN B 84 -0.36 -0.72 -6.30
N ASN B 85 0.20 -1.93 -6.12
CA ASN B 85 -0.50 -3.11 -5.62
C ASN B 85 -1.72 -3.41 -6.49
N LEU B 86 -1.43 -3.58 -7.76
CA LEU B 86 -2.47 -3.78 -8.74
C LEU B 86 -3.11 -5.17 -8.65
N LYS B 87 -4.39 -5.23 -8.90
CA LYS B 87 -5.16 -6.44 -8.84
C LYS B 87 -5.86 -6.67 -10.17
N PRO B 88 -6.25 -7.92 -10.44
CA PRO B 88 -7.02 -8.19 -11.66
C PRO B 88 -8.26 -7.29 -11.82
N TRP B 89 -8.86 -6.83 -10.72
CA TRP B 89 -10.01 -5.98 -10.94
C TRP B 89 -9.63 -4.61 -11.50
N ASP B 90 -8.33 -4.25 -11.62
CA ASP B 90 -7.97 -3.02 -12.31
C ASP B 90 -7.78 -3.24 -13.80
N THR B 91 -7.71 -4.49 -14.23
CA THR B 91 -7.64 -4.75 -15.66
C THR B 91 -8.66 -3.90 -16.41
N GLY B 92 -8.22 -3.29 -17.49
CA GLY B 92 -9.09 -2.43 -18.25
C GLY B 92 -8.27 -1.68 -19.25
N VAL B 93 -8.94 -0.86 -20.04
CA VAL B 93 -8.20 0.15 -20.78
C VAL B 93 -8.25 1.42 -19.97
N TYR B 94 -7.08 1.99 -19.66
CA TYR B 94 -6.98 3.25 -18.93
C TYR B 94 -6.82 4.35 -19.95
N TYR B 95 -7.84 5.19 -20.06
CA TYR B 95 -7.82 6.39 -20.89
C TYR B 95 -7.56 7.67 -20.09
N CYS B 96 -7.07 8.68 -20.81
CA CYS B 96 -6.74 9.98 -20.25
C CYS B 96 -7.61 11.07 -20.88
N ALA B 97 -8.23 11.88 -20.04
CA ALA B 97 -9.17 12.86 -20.55
C ALA B 97 -8.79 14.28 -20.07
N ALA B 98 -9.14 15.26 -20.88
CA ALA B 98 -8.79 16.65 -20.60
C ALA B 98 -10.09 17.48 -20.68
N ASP B 99 -10.19 18.44 -19.76
CA ASP B 99 -11.43 19.19 -19.58
C ASP B 99 -11.06 20.58 -19.17
N ASN B 100 -11.42 21.56 -20.02
CA ASN B 100 -11.11 22.95 -19.65
C ASN B 100 -12.01 23.47 -18.51
N ASP B 101 -13.14 22.80 -18.16
CA ASP B 101 -14.00 23.27 -17.08
C ASP B 101 -13.71 22.64 -15.76
N LEU B 102 -12.62 22.11 -15.60
CA LEU B 102 -12.07 21.77 -14.25
C LEU B 102 -11.21 22.91 -13.70
N PRO B 103 -11.34 23.34 -12.46
CA PRO B 103 -12.25 22.87 -11.44
C PRO B 103 -13.55 23.60 -11.52
N ASP B 104 -13.77 24.50 -12.49
CA ASP B 104 -14.94 25.36 -12.42
C ASP B 104 -16.22 24.53 -12.16
N ARG B 105 -16.42 23.43 -12.92
CA ARG B 105 -17.71 22.72 -12.81
C ARG B 105 -17.86 22.04 -11.45
N LEU B 106 -16.76 21.65 -10.83
CA LEU B 106 -16.89 21.07 -9.50
C LEU B 106 -17.77 21.95 -8.63
N TRP B 107 -17.67 23.27 -8.76
CA TRP B 107 -18.39 24.08 -7.80
C TRP B 107 -19.80 24.30 -8.27
N GLY B 108 -20.13 23.84 -9.51
CA GLY B 108 -21.47 23.97 -10.09
C GLY B 108 -22.22 22.67 -10.42
N GLY B 109 -22.18 21.70 -9.52
CA GLY B 109 -23.03 20.51 -9.64
C GLY B 109 -22.46 19.30 -10.37
N SER B 110 -21.26 19.39 -10.92
CA SER B 110 -20.66 18.27 -11.63
C SER B 110 -19.72 17.53 -10.69
N ASP B 111 -19.50 16.21 -10.98
CA ASP B 111 -18.61 15.27 -10.25
C ASP B 111 -17.39 15.08 -11.11
N TRP B 112 -16.23 15.01 -10.48
CA TRP B 112 -14.99 14.97 -11.29
C TRP B 112 -14.94 13.72 -12.15
N SER B 113 -15.56 12.63 -11.69
CA SER B 113 -15.52 11.30 -12.29
C SER B 113 -16.59 11.10 -13.34
N ASP B 114 -17.55 11.98 -13.46
CA ASP B 114 -18.42 11.92 -14.65
C ASP B 114 -17.58 12.18 -15.92
N PRO B 115 -17.52 11.24 -16.86
CA PRO B 115 -16.65 11.41 -18.04
C PRO B 115 -17.25 12.22 -19.17
N SER B 116 -18.56 12.50 -19.08
CA SER B 116 -19.21 13.20 -20.19
C SER B 116 -18.66 14.61 -20.32
N PRO B 117 -18.60 15.40 -19.25
CA PRO B 117 -18.12 16.81 -19.40
C PRO B 117 -16.75 16.95 -20.05
N TYR B 118 -15.91 15.91 -20.07
CA TYR B 118 -14.59 16.11 -20.63
C TYR B 118 -14.69 16.49 -22.12
N ASP B 119 -13.59 16.98 -22.65
CA ASP B 119 -13.60 17.64 -23.93
C ASP B 119 -12.78 16.89 -24.93
N TYR B 120 -11.70 16.23 -24.48
CA TYR B 120 -10.80 15.48 -25.32
C TYR B 120 -10.37 14.20 -24.60
N TRP B 121 -10.32 13.09 -25.36
CA TRP B 121 -9.99 11.76 -24.86
C TRP B 121 -8.74 11.25 -25.57
N GLY B 122 -7.88 10.57 -24.83
CA GLY B 122 -6.74 9.86 -25.39
C GLY B 122 -7.18 8.56 -26.05
N GLN B 123 -6.18 7.78 -26.49
CA GLN B 123 -6.37 6.53 -27.24
C GLN B 123 -6.43 5.25 -26.38
N GLY B 124 -6.08 5.30 -25.11
CA GLY B 124 -6.19 4.18 -24.24
C GLY B 124 -4.95 3.31 -24.29
N THR B 125 -4.36 3.02 -23.13
CA THR B 125 -3.25 2.07 -23.02
C THR B 125 -3.86 0.89 -22.27
N GLN B 126 -3.66 -0.33 -22.81
CA GLN B 126 -4.28 -1.55 -22.28
C GLN B 126 -3.52 -1.99 -21.05
N VAL B 127 -4.22 -2.14 -19.93
CA VAL B 127 -3.65 -2.67 -18.70
C VAL B 127 -4.27 -4.03 -18.35
N THR B 128 -3.43 -4.99 -17.93
CA THR B 128 -3.91 -6.30 -17.56
C THR B 128 -3.17 -6.88 -16.37
N VAL B 129 -3.91 -7.23 -15.34
CA VAL B 129 -3.38 -7.89 -14.14
C VAL B 129 -3.80 -9.36 -14.18
N SER B 130 -2.83 -10.27 -14.40
CA SER B 130 -3.13 -11.65 -14.78
C SER B 130 -4.13 -12.34 -13.89
N SER B 131 -4.55 -13.55 -14.24
CA SER B 131 -5.54 -14.27 -13.44
C SER B 131 -6.81 -13.44 -13.32
N LYS C 4 33.88 -27.18 21.12
CA LYS C 4 33.19 -26.04 20.54
C LYS C 4 32.27 -26.28 19.42
N ASP C 5 32.76 -26.94 18.35
CA ASP C 5 31.81 -27.37 17.32
C ASP C 5 30.79 -28.38 17.82
N PHE C 6 30.94 -28.87 19.04
CA PHE C 6 29.94 -29.72 19.62
C PHE C 6 28.85 -28.94 20.31
N LEU C 7 28.82 -27.61 20.14
CA LEU C 7 27.82 -26.84 20.84
C LEU C 7 26.45 -27.05 20.20
N PRO C 8 25.40 -26.66 20.90
CA PRO C 8 24.04 -26.79 20.39
C PRO C 8 23.63 -25.62 19.53
N LEU C 9 22.51 -25.76 18.84
CA LEU C 9 21.89 -24.59 18.30
C LEU C 9 21.70 -23.55 19.40
N TYR C 10 21.22 -23.96 20.59
CA TYR C 10 21.11 -23.02 21.71
C TYR C 10 20.96 -23.77 23.00
N PHE C 11 21.19 -23.06 24.09
CA PHE C 11 21.02 -23.52 25.47
C PHE C 11 19.75 -22.90 26.06
N GLY C 12 19.21 -23.54 27.11
CA GLY C 12 18.06 -22.98 27.80
C GLY C 12 17.64 -23.81 28.99
N TRP C 13 16.68 -23.26 29.72
CA TRP C 13 15.97 -24.05 30.70
C TRP C 13 14.71 -24.56 29.99
N PHE C 14 14.60 -25.88 29.79
CA PHE C 14 13.49 -26.48 29.07
C PHE C 14 12.50 -27.02 30.08
N LEU C 15 11.31 -26.45 30.07
CA LEU C 15 10.33 -26.86 31.05
C LEU C 15 9.95 -28.33 30.86
N THR C 16 9.59 -28.95 31.98
CA THR C 16 9.12 -30.31 31.98
C THR C 16 7.74 -30.37 31.34
N LYS C 17 7.34 -31.59 30.91
CA LYS C 17 6.06 -31.77 30.21
C LYS C 17 4.91 -31.30 31.07
N LYS C 18 4.81 -31.81 32.30
CA LYS C 18 3.72 -31.38 33.18
C LYS C 18 3.81 -29.86 33.42
N SER C 19 5.03 -29.36 33.73
CA SER C 19 5.20 -27.93 34.06
C SER C 19 4.85 -27.07 32.87
N SER C 20 5.36 -27.46 31.71
CA SER C 20 5.01 -26.80 30.46
C SER C 20 3.51 -26.65 30.25
N GLU C 21 2.76 -27.77 30.42
CA GLU C 21 1.31 -27.70 30.22
C GLU C 21 0.69 -26.85 31.31
N THR C 22 1.11 -27.03 32.56
CA THR C 22 0.64 -26.11 33.59
C THR C 22 0.81 -24.66 33.11
N LEU C 23 2.01 -24.30 32.64
CA LEU C 23 2.22 -22.93 32.17
C LEU C 23 1.47 -22.65 30.87
N ARG C 24 1.38 -23.65 29.98
CA ARG C 24 0.55 -23.47 28.78
C ARG C 24 -0.91 -23.24 29.11
N LYS C 25 -1.42 -24.07 30.05
CA LYS C 25 -2.82 -23.96 30.42
C LYS C 25 -3.07 -22.60 31.04
N ALA C 26 -2.26 -22.27 32.04
CA ALA C 26 -2.32 -20.98 32.74
C ALA C 26 -2.17 -19.82 31.74
N GLY C 27 -1.30 -19.97 30.76
CA GLY C 27 -1.24 -18.99 29.69
C GLY C 27 -2.55 -18.86 28.95
N GLN C 28 -3.11 -19.99 28.49
CA GLN C 28 -4.30 -19.91 27.64
C GLN C 28 -5.49 -19.35 28.43
N VAL C 29 -5.54 -19.56 29.74
CA VAL C 29 -6.62 -18.95 30.50
C VAL C 29 -6.47 -17.44 30.49
N PHE C 30 -5.24 -16.94 30.62
CA PHE C 30 -4.99 -15.48 30.64
C PHE C 30 -5.44 -14.80 29.35
N LEU C 31 -5.30 -15.48 28.23
CA LEU C 31 -5.78 -14.94 26.96
C LEU C 31 -7.29 -14.97 26.89
N GLU C 32 -7.89 -15.99 27.47
CA GLU C 32 -9.34 -16.09 27.51
C GLU C 32 -9.95 -14.95 28.31
N GLU C 33 -9.41 -14.71 29.51
CA GLU C 33 -9.91 -13.70 30.43
C GLU C 33 -9.49 -12.29 30.03
N LEU C 34 -8.29 -12.13 29.44
CA LEU C 34 -7.87 -10.81 28.99
C LEU C 34 -8.72 -10.34 27.82
N GLY C 35 -9.01 -11.23 26.88
CA GLY C 35 -9.87 -10.85 25.79
C GLY C 35 -11.30 -10.58 26.21
N ASN C 36 -11.70 -11.10 27.37
CA ASN C 36 -13.03 -10.88 27.96
C ASN C 36 -13.05 -9.83 29.07
N HIS C 37 -11.89 -9.25 29.42
CA HIS C 37 -11.79 -8.18 30.42
C HIS C 37 -12.26 -6.88 29.78
N LYS C 38 -13.27 -6.26 30.35
CA LYS C 38 -13.85 -5.09 29.71
C LYS C 38 -12.81 -3.99 29.47
N ALA C 39 -11.92 -3.75 30.45
CA ALA C 39 -10.87 -2.74 30.29
C ALA C 39 -10.02 -2.97 29.03
N PHE C 40 -10.00 -4.19 28.53
CA PHE C 40 -9.24 -4.53 27.34
C PHE C 40 -10.02 -4.27 26.07
N LYS C 41 -11.34 -4.44 26.12
CA LYS C 41 -12.17 -4.27 24.94
C LYS C 41 -12.23 -2.81 24.50
N LYS C 42 -12.09 -1.89 25.43
CA LYS C 42 -12.09 -0.49 25.04
C LYS C 42 -10.82 -0.13 24.27
N GLU C 43 -9.68 -0.67 24.71
CA GLU C 43 -8.39 -0.34 24.13
C GLU C 43 -7.98 -1.44 23.15
N LEU C 44 -8.69 -1.45 22.04
CA LEU C 44 -8.29 -2.22 20.89
C LEU C 44 -7.79 -1.38 19.73
N ARG C 45 -8.10 -0.08 19.70
CA ARG C 45 -7.64 0.72 18.58
C ARG C 45 -6.13 0.62 18.44
N HIS C 46 -5.41 0.80 19.54
CA HIS C 46 -3.95 0.64 19.56
C HIS C 46 -3.57 -0.78 19.93
N PHE C 47 -4.33 -1.75 19.42
CA PHE C 47 -3.99 -3.14 19.54
C PHE C 47 -4.15 -3.81 18.19
N ILE C 48 -5.12 -3.36 17.42
CA ILE C 48 -5.45 -3.96 16.13
C ILE C 48 -5.97 -2.88 15.21
N SER C 49 -5.96 -3.15 13.90
CA SER C 49 -6.59 -2.27 12.90
C SER C 49 -8.13 -2.28 13.03
N LEU C 57 -12.96 -10.46 19.56
CA LEU C 57 -11.63 -10.85 19.11
C LEU C 57 -11.03 -11.98 19.96
N GLU C 58 -10.66 -13.06 19.28
CA GLU C 58 -10.18 -14.25 19.96
C GLU C 58 -8.66 -14.14 20.01
N LEU C 59 -8.12 -13.95 21.23
CA LEU C 59 -6.67 -13.79 21.36
C LEU C 59 -5.96 -15.13 21.13
N VAL C 60 -6.50 -16.22 21.67
CA VAL C 60 -5.86 -17.52 21.48
C VAL C 60 -5.57 -17.72 19.98
N SER C 61 -6.53 -17.35 19.13
CA SER C 61 -6.38 -17.44 17.68
C SER C 61 -5.51 -16.33 17.14
N TYR C 62 -5.61 -15.15 17.73
CA TYR C 62 -4.67 -14.08 17.42
C TYR C 62 -3.22 -14.52 17.67
N PHE C 63 -2.98 -15.15 18.83
CA PHE C 63 -1.65 -15.69 19.13
C PHE C 63 -1.54 -17.14 18.70
N GLY C 64 -1.83 -17.36 17.42
CA GLY C 64 -1.89 -18.73 16.93
C GLY C 64 -0.54 -19.41 16.72
N LYS C 65 0.58 -18.66 16.77
CA LYS C 65 1.91 -19.24 16.57
C LYS C 65 2.43 -19.64 17.93
N ARG C 66 2.41 -20.87 18.23
CA ARG C 66 2.89 -21.36 19.51
C ARG C 66 4.12 -22.21 19.32
N PRO C 67 4.96 -22.29 20.35
CA PRO C 67 6.08 -23.24 20.30
C PRO C 67 5.50 -24.61 20.15
N PRO C 68 6.12 -25.51 19.39
CA PRO C 68 5.47 -26.76 19.00
C PRO C 68 5.77 -27.92 19.94
N GLY C 69 6.54 -27.66 21.03
CA GLY C 69 6.79 -28.69 22.04
C GLY C 69 6.66 -28.22 23.47
N VAL C 70 7.72 -28.46 24.24
CA VAL C 70 7.73 -27.94 25.60
C VAL C 70 8.22 -26.51 25.57
N LEU C 71 7.58 -25.69 26.39
CA LEU C 71 7.97 -24.32 26.59
C LEU C 71 9.37 -24.29 27.17
N HIS C 72 10.10 -23.23 26.87
CA HIS C 72 11.45 -23.13 27.43
C HIS C 72 11.85 -21.68 27.56
N CYS C 73 12.88 -21.48 28.38
CA CYS C 73 13.49 -20.12 28.64
C CYS C 73 14.87 -20.06 27.98
N THR C 74 14.95 -19.36 26.86
CA THR C 74 16.24 -19.29 26.18
C THR C 74 17.27 -18.61 27.08
N THR C 75 18.52 -19.12 27.05
CA THR C 75 19.70 -18.43 27.66
C THR C 75 20.60 -17.88 26.56
N LYS C 76 21.24 -18.74 25.75
CA LYS C 76 22.22 -18.30 24.77
C LYS C 76 22.09 -18.92 23.40
N PHE C 77 21.84 -18.09 22.39
CA PHE C 77 21.93 -18.59 21.02
C PHE C 77 23.38 -18.91 20.62
N CYS C 78 23.61 -20.12 20.03
CA CYS C 78 24.95 -20.61 19.77
C CYS C 78 25.27 -21.01 18.36
N ASP C 79 24.28 -21.30 17.54
CA ASP C 79 24.47 -21.79 16.17
C ASP C 79 25.64 -22.75 16.04
N TYR C 80 25.64 -23.76 16.90
CA TYR C 80 26.61 -24.84 16.83
C TYR C 80 28.03 -24.31 16.94
N GLY C 81 28.22 -23.32 17.81
CA GLY C 81 29.51 -22.77 18.11
C GLY C 81 29.87 -21.52 17.34
N LYS C 82 29.18 -21.22 16.24
CA LYS C 82 29.59 -20.10 15.41
C LYS C 82 28.81 -18.83 15.72
N ALA C 83 27.92 -18.84 16.70
CA ALA C 83 27.29 -17.57 17.08
C ALA C 83 28.23 -16.74 17.94
N ALA C 84 27.93 -15.43 18.09
CA ALA C 84 28.85 -14.54 18.83
C ALA C 84 28.85 -14.87 20.31
N GLY C 85 30.04 -14.95 20.90
CA GLY C 85 30.13 -15.29 22.31
C GLY C 85 29.69 -16.68 22.65
N ALA C 86 29.36 -17.50 21.64
CA ALA C 86 28.91 -18.88 21.83
C ALA C 86 29.97 -19.73 22.51
N GLU C 87 31.16 -19.83 21.89
CA GLU C 87 32.22 -20.64 22.48
C GLU C 87 32.51 -20.19 23.91
N GLU C 88 32.61 -18.88 24.10
CA GLU C 88 32.95 -18.35 25.41
C GLU C 88 31.91 -18.78 26.43
N TYR C 89 30.64 -18.63 26.09
CA TYR C 89 29.57 -19.02 27.01
C TYR C 89 29.69 -20.50 27.41
N ALA C 90 29.84 -21.39 26.45
CA ALA C 90 29.72 -22.82 26.72
C ALA C 90 30.83 -23.32 27.60
N GLN C 91 32.01 -22.73 27.49
CA GLN C 91 33.17 -23.13 28.28
C GLN C 91 33.28 -22.45 29.65
N GLN C 92 32.24 -21.74 30.08
CA GLN C 92 32.13 -21.32 31.45
C GLN C 92 31.96 -22.51 32.37
N GLU C 93 32.68 -22.55 33.48
CA GLU C 93 32.57 -23.73 34.33
C GLU C 93 31.13 -23.96 34.80
N VAL C 94 30.40 -22.88 35.08
CA VAL C 94 29.03 -23.07 35.55
C VAL C 94 28.16 -23.66 34.46
N VAL C 95 28.44 -23.34 33.20
CA VAL C 95 27.63 -23.84 32.10
C VAL C 95 27.90 -25.32 31.88
N LYS C 96 29.20 -25.69 31.85
CA LYS C 96 29.50 -27.11 31.60
C LYS C 96 29.11 -27.99 32.78
N ARG C 97 28.91 -27.39 33.95
CA ARG C 97 28.50 -28.14 35.14
C ARG C 97 26.99 -28.28 35.27
N SER C 98 26.22 -27.28 34.87
CA SER C 98 24.79 -27.35 35.06
C SER C 98 24.06 -28.07 33.94
N TYR C 99 24.78 -28.63 32.97
CA TYR C 99 24.15 -29.23 31.79
C TYR C 99 23.40 -30.51 32.16
N GLY C 100 22.10 -30.52 31.94
CA GLY C 100 21.31 -31.70 32.26
C GLY C 100 20.92 -31.85 33.71
N LYS C 101 21.31 -30.92 34.57
CA LYS C 101 20.87 -30.88 35.95
C LYS C 101 19.60 -30.02 36.01
N ALA C 102 18.82 -30.26 37.05
CA ALA C 102 17.45 -29.80 37.09
C ALA C 102 17.35 -28.48 37.81
N PHE C 103 16.44 -27.63 37.35
CA PHE C 103 16.27 -26.30 37.94
C PHE C 103 14.81 -26.03 38.23
N LYS C 104 14.58 -24.98 39.02
CA LYS C 104 13.26 -24.55 39.45
C LYS C 104 13.16 -23.05 39.20
N LEU C 105 12.66 -22.67 38.03
CA LEU C 105 12.49 -21.26 37.66
C LEU C 105 11.13 -20.72 38.15
N SER C 106 11.13 -19.43 38.46
CA SER C 106 9.99 -18.72 39.04
C SER C 106 9.35 -17.77 38.02
N ILE C 107 8.02 -17.76 37.93
CA ILE C 107 7.35 -16.83 37.04
C ILE C 107 6.70 -15.72 37.86
N SER C 108 6.94 -14.47 37.43
CA SER C 108 6.57 -13.24 38.11
C SER C 108 5.27 -12.62 37.59
N ALA C 109 5.06 -12.67 36.27
CA ALA C 109 3.88 -12.09 35.64
C ALA C 109 3.67 -12.69 34.25
N LEU C 110 2.51 -12.43 33.66
CA LEU C 110 2.25 -12.86 32.30
C LEU C 110 1.79 -11.65 31.52
N PHE C 111 2.43 -11.41 30.34
CA PHE C 111 2.26 -10.15 29.60
C PHE C 111 1.70 -10.41 28.21
N VAL C 112 1.05 -9.39 27.66
CA VAL C 112 0.46 -9.48 26.33
C VAL C 112 0.64 -8.11 25.68
N THR C 113 1.26 -8.10 24.49
CA THR C 113 1.28 -6.94 23.61
C THR C 113 0.46 -7.27 22.36
N PRO C 114 0.42 -6.36 21.36
CA PRO C 114 -0.18 -6.69 20.06
C PRO C 114 0.69 -7.57 19.21
N LYS C 115 1.87 -7.91 19.69
CA LYS C 115 2.81 -8.76 18.97
C LYS C 115 2.99 -10.13 19.62
N THR C 116 3.18 -10.16 20.94
CA THR C 116 3.55 -11.39 21.62
C THR C 116 2.80 -11.56 22.94
N ALA C 117 2.73 -12.82 23.36
CA ALA C 117 2.12 -13.20 24.62
C ALA C 117 3.12 -14.08 25.35
N GLY C 118 3.32 -13.80 26.62
CA GLY C 118 4.38 -14.52 27.30
C GLY C 118 4.33 -14.44 28.81
N ALA C 119 5.37 -15.03 29.42
CA ALA C 119 5.59 -15.07 30.86
C ALA C 119 6.97 -14.51 31.17
N GLN C 120 7.06 -13.84 32.33
CA GLN C 120 8.32 -13.30 32.80
C GLN C 120 9.00 -14.23 33.80
N VAL C 121 10.31 -14.33 33.69
CA VAL C 121 11.15 -15.16 34.58
C VAL C 121 12.01 -14.27 35.46
N VAL C 122 12.02 -14.56 36.78
CA VAL C 122 13.00 -14.00 37.70
C VAL C 122 13.97 -15.10 38.11
N LEU C 123 15.27 -14.88 37.92
CA LEU C 123 16.27 -15.93 38.11
C LEU C 123 16.87 -15.84 39.51
N THR C 124 16.97 -16.99 40.18
CA THR C 124 17.74 -17.02 41.42
C THR C 124 19.16 -16.54 41.14
N ASP C 125 19.81 -15.97 42.16
CA ASP C 125 21.14 -15.42 41.97
C ASP C 125 22.10 -16.41 41.30
N GLN C 126 22.01 -17.72 41.65
CA GLN C 126 22.90 -18.71 41.03
C GLN C 126 22.51 -19.02 39.60
N GLU C 127 21.21 -19.07 39.31
CA GLU C 127 20.75 -19.24 37.93
C GLU C 127 21.23 -18.11 37.03
N LEU C 128 21.41 -16.89 37.58
CA LEU C 128 21.91 -15.79 36.76
C LEU C 128 23.32 -16.04 36.27
N GLN C 129 24.09 -16.94 36.92
CA GLN C 129 25.39 -17.35 36.39
C GLN C 129 25.30 -18.02 35.05
N LEU C 130 24.14 -18.60 34.71
CA LEU C 130 23.89 -19.23 33.41
C LEU C 130 23.31 -18.23 32.41
N TRP C 131 23.08 -16.99 32.84
CA TRP C 131 22.64 -15.97 31.90
C TRP C 131 23.90 -15.38 31.25
N PRO C 132 23.88 -15.17 29.90
CA PRO C 132 25.06 -14.51 29.26
C PRO C 132 25.07 -13.02 29.43
N PRO C 138 22.86 -3.40 24.68
CA PRO C 138 21.77 -2.82 23.89
C PRO C 138 21.13 -1.58 24.53
N SER C 139 19.90 -1.31 24.08
CA SER C 139 19.23 -0.06 24.44
C SER C 139 18.06 -0.26 25.39
N ALA C 140 17.24 -1.31 25.19
CA ALA C 140 16.12 -1.57 26.10
C ALA C 140 16.50 -2.41 27.31
N SER C 141 17.69 -3.03 27.30
CA SER C 141 18.24 -3.74 28.45
C SER C 141 18.84 -2.81 29.51
N GLU C 142 18.99 -1.53 29.16
CA GLU C 142 19.75 -0.61 29.98
C GLU C 142 18.95 -0.20 31.23
N GLY C 143 19.70 0.07 32.31
CA GLY C 143 19.11 0.38 33.61
C GLY C 143 18.66 -0.84 34.41
N LEU C 144 18.15 -1.94 33.66
CA LEU C 144 17.56 -3.08 34.32
C LEU C 144 18.63 -4.12 34.66
N PRO C 145 18.38 -4.88 35.75
CA PRO C 145 19.38 -5.86 36.21
C PRO C 145 19.57 -6.97 35.21
N PRO C 146 20.72 -7.63 35.24
CA PRO C 146 20.96 -8.71 34.25
C PRO C 146 19.85 -9.74 34.34
N GLY C 147 19.54 -10.35 33.19
CA GLY C 147 18.52 -11.36 33.14
C GLY C 147 17.09 -10.88 33.16
N SER C 148 16.83 -9.59 33.13
CA SER C 148 15.45 -9.12 33.10
C SER C 148 14.73 -9.62 31.84
N ARG C 149 15.47 -9.84 30.76
CA ARG C 149 14.85 -10.31 29.51
C ARG C 149 14.36 -11.76 29.57
N ALA C 150 14.80 -12.52 30.55
CA ALA C 150 14.48 -13.95 30.61
C ALA C 150 12.96 -14.17 30.60
N HIS C 151 12.49 -14.96 29.65
CA HIS C 151 11.06 -15.06 29.45
C HIS C 151 10.68 -16.50 29.04
N VAL C 152 9.42 -16.68 28.68
CA VAL C 152 9.01 -17.91 28.02
C VAL C 152 7.92 -17.53 27.05
N THR C 153 8.20 -17.67 25.75
CA THR C 153 7.23 -17.23 24.76
C THR C 153 6.04 -18.17 24.78
N LEU C 154 4.82 -17.61 24.80
CA LEU C 154 3.58 -18.42 24.75
C LEU C 154 2.83 -18.24 23.45
N GLY C 155 2.94 -17.10 22.78
CA GLY C 155 2.31 -16.95 21.49
C GLY C 155 2.83 -15.77 20.73
N CYS C 156 2.64 -15.82 19.42
CA CYS C 156 3.07 -14.73 18.55
C CYS C 156 2.01 -14.42 17.53
N ALA C 157 1.85 -13.14 17.22
CA ALA C 157 1.02 -12.78 16.07
C ALA C 157 1.62 -13.39 14.81
N ALA C 158 0.77 -13.55 13.79
CA ALA C 158 1.15 -14.22 12.55
C ALA C 158 2.42 -13.64 11.88
N ASP C 159 2.63 -12.34 11.89
CA ASP C 159 3.79 -11.92 11.15
C ASP C 159 4.96 -11.68 12.07
N VAL C 160 4.80 -11.89 13.36
CA VAL C 160 5.84 -11.55 14.34
C VAL C 160 6.68 -12.79 14.66
N GLN C 161 7.89 -12.67 14.59
CA GLN C 161 8.80 -13.77 14.92
C GLN C 161 9.06 -13.85 16.43
N PRO C 162 9.34 -15.05 16.95
CA PRO C 162 9.40 -15.19 18.42
C PRO C 162 10.44 -14.33 19.15
N VAL C 163 11.55 -13.99 18.52
CA VAL C 163 12.56 -13.31 19.35
C VAL C 163 12.04 -11.99 19.95
N GLN C 164 11.02 -11.39 19.30
CA GLN C 164 10.36 -10.16 19.71
C GLN C 164 9.88 -10.21 21.14
N THR C 165 9.44 -11.38 21.62
CA THR C 165 8.84 -11.46 22.95
C THR C 165 9.79 -10.90 24.02
N GLY C 166 11.10 -11.16 23.86
CA GLY C 166 12.07 -10.69 24.82
C GLY C 166 12.11 -9.18 24.89
N LEU C 167 11.91 -8.51 23.73
CA LEU C 167 11.99 -7.04 23.68
C LEU C 167 10.68 -6.38 24.13
N ASP C 168 9.54 -7.04 23.96
CA ASP C 168 8.30 -6.52 24.54
C ASP C 168 8.34 -6.56 26.07
N LEU C 169 8.73 -7.72 26.62
CA LEU C 169 8.90 -7.83 28.07
C LEU C 169 9.81 -6.71 28.59
N LEU C 170 10.92 -6.44 27.90
CA LEU C 170 11.78 -5.30 28.29
C LEU C 170 11.08 -3.95 28.13
N ASP C 171 10.39 -3.75 27.00
CA ASP C 171 9.62 -2.52 26.81
C ASP C 171 8.75 -2.26 28.01
N ILE C 172 8.12 -3.33 28.51
CA ILE C 172 7.26 -3.21 29.70
C ILE C 172 8.08 -2.86 30.93
N LEU C 173 9.24 -3.52 31.10
CA LEU C 173 10.12 -3.22 32.22
C LEU C 173 10.77 -1.83 32.14
N GLN C 174 11.10 -1.31 30.95
CA GLN C 174 11.57 0.08 30.90
C GLN C 174 10.43 1.02 31.30
N GLN C 175 9.17 0.58 31.24
CA GLN C 175 8.03 1.39 31.67
C GLN C 175 7.75 1.28 33.17
N VAL C 176 7.76 0.08 33.74
CA VAL C 176 7.56 0.00 35.19
C VAL C 176 8.68 0.76 35.89
N LYS C 177 9.92 0.53 35.44
CA LYS C 177 11.09 1.26 35.94
C LYS C 177 11.02 2.73 35.54
N GLY C 178 10.49 3.01 34.36
CA GLY C 178 10.31 4.38 33.94
C GLY C 178 9.32 5.15 34.79
N GLY C 179 8.41 4.44 35.45
CA GLY C 179 7.36 5.04 36.24
C GLY C 179 5.99 4.93 35.61
N SER C 180 5.94 4.76 34.29
CA SER C 180 4.69 4.58 33.57
C SER C 180 4.16 3.16 33.83
N GLN C 181 4.42 2.65 35.04
CA GLN C 181 3.91 1.34 35.46
C GLN C 181 2.40 1.26 35.29
N GLY C 182 1.69 2.37 35.49
CA GLY C 182 0.26 2.36 35.35
C GLY C 182 -0.49 1.66 36.47
N GLU C 183 -1.53 2.32 36.98
CA GLU C 183 -2.30 1.83 38.09
C GLU C 183 -2.93 0.47 37.78
N ALA C 184 -3.50 -0.14 38.82
CA ALA C 184 -4.22 -1.39 38.62
C ALA C 184 -5.54 -1.03 37.93
N VAL C 185 -5.90 -1.79 36.90
CA VAL C 185 -7.15 -1.53 36.18
C VAL C 185 -8.15 -2.68 36.33
N GLY C 186 -7.70 -3.90 36.63
CA GLY C 186 -8.57 -5.04 36.81
C GLY C 186 -7.96 -6.06 37.74
N GLU C 187 -8.77 -6.62 38.62
CA GLU C 187 -8.35 -7.65 39.55
C GLU C 187 -8.77 -8.97 38.91
N LEU C 188 -7.77 -9.77 38.42
CA LEU C 188 -8.05 -11.13 37.96
C LEU C 188 -7.82 -12.14 39.08
N PRO C 189 -8.34 -13.35 38.95
CA PRO C 189 -8.22 -14.31 40.06
C PRO C 189 -6.77 -14.65 40.40
N ARG C 190 -5.87 -14.57 39.42
CA ARG C 190 -4.46 -14.90 39.60
C ARG C 190 -3.58 -13.72 40.01
N GLY C 191 -4.00 -12.49 39.76
CA GLY C 191 -3.23 -11.35 40.17
C GLY C 191 -3.89 -10.09 39.68
N LYS C 192 -3.18 -8.96 39.89
CA LYS C 192 -3.64 -7.63 39.47
C LYS C 192 -3.26 -7.38 38.01
N LEU C 193 -4.20 -6.82 37.25
CA LEU C 193 -3.98 -6.51 35.84
C LEU C 193 -3.68 -5.00 35.69
N TYR C 194 -2.61 -4.68 34.97
CA TYR C 194 -2.26 -3.31 34.63
C TYR C 194 -2.44 -3.10 33.13
N SER C 195 -2.58 -1.83 32.71
CA SER C 195 -2.73 -1.45 31.30
C SER C 195 -1.62 -0.42 31.00
N LEU C 196 -0.63 -0.85 30.19
CA LEU C 196 0.61 -0.11 30.02
C LEU C 196 0.62 0.81 28.82
N GLY C 197 -0.42 0.73 27.98
CA GLY C 197 -0.52 1.68 26.89
C GLY C 197 -0.61 1.04 25.52
N LYS C 198 0.49 0.99 24.81
CA LYS C 198 0.49 0.68 23.41
C LYS C 198 -0.06 -0.72 23.25
N GLY C 199 -1.29 -0.95 23.69
CA GLY C 199 -1.83 -2.31 23.66
C GLY C 199 -1.05 -3.30 24.49
N ARG C 200 -0.27 -2.85 25.47
CA ARG C 200 0.54 -3.72 26.33
C ARG C 200 -0.14 -3.94 27.70
N TRP C 201 -0.22 -5.22 28.14
CA TRP C 201 -0.90 -5.63 29.36
C TRP C 201 0.00 -6.50 30.23
N MET C 202 -0.18 -6.42 31.55
CA MET C 202 0.62 -7.23 32.46
C MET C 202 -0.23 -7.65 33.66
N LEU C 203 -0.22 -8.98 33.99
CA LEU C 203 -0.90 -9.55 35.15
C LEU C 203 0.14 -10.04 36.15
N SER C 204 0.35 -9.26 37.22
CA SER C 204 1.34 -9.56 38.25
C SER C 204 0.80 -10.62 39.18
N LEU C 205 1.37 -11.82 39.12
CA LEU C 205 0.81 -12.95 39.87
C LEU C 205 0.94 -12.69 41.36
N THR C 206 -0.16 -12.84 42.08
CA THR C 206 -0.09 -12.71 43.53
C THR C 206 0.85 -13.76 44.10
N LYS C 207 0.74 -14.99 43.60
CA LYS C 207 1.61 -16.09 43.99
C LYS C 207 2.45 -16.44 42.77
N LYS C 208 3.76 -16.41 42.95
CA LYS C 208 4.65 -16.74 41.87
C LYS C 208 4.39 -18.17 41.50
N MET C 209 4.35 -18.45 40.21
CA MET C 209 4.28 -19.82 39.73
C MET C 209 5.71 -20.33 39.60
N GLU C 210 6.10 -21.23 40.49
CA GLU C 210 7.37 -21.94 40.31
C GLU C 210 7.14 -23.06 39.29
N VAL C 211 7.97 -23.08 38.24
CA VAL C 211 7.84 -24.04 37.14
C VAL C 211 9.18 -24.76 37.00
N LYS C 212 9.13 -26.07 36.91
CA LYS C 212 10.34 -26.87 36.95
C LYS C 212 10.88 -26.99 35.56
N ALA C 213 12.19 -27.07 35.43
CA ALA C 213 12.80 -27.22 34.12
C ALA C 213 14.17 -27.84 34.25
N ILE C 214 14.70 -28.23 33.09
CA ILE C 214 16.05 -28.78 33.00
C ILE C 214 16.90 -27.93 32.07
N PHE C 215 18.18 -27.73 32.46
CA PHE C 215 19.12 -26.94 31.64
C PHE C 215 19.86 -27.83 30.66
N THR C 216 19.71 -27.58 29.39
CA THR C 216 20.26 -28.49 28.41
C THR C 216 20.31 -27.72 27.11
N GLY C 217 20.89 -28.32 26.07
CA GLY C 217 20.96 -27.74 24.75
C GLY C 217 19.94 -28.37 23.83
N TYR C 218 19.46 -27.60 22.84
CA TYR C 218 18.59 -28.08 21.78
C TYR C 218 19.40 -28.52 20.55
N TYR C 219 19.13 -29.72 20.06
CA TYR C 219 19.79 -30.30 18.90
C TYR C 219 18.79 -30.84 17.85
N GLY C 220 18.84 -30.24 16.66
CA GLY C 220 18.04 -30.65 15.49
C GLY C 220 16.55 -30.74 15.77
N VAL D 2 25.19 -29.10 -4.29
CA VAL D 2 24.38 -28.30 -3.33
C VAL D 2 24.41 -26.77 -3.61
N GLN D 3 23.39 -26.27 -4.29
CA GLN D 3 23.50 -24.95 -4.86
C GLN D 3 22.20 -24.16 -4.90
N LEU D 4 22.34 -22.84 -4.65
CA LEU D 4 21.27 -21.87 -4.74
C LEU D 4 21.64 -20.87 -5.83
N GLU D 5 20.88 -20.86 -6.91
CA GLU D 5 21.19 -19.97 -8.02
C GLU D 5 20.06 -18.96 -8.19
N GLU D 6 20.36 -17.69 -7.84
CA GLU D 6 19.43 -16.59 -8.01
C GLU D 6 19.15 -16.28 -9.49
N SER D 7 18.19 -15.39 -9.72
CA SER D 7 17.88 -14.94 -11.06
C SER D 7 16.70 -13.99 -11.12
N GLY D 8 16.62 -13.28 -12.25
CA GLY D 8 15.52 -12.40 -12.53
C GLY D 8 15.78 -10.95 -12.28
N GLY D 9 16.98 -10.59 -11.86
CA GLY D 9 17.33 -9.21 -11.64
C GLY D 9 17.75 -8.49 -12.92
N GLY D 10 18.04 -7.21 -12.75
CA GLY D 10 18.43 -6.35 -13.83
C GLY D 10 17.91 -4.94 -13.56
N LEU D 11 17.82 -4.14 -14.62
CA LEU D 11 17.39 -2.76 -14.51
C LEU D 11 15.88 -2.63 -14.50
N VAL D 12 15.40 -1.64 -13.75
CA VAL D 12 13.96 -1.39 -13.62
C VAL D 12 13.74 0.03 -13.13
N GLN D 13 12.76 0.69 -13.70
CA GLN D 13 12.55 2.03 -13.25
C GLN D 13 11.70 2.07 -11.98
N PRO D 14 11.68 3.22 -11.29
CA PRO D 14 10.88 3.35 -10.05
C PRO D 14 9.40 3.09 -10.33
N GLY D 15 8.78 2.31 -9.45
CA GLY D 15 7.39 1.96 -9.69
C GLY D 15 7.18 0.64 -10.42
N GLY D 16 8.19 0.17 -11.15
CA GLY D 16 8.27 -1.16 -11.70
C GLY D 16 8.20 -2.20 -10.63
N SER D 17 8.21 -3.45 -11.09
CA SER D 17 8.09 -4.64 -10.25
C SER D 17 9.07 -5.67 -10.79
N LEU D 18 9.64 -6.45 -9.87
CA LEU D 18 10.59 -7.47 -10.25
C LEU D 18 10.28 -8.70 -9.43
N ARG D 19 10.44 -9.86 -10.08
CA ARG D 19 10.27 -11.18 -9.50
C ARG D 19 11.58 -11.92 -9.63
N LEU D 20 12.25 -12.05 -8.52
CA LEU D 20 13.48 -12.79 -8.41
C LEU D 20 13.13 -14.24 -8.15
N SER D 21 14.10 -15.13 -8.46
CA SER D 21 13.86 -16.56 -8.26
C SER D 21 15.15 -17.26 -7.89
N CYS D 22 15.11 -18.16 -6.93
CA CYS D 22 16.24 -19.02 -6.65
C CYS D 22 15.86 -20.46 -6.94
N ALA D 23 16.64 -21.13 -7.79
CA ALA D 23 16.42 -22.52 -8.17
C ALA D 23 17.29 -23.35 -7.25
N VAL D 24 16.68 -23.86 -6.22
CA VAL D 24 17.37 -24.60 -5.18
C VAL D 24 17.67 -26.01 -5.62
N SER D 25 18.86 -26.48 -5.26
CA SER D 25 19.30 -27.80 -5.67
C SER D 25 20.29 -28.38 -4.64
N GLY D 26 20.37 -29.71 -4.57
CA GLY D 26 21.18 -30.34 -3.54
C GLY D 26 20.62 -30.23 -2.15
N ILE D 27 19.59 -29.43 -1.99
CA ILE D 27 18.90 -29.16 -0.73
C ILE D 27 17.44 -29.12 -1.12
N THR D 28 16.55 -29.28 -0.15
CA THR D 28 15.13 -29.25 -0.42
C THR D 28 14.39 -28.21 0.41
N LEU D 29 13.32 -27.66 -0.16
CA LEU D 29 12.57 -26.62 0.53
C LEU D 29 11.61 -27.18 1.60
N ASP D 30 11.45 -28.52 1.69
CA ASP D 30 10.69 -29.12 2.77
C ASP D 30 11.49 -29.15 4.05
N ASP D 31 12.81 -29.10 3.94
CA ASP D 31 13.68 -29.17 5.11
C ASP D 31 14.41 -27.87 5.45
N PHE D 32 14.51 -26.96 4.46
CA PHE D 32 15.29 -25.75 4.53
C PHE D 32 14.40 -24.54 4.39
N GLY D 33 14.54 -23.64 5.34
CA GLY D 33 13.95 -22.30 5.22
C GLY D 33 14.79 -21.42 4.31
N ILE D 34 14.15 -20.45 3.71
CA ILE D 34 14.86 -19.55 2.81
C ILE D 34 14.77 -18.09 3.27
N GLY D 35 15.91 -17.44 3.24
CA GLY D 35 15.97 -15.99 3.45
C GLY D 35 16.42 -15.36 2.19
N TRP D 36 15.75 -14.30 1.76
CA TRP D 36 16.23 -13.39 0.70
C TRP D 36 16.95 -12.18 1.26
N PHE D 37 18.14 -11.94 0.77
CA PHE D 37 18.97 -10.82 1.23
C PHE D 37 19.41 -9.85 0.15
N ARG D 38 19.59 -8.61 0.57
CA ARG D 38 20.04 -7.52 -0.24
C ARG D 38 21.38 -7.03 0.31
N GLN D 39 22.34 -6.75 -0.58
CA GLN D 39 23.58 -6.08 -0.17
C GLN D 39 23.79 -4.78 -0.95
N ALA D 40 23.70 -3.68 -0.29
CA ALA D 40 24.03 -2.48 -1.03
C ALA D 40 25.51 -2.16 -0.92
N PRO D 41 26.03 -1.30 -1.81
CA PRO D 41 27.49 -1.01 -1.83
C PRO D 41 28.02 -0.83 -0.44
N GLY D 42 29.04 -1.54 0.02
CA GLY D 42 29.55 -1.25 1.35
C GLY D 42 28.67 -1.59 2.56
N LYS D 43 27.34 -1.56 2.39
CA LYS D 43 26.51 -2.05 3.48
C LYS D 43 26.74 -3.55 3.72
N GLU D 44 26.12 -4.04 4.74
CA GLU D 44 26.25 -5.45 5.08
C GLU D 44 24.99 -6.18 4.67
N ARG D 45 25.10 -7.49 4.59
CA ARG D 45 23.97 -8.28 4.10
C ARG D 45 22.79 -8.07 5.02
N GLU D 46 21.67 -7.60 4.48
CA GLU D 46 20.52 -7.25 5.31
C GLU D 46 19.28 -8.01 4.84
N GLY D 47 18.53 -8.56 5.79
CA GLY D 47 17.49 -9.51 5.42
C GLY D 47 16.30 -8.78 4.89
N VAL D 48 15.74 -9.33 3.82
CA VAL D 48 14.60 -8.75 3.14
C VAL D 48 13.32 -9.51 3.47
N ALA D 49 13.35 -10.84 3.32
CA ALA D 49 12.21 -11.71 3.63
C ALA D 49 12.72 -13.15 3.83
N CYS D 50 11.93 -13.91 4.53
CA CYS D 50 12.23 -15.30 4.93
C CYS D 50 10.89 -16.06 4.94
N ILE D 51 11.00 -17.30 4.49
CA ILE D 51 9.95 -18.36 4.54
C ILE D 51 10.60 -19.64 5.06
N SER D 52 10.06 -20.13 6.16
CA SER D 52 10.40 -21.48 6.69
C SER D 52 9.46 -22.61 6.18
N PRO D 53 9.94 -23.85 6.33
CA PRO D 53 9.13 -25.01 5.97
C PRO D 53 7.86 -25.00 6.77
N GLY D 54 7.99 -24.65 8.05
CA GLY D 54 6.86 -24.52 8.95
C GLY D 54 5.59 -23.96 8.33
N TYR D 55 5.70 -23.20 7.22
CA TYR D 55 4.60 -22.56 6.51
C TYR D 55 3.89 -21.41 7.26
N GLU D 56 3.99 -21.36 8.60
CA GLU D 56 3.47 -20.21 9.33
C GLU D 56 4.55 -19.19 9.73
N HIS D 57 5.78 -19.34 9.21
CA HIS D 57 6.88 -18.46 9.49
C HIS D 57 7.26 -17.77 8.16
N ILE D 58 6.43 -16.82 7.71
CA ILE D 58 6.75 -15.94 6.59
C ILE D 58 6.95 -14.54 7.14
N TYR D 59 8.18 -14.00 6.99
CA TYR D 59 8.51 -12.71 7.58
C TYR D 59 9.00 -11.70 6.54
N TYR D 60 8.82 -10.44 6.89
CA TYR D 60 9.29 -9.38 6.01
C TYR D 60 9.95 -8.29 6.83
N ALA D 61 11.02 -7.73 6.26
CA ALA D 61 11.70 -6.59 6.89
C ALA D 61 10.75 -5.40 6.94
N ASP D 62 10.81 -4.66 8.05
CA ASP D 62 9.91 -3.51 8.19
C ASP D 62 9.94 -2.64 6.94
N SER D 63 11.11 -2.56 6.28
CA SER D 63 11.25 -1.78 5.05
C SER D 63 10.24 -2.18 3.98
N ALA D 64 10.21 -3.43 3.60
CA ALA D 64 9.42 -3.78 2.41
C ALA D 64 8.00 -4.07 2.86
N LYS D 65 7.34 -2.96 3.28
CA LYS D 65 5.96 -2.97 3.77
C LYS D 65 5.22 -4.22 3.24
N GLY D 66 4.49 -4.04 2.14
CA GLY D 66 3.76 -5.06 1.43
C GLY D 66 4.37 -5.19 0.05
N ARG D 67 5.37 -4.37 -0.21
CA ARG D 67 5.91 -4.38 -1.56
C ARG D 67 6.51 -5.71 -1.88
N PHE D 68 7.07 -6.37 -0.89
CA PHE D 68 7.67 -7.68 -1.13
C PHE D 68 6.72 -8.78 -0.68
N THR D 69 6.81 -9.90 -1.39
CA THR D 69 6.06 -11.10 -1.09
C THR D 69 6.97 -12.24 -1.45
N ILE D 70 7.29 -13.07 -0.48
CA ILE D 70 8.09 -14.24 -0.71
C ILE D 70 7.14 -15.43 -0.86
N SER D 71 7.53 -16.39 -1.69
CA SER D 71 6.74 -17.59 -1.91
C SER D 71 7.65 -18.67 -2.48
N ARG D 72 7.14 -19.91 -2.51
CA ARG D 72 7.91 -21.06 -2.95
C ARG D 72 7.04 -21.92 -3.85
N ASP D 73 7.69 -22.61 -4.75
CA ASP D 73 7.11 -23.60 -5.63
C ASP D 73 7.84 -24.87 -5.25
N ASN D 74 7.35 -25.57 -4.20
CA ASN D 74 8.09 -26.71 -3.70
C ASN D 74 8.24 -27.75 -4.76
N ALA D 75 7.28 -27.84 -5.68
CA ALA D 75 7.30 -28.84 -6.76
C ALA D 75 8.51 -28.63 -7.69
N LYS D 76 8.80 -27.38 -8.02
CA LYS D 76 9.95 -27.03 -8.83
C LYS D 76 11.14 -26.73 -7.95
N ASN D 77 10.97 -26.91 -6.62
CA ASN D 77 11.98 -26.52 -5.61
C ASN D 77 12.67 -25.22 -6.04
N THR D 78 11.85 -24.16 -6.11
CA THR D 78 12.34 -22.81 -6.37
C THR D 78 11.56 -21.85 -5.49
N VAL D 79 12.26 -20.85 -4.95
CA VAL D 79 11.68 -19.76 -4.17
C VAL D 79 11.62 -18.51 -5.04
N TYR D 80 10.67 -17.64 -4.72
CA TYR D 80 10.42 -16.41 -5.44
C TYR D 80 10.43 -15.16 -4.53
N LEU D 81 10.71 -13.99 -5.11
CA LEU D 81 10.57 -12.75 -4.38
C LEU D 81 9.93 -11.71 -5.29
N GLN D 82 8.63 -11.44 -5.09
CA GLN D 82 7.92 -10.44 -5.86
C GLN D 82 8.17 -9.06 -5.20
N MET D 83 8.80 -8.15 -5.95
CA MET D 83 9.06 -6.80 -5.48
C MET D 83 8.16 -5.83 -6.26
N ASN D 84 7.38 -5.05 -5.51
CA ASN D 84 6.43 -4.08 -6.06
C ASN D 84 6.80 -2.63 -5.67
N ASN D 85 6.44 -1.69 -6.56
CA ASN D 85 6.60 -0.26 -6.36
C ASN D 85 8.04 0.03 -5.96
N LEU D 86 8.94 -0.38 -6.84
CA LEU D 86 10.36 -0.33 -6.57
C LEU D 86 10.87 1.11 -6.52
N LYS D 87 11.79 1.31 -5.61
CA LYS D 87 12.40 2.56 -5.33
C LYS D 87 13.89 2.44 -5.53
N PRO D 88 14.58 3.58 -5.76
CA PRO D 88 16.03 3.57 -5.94
C PRO D 88 16.79 2.93 -4.79
N TRP D 89 16.30 3.01 -3.55
CA TRP D 89 17.06 2.35 -2.48
C TRP D 89 16.97 0.82 -2.47
N ASP D 90 16.18 0.20 -3.37
CA ASP D 90 16.19 -1.26 -3.48
C ASP D 90 17.33 -1.72 -4.35
N THR D 91 18.01 -0.84 -5.02
CA THR D 91 19.21 -1.24 -5.70
C THR D 91 20.11 -2.03 -4.73
N GLY D 92 20.70 -3.09 -5.24
CA GLY D 92 21.61 -3.89 -4.45
C GLY D 92 21.81 -5.21 -5.15
N VAL D 93 22.66 -6.02 -4.53
CA VAL D 93 22.75 -7.43 -4.89
C VAL D 93 21.82 -8.18 -3.95
N TYR D 94 20.88 -8.94 -4.53
CA TYR D 94 19.93 -9.76 -3.78
C TYR D 94 20.44 -11.19 -3.78
N TYR D 95 20.77 -11.69 -2.60
CA TYR D 95 21.25 -13.05 -2.44
C TYR D 95 20.13 -13.97 -1.91
N CYS D 96 20.29 -15.26 -2.17
CA CYS D 96 19.35 -16.25 -1.63
C CYS D 96 20.09 -17.18 -0.68
N ALA D 97 19.54 -17.34 0.51
CA ALA D 97 20.23 -18.18 1.46
C ALA D 97 19.26 -19.13 2.14
N ALA D 98 19.79 -20.31 2.50
CA ALA D 98 19.03 -21.45 2.99
C ALA D 98 19.61 -21.85 4.34
N ASP D 99 18.74 -22.24 5.25
CA ASP D 99 19.10 -22.53 6.64
C ASP D 99 18.23 -23.67 7.14
N ASN D 100 18.87 -24.76 7.54
CA ASN D 100 18.08 -25.87 8.05
C ASN D 100 17.56 -25.63 9.46
N ASP D 101 18.10 -24.68 10.19
CA ASP D 101 17.65 -24.42 11.56
C ASP D 101 16.53 -23.40 11.62
N LEU D 102 15.90 -23.15 10.50
CA LEU D 102 14.61 -22.47 10.44
C LEU D 102 13.46 -23.49 10.45
N PRO D 103 12.45 -23.29 11.29
CA PRO D 103 12.26 -22.18 12.29
C PRO D 103 12.84 -22.45 13.66
N ASP D 104 13.60 -23.52 13.86
CA ASP D 104 13.98 -23.92 15.22
C ASP D 104 14.57 -22.71 15.94
N ARG D 105 15.50 -21.99 15.27
CA ARG D 105 16.21 -20.92 16.00
C ARG D 105 15.31 -19.74 16.36
N LEU D 106 14.29 -19.46 15.55
CA LEU D 106 13.36 -18.40 15.84
C LEU D 106 12.82 -18.52 17.25
N TRP D 107 12.75 -19.74 17.83
CA TRP D 107 12.19 -19.89 19.19
C TRP D 107 13.31 -19.86 20.20
N GLY D 108 14.57 -19.92 19.71
CA GLY D 108 15.68 -19.97 20.65
C GLY D 108 16.60 -18.73 20.60
N GLY D 109 15.98 -17.55 20.48
CA GLY D 109 16.71 -16.31 20.57
C GLY D 109 17.25 -15.73 19.28
N SER D 110 17.12 -16.41 18.17
CA SER D 110 17.70 -15.91 16.95
C SER D 110 16.69 -15.12 16.12
N ASP D 111 17.23 -14.15 15.32
CA ASP D 111 16.44 -13.32 14.46
C ASP D 111 16.59 -13.81 13.04
N TRP D 112 15.47 -13.89 12.31
CA TRP D 112 15.53 -14.53 10.99
C TRP D 112 16.47 -13.77 10.08
N SER D 113 16.61 -12.48 10.29
CA SER D 113 17.32 -11.64 9.35
C SER D 113 18.83 -11.63 9.62
N ASP D 114 19.28 -12.20 10.74
CA ASP D 114 20.70 -12.43 10.92
C ASP D 114 21.20 -13.37 9.83
N PRO D 115 22.17 -12.96 9.01
CA PRO D 115 22.70 -13.83 7.97
C PRO D 115 23.74 -14.80 8.48
N SER D 116 24.22 -14.62 9.68
CA SER D 116 25.26 -15.56 10.09
C SER D 116 24.77 -16.98 10.14
N PRO D 117 23.65 -17.29 10.85
CA PRO D 117 23.23 -18.70 11.02
C PRO D 117 22.95 -19.45 9.75
N TYR D 118 22.72 -18.81 8.62
CA TYR D 118 22.35 -19.58 7.45
C TYR D 118 23.43 -20.53 7.02
N ASP D 119 23.05 -21.50 6.20
CA ASP D 119 23.93 -22.62 5.94
C ASP D 119 24.47 -22.63 4.53
N TYR D 120 23.72 -22.14 3.58
CA TYR D 120 24.21 -22.09 2.21
C TYR D 120 23.73 -20.79 1.59
N TRP D 121 24.62 -20.17 0.77
CA TRP D 121 24.38 -18.83 0.22
C TRP D 121 24.41 -18.90 -1.29
N GLY D 122 23.54 -18.12 -1.95
CA GLY D 122 23.60 -17.97 -3.39
C GLY D 122 24.72 -17.01 -3.86
N GLN D 123 24.82 -16.87 -5.18
CA GLN D 123 25.89 -16.06 -5.77
C GLN D 123 25.51 -14.59 -5.90
N GLY D 124 24.22 -14.29 -5.92
CA GLY D 124 23.72 -12.95 -5.96
C GLY D 124 23.41 -12.46 -7.35
N THR D 125 22.21 -11.89 -7.51
CA THR D 125 21.81 -11.22 -8.74
C THR D 125 21.75 -9.71 -8.48
N GLN D 126 22.25 -8.94 -9.44
CA GLN D 126 22.23 -7.49 -9.31
C GLN D 126 20.86 -6.92 -9.66
N VAL D 127 20.30 -6.16 -8.72
CA VAL D 127 19.10 -5.40 -8.95
C VAL D 127 19.43 -3.90 -8.90
N THR D 128 18.91 -3.14 -9.86
CA THR D 128 19.14 -1.71 -9.89
C THR D 128 17.91 -0.94 -10.33
N VAL D 129 17.43 -0.06 -9.45
CA VAL D 129 16.25 0.78 -9.72
C VAL D 129 16.74 2.18 -10.10
N SER D 130 16.60 2.55 -11.38
CA SER D 130 17.20 3.77 -11.87
C SER D 130 16.72 4.97 -11.03
N SER D 131 17.34 6.12 -11.28
CA SER D 131 17.02 7.36 -10.56
C SER D 131 17.23 7.11 -9.05
N GLU E 3 32.48 23.26 -21.49
CA GLU E 3 32.96 22.01 -22.06
C GLU E 3 33.24 21.07 -20.91
N LYS E 4 33.07 19.77 -21.16
CA LYS E 4 33.14 18.77 -20.09
C LYS E 4 34.49 18.81 -19.35
N ASP E 5 35.59 18.75 -20.11
CA ASP E 5 36.94 18.65 -19.57
C ASP E 5 37.42 19.86 -18.80
N PHE E 6 36.78 21.02 -18.97
CA PHE E 6 37.11 22.26 -18.26
C PHE E 6 36.36 22.39 -16.95
N LEU E 7 35.66 21.31 -16.54
CA LEU E 7 34.82 21.40 -15.39
C LEU E 7 35.59 21.25 -14.10
N PRO E 8 34.99 21.75 -13.04
CA PRO E 8 35.56 21.71 -11.70
C PRO E 8 35.23 20.41 -10.96
N LEU E 9 35.92 20.20 -9.85
CA LEU E 9 35.60 19.08 -8.97
C LEU E 9 34.14 19.10 -8.56
N TYR E 10 33.63 20.28 -8.23
CA TYR E 10 32.20 20.40 -7.93
C TYR E 10 31.80 21.85 -8.05
N PHE E 11 30.50 22.10 -8.15
CA PHE E 11 29.96 23.43 -8.04
C PHE E 11 29.31 23.63 -6.67
N GLY E 12 29.17 24.89 -6.26
CA GLY E 12 28.52 25.14 -4.98
C GLY E 12 28.32 26.63 -4.80
N TRP E 13 27.62 26.99 -3.71
CA TRP E 13 27.53 28.38 -3.25
C TRP E 13 28.58 28.52 -2.14
N PHE E 14 29.61 29.35 -2.38
CA PHE E 14 30.72 29.51 -1.42
C PHE E 14 30.50 30.77 -0.65
N LEU E 15 30.23 30.61 0.62
CA LEU E 15 29.92 31.73 1.47
C LEU E 15 31.11 32.68 1.53
N THR E 16 30.81 33.97 1.65
CA THR E 16 31.90 34.94 1.73
C THR E 16 32.66 34.73 3.03
N LYS E 17 33.84 35.36 3.11
CA LYS E 17 34.63 35.23 4.33
C LYS E 17 33.80 35.71 5.51
N LYS E 18 33.16 36.86 5.36
CA LYS E 18 32.40 37.40 6.47
C LYS E 18 31.30 36.40 6.84
N SER E 19 30.56 35.91 5.82
CA SER E 19 29.46 35.00 6.12
C SER E 19 29.97 33.73 6.73
N SER E 20 31.05 33.17 6.22
CA SER E 20 31.43 31.84 6.68
C SER E 20 31.49 31.73 8.22
N GLU E 21 32.26 32.63 8.89
CA GLU E 21 32.49 32.49 10.34
C GLU E 21 31.34 33.09 11.14
N THR E 22 30.63 34.08 10.59
CA THR E 22 29.36 34.37 11.25
C THR E 22 28.57 33.08 11.49
N LEU E 23 28.50 32.23 10.46
CA LEU E 23 27.82 30.96 10.60
C LEU E 23 28.64 29.99 11.42
N ARG E 24 29.97 30.03 11.25
CA ARG E 24 30.78 29.11 12.01
C ARG E 24 30.66 29.43 13.48
N LYS E 25 30.69 30.71 13.82
CA LYS E 25 30.46 31.11 15.21
C LYS E 25 29.10 30.62 15.68
N ALA E 26 28.04 30.89 14.90
CA ALA E 26 26.70 30.47 15.30
C ALA E 26 26.68 28.99 15.55
N GLY E 27 27.29 28.24 14.64
CA GLY E 27 27.34 26.82 14.78
C GLY E 27 27.98 26.40 16.08
N GLN E 28 29.18 26.94 16.36
CA GLN E 28 29.93 26.43 17.50
C GLN E 28 29.28 26.81 18.84
N VAL E 29 28.57 27.93 18.89
CA VAL E 29 27.87 28.25 20.13
C VAL E 29 26.74 27.26 20.37
N PHE E 30 26.08 26.82 19.30
CA PHE E 30 25.03 25.80 19.43
C PHE E 30 25.57 24.50 20.04
N LEU E 31 26.80 24.13 19.69
CA LEU E 31 27.37 22.93 20.29
C LEU E 31 27.72 23.16 21.77
N GLU E 32 28.17 24.37 22.13
CA GLU E 32 28.42 24.68 23.54
C GLU E 32 27.14 24.59 24.36
N GLU E 33 26.03 25.17 23.85
CA GLU E 33 24.77 25.15 24.59
C GLU E 33 24.09 23.79 24.53
N LEU E 34 24.17 23.10 23.39
CA LEU E 34 23.56 21.78 23.32
C LEU E 34 24.24 20.79 24.27
N GLY E 35 25.56 20.80 24.34
CA GLY E 35 26.32 19.92 25.21
C GLY E 35 26.12 20.17 26.68
N ASN E 36 25.64 21.37 27.06
CA ASN E 36 25.32 21.70 28.47
C ASN E 36 23.83 21.60 28.81
N HIS E 37 22.97 21.35 27.83
CA HIS E 37 21.53 21.28 28.03
C HIS E 37 21.17 19.93 28.63
N LYS E 38 20.60 19.91 29.87
CA LYS E 38 20.31 18.61 30.50
C LYS E 38 19.50 17.77 29.53
N ALA E 39 18.55 18.40 28.80
CA ALA E 39 17.75 17.62 27.84
C ALA E 39 18.68 16.84 26.93
N PHE E 40 19.90 17.36 26.73
CA PHE E 40 20.90 16.68 25.94
C PHE E 40 21.78 15.74 26.75
N LYS E 41 22.05 16.08 28.01
CA LYS E 41 22.87 15.15 28.78
C LYS E 41 22.13 13.84 29.10
N LYS E 42 20.79 13.85 29.03
CA LYS E 42 20.00 12.65 29.33
C LYS E 42 20.10 11.63 28.19
N GLU E 43 20.03 12.06 26.91
CA GLU E 43 20.11 11.15 25.78
C GLU E 43 21.52 11.23 25.20
N LEU E 44 22.45 10.79 26.04
CA LEU E 44 23.81 10.56 25.60
C LEU E 44 24.09 9.10 25.43
N ARG E 45 23.29 8.24 26.04
CA ARG E 45 23.41 6.82 25.75
C ARG E 45 23.29 6.66 24.26
N HIS E 46 22.27 7.29 23.66
CA HIS E 46 22.03 7.25 22.23
C HIS E 46 22.82 8.27 21.49
N PHE E 47 23.99 8.62 22.01
CA PHE E 47 24.88 9.55 21.37
C PHE E 47 26.35 9.21 21.50
N ILE E 48 26.79 8.61 22.60
CA ILE E 48 28.19 8.26 22.80
C ILE E 48 28.26 7.02 23.70
N SER E 49 29.36 6.28 23.60
CA SER E 49 29.65 5.19 24.53
C SER E 49 29.91 5.73 25.93
N LEU E 57 31.73 16.06 28.11
CA LEU E 57 31.59 15.78 26.68
C LEU E 57 31.38 17.04 25.84
N GLU E 58 32.51 17.65 25.51
CA GLU E 58 32.60 18.89 24.75
C GLU E 58 32.23 18.65 23.30
N LEU E 59 31.10 19.22 22.85
CA LEU E 59 30.55 18.87 21.55
C LEU E 59 31.36 19.40 20.38
N VAL E 60 31.85 20.63 20.45
CA VAL E 60 32.65 21.13 19.34
C VAL E 60 33.85 20.20 19.06
N SER E 61 34.40 19.57 20.11
CA SER E 61 35.49 18.59 19.98
C SER E 61 35.03 17.25 19.39
N TYR E 62 33.85 16.78 19.76
CA TYR E 62 33.28 15.60 19.13
C TYR E 62 33.24 15.78 17.62
N PHE E 63 32.89 16.99 17.18
CA PHE E 63 32.81 17.30 15.76
C PHE E 63 34.09 17.93 15.25
N GLY E 64 35.20 17.22 15.47
CA GLY E 64 36.56 17.77 15.27
C GLY E 64 37.04 17.90 13.82
N LYS E 65 36.28 17.39 12.85
CA LYS E 65 36.60 17.50 11.43
C LYS E 65 35.76 18.61 10.85
N ARG E 66 36.36 19.75 10.65
CA ARG E 66 35.64 20.88 10.09
C ARG E 66 36.15 21.19 8.69
N PRO E 67 35.34 21.78 7.86
CA PRO E 67 35.84 22.23 6.54
C PRO E 67 36.98 23.25 6.72
N PRO E 68 38.05 23.17 5.93
CA PRO E 68 39.30 23.86 6.24
C PRO E 68 39.44 25.24 5.65
N GLY E 69 38.41 25.74 5.00
CA GLY E 69 38.42 27.12 4.55
C GLY E 69 37.06 27.70 4.75
N VAL E 70 36.51 28.24 3.67
CA VAL E 70 35.17 28.81 3.76
C VAL E 70 34.12 27.71 3.61
N LEU E 71 33.03 27.91 4.36
CA LEU E 71 31.85 27.09 4.26
C LEU E 71 31.26 27.18 2.85
N HIS E 72 30.55 26.11 2.46
CA HIS E 72 29.88 26.13 1.16
C HIS E 72 28.64 25.26 1.19
N CYS E 73 27.82 25.36 0.14
CA CYS E 73 26.66 24.49 -0.08
C CYS E 73 26.82 23.81 -1.43
N THR E 74 27.14 22.49 -1.43
CA THR E 74 27.40 21.80 -2.69
C THR E 74 26.16 21.74 -3.55
N THR E 75 26.33 21.76 -4.88
CA THR E 75 25.24 21.44 -5.80
C THR E 75 25.55 20.11 -6.49
N LYS E 76 26.53 20.06 -7.37
CA LYS E 76 26.76 18.87 -8.19
C LYS E 76 28.23 18.49 -8.16
N PHE E 77 28.57 17.35 -7.58
CA PHE E 77 29.92 16.85 -7.71
C PHE E 77 30.24 16.45 -9.16
N CYS E 78 31.43 16.84 -9.69
CA CYS E 78 31.69 16.61 -11.11
C CYS E 78 32.93 15.78 -11.49
N ASP E 79 33.91 15.58 -10.61
CA ASP E 79 35.15 14.89 -10.97
C ASP E 79 35.59 15.35 -12.36
N TYR E 80 35.49 16.65 -12.53
CA TYR E 80 36.02 17.37 -13.68
C TYR E 80 35.38 16.91 -14.97
N GLY E 81 34.09 16.57 -14.87
CA GLY E 81 33.29 16.18 -16.01
C GLY E 81 33.00 14.70 -16.16
N LYS E 82 33.73 13.82 -15.45
CA LYS E 82 33.55 12.38 -15.61
C LYS E 82 32.56 11.74 -14.61
N ALA E 83 31.95 12.53 -13.72
CA ALA E 83 30.83 12.04 -12.94
C ALA E 83 29.59 12.03 -13.83
N ALA E 84 28.61 11.22 -13.42
CA ALA E 84 27.35 11.11 -14.14
C ALA E 84 26.55 12.40 -14.04
N GLY E 85 25.95 12.80 -15.14
CA GLY E 85 25.14 13.98 -15.20
C GLY E 85 25.87 15.28 -14.96
N ALA E 86 27.18 15.23 -14.76
CA ALA E 86 27.99 16.43 -14.64
C ALA E 86 27.91 17.27 -15.91
N GLU E 87 28.19 16.65 -17.07
CA GLU E 87 28.19 17.39 -18.33
C GLU E 87 26.88 18.13 -18.55
N GLU E 88 25.74 17.45 -18.30
CA GLU E 88 24.43 18.07 -18.51
C GLU E 88 24.17 19.26 -17.56
N TYR E 89 24.47 19.10 -16.27
CA TYR E 89 24.30 20.16 -15.28
C TYR E 89 25.07 21.41 -15.68
N ALA E 90 26.36 21.24 -16.05
CA ALA E 90 27.21 22.38 -16.31
C ALA E 90 26.74 23.16 -17.53
N GLN E 91 26.23 22.47 -18.54
CA GLN E 91 25.83 23.15 -19.76
C GLN E 91 24.42 23.76 -19.67
N GLN E 92 23.85 23.82 -18.47
CA GLN E 92 22.56 24.50 -18.30
C GLN E 92 22.72 26.00 -18.35
N GLU E 93 21.79 26.67 -19.04
CA GLU E 93 21.91 28.12 -19.15
C GLU E 93 21.85 28.73 -17.75
N VAL E 94 21.12 28.11 -16.83
CA VAL E 94 21.02 28.62 -15.47
C VAL E 94 22.39 28.58 -14.79
N VAL E 95 23.17 27.53 -15.05
CA VAL E 95 24.46 27.35 -14.39
C VAL E 95 25.54 28.27 -14.99
N LYS E 96 25.73 28.23 -16.33
CA LYS E 96 26.84 28.95 -16.94
C LYS E 96 26.63 30.43 -16.80
N ARG E 97 25.37 30.84 -16.60
CA ARG E 97 25.02 32.25 -16.43
C ARG E 97 25.09 32.75 -14.98
N SER E 98 24.77 31.92 -13.99
CA SER E 98 24.86 32.36 -12.61
C SER E 98 26.24 32.18 -12.04
N TYR E 99 27.24 31.83 -12.87
CA TYR E 99 28.62 31.58 -12.42
C TYR E 99 29.24 32.89 -11.95
N GLY E 100 29.66 32.91 -10.69
CA GLY E 100 30.21 34.09 -10.15
C GLY E 100 29.17 35.09 -9.66
N LYS E 101 27.90 34.72 -9.67
CA LYS E 101 26.87 35.61 -9.18
C LYS E 101 26.70 35.39 -7.69
N ALA E 102 26.29 36.46 -7.01
CA ALA E 102 26.21 36.48 -5.55
C ALA E 102 24.79 36.05 -5.20
N PHE E 103 24.65 35.31 -4.11
CA PHE E 103 23.36 34.79 -3.68
C PHE E 103 23.22 35.07 -2.20
N LYS E 104 21.98 34.95 -1.73
CA LYS E 104 21.66 35.09 -0.31
C LYS E 104 20.81 33.87 0.08
N LEU E 105 21.47 32.84 0.61
CA LEU E 105 20.83 31.62 1.06
C LEU E 105 20.29 31.78 2.48
N SER E 106 19.20 31.08 2.78
CA SER E 106 18.55 31.20 4.09
C SER E 106 18.84 29.97 4.92
N ILE E 107 19.23 30.16 6.18
CA ILE E 107 19.43 29.04 7.10
C ILE E 107 18.25 28.98 8.06
N SER E 108 17.64 27.77 8.17
CA SER E 108 16.39 27.52 8.91
C SER E 108 16.61 27.01 10.33
N ALA E 109 17.58 26.11 10.48
CA ALA E 109 17.87 25.47 11.75
C ALA E 109 19.32 25.01 11.70
N LEU E 110 19.82 24.63 12.87
CA LEU E 110 21.13 24.00 13.02
C LEU E 110 20.94 22.63 13.66
N PHE E 111 21.45 21.61 13.03
CA PHE E 111 21.10 20.26 13.46
C PHE E 111 22.37 19.53 13.87
N VAL E 112 22.14 18.49 14.69
CA VAL E 112 23.21 17.70 15.29
C VAL E 112 22.71 16.27 15.38
N THR E 113 23.48 15.37 14.79
CA THR E 113 23.32 13.93 14.97
C THR E 113 24.58 13.47 15.66
N PRO E 114 24.75 12.18 15.93
CA PRO E 114 26.04 11.68 16.39
C PRO E 114 27.08 11.58 15.27
N LYS E 115 26.71 11.91 14.04
CA LYS E 115 27.61 11.73 12.91
C LYS E 115 28.11 13.07 12.42
N THR E 116 27.17 14.00 12.25
CA THR E 116 27.45 15.26 11.63
C THR E 116 26.74 16.36 12.38
N ALA E 117 27.26 17.54 12.20
CA ALA E 117 26.64 18.76 12.67
C ALA E 117 26.63 19.70 11.46
N GLY E 118 25.48 20.31 11.18
CA GLY E 118 25.33 21.10 9.98
C GLY E 118 24.24 22.16 10.15
N ALA E 119 24.06 22.89 9.05
CA ALA E 119 23.01 23.90 8.97
C ALA E 119 22.14 23.50 7.78
N GLN E 120 20.83 23.71 7.93
CA GLN E 120 19.90 23.43 6.86
C GLN E 120 19.76 24.67 6.00
N VAL E 121 19.72 24.47 4.68
CA VAL E 121 19.53 25.55 3.71
C VAL E 121 18.12 25.40 3.12
N VAL E 122 17.39 26.52 3.04
CA VAL E 122 16.14 26.54 2.29
C VAL E 122 16.31 27.42 1.09
N LEU E 123 16.18 26.86 -0.09
CA LEU E 123 16.58 27.53 -1.30
C LEU E 123 15.39 28.25 -1.88
N THR E 124 15.61 29.48 -2.32
CA THR E 124 14.62 30.21 -3.08
C THR E 124 14.20 29.43 -4.34
N ASP E 125 12.94 29.60 -4.76
CA ASP E 125 12.47 28.90 -5.96
C ASP E 125 13.50 29.05 -7.10
N GLN E 126 14.18 30.21 -7.19
CA GLN E 126 15.16 30.44 -8.26
C GLN E 126 16.46 29.67 -8.02
N GLU E 127 16.98 29.73 -6.80
CA GLU E 127 18.18 28.97 -6.47
C GLU E 127 17.97 27.47 -6.69
N LEU E 128 16.75 26.96 -6.53
CA LEU E 128 16.51 25.54 -6.79
C LEU E 128 16.80 25.16 -8.26
N GLN E 129 16.72 26.10 -9.21
CA GLN E 129 17.20 25.84 -10.57
C GLN E 129 18.67 25.41 -10.62
N LEU E 130 19.41 25.76 -9.58
CA LEU E 130 20.81 25.38 -9.49
C LEU E 130 20.96 24.03 -8.75
N TRP E 131 19.83 23.40 -8.29
CA TRP E 131 19.93 22.10 -7.60
C TRP E 131 19.84 21.01 -8.66
N PRO E 132 20.72 20.03 -8.65
CA PRO E 132 20.63 18.91 -9.59
C PRO E 132 19.68 17.84 -9.04
N SER E 133 19.57 16.75 -9.81
CA SER E 133 19.07 15.48 -9.24
C SER E 133 19.97 14.36 -9.73
N ASP E 134 19.98 14.17 -11.04
CA ASP E 134 20.82 13.19 -11.72
C ASP E 134 20.90 11.86 -10.99
N LEU E 135 21.83 11.67 -10.04
CA LEU E 135 22.03 10.33 -9.49
C LEU E 135 21.83 10.22 -7.98
N ASP E 136 21.38 11.30 -7.30
CA ASP E 136 21.29 11.32 -5.85
C ASP E 136 20.66 10.04 -5.29
N LYS E 137 19.34 9.95 -5.39
CA LYS E 137 18.44 8.83 -5.07
C LYS E 137 18.48 8.24 -3.65
N PRO E 138 18.81 9.04 -2.61
CA PRO E 138 18.85 8.50 -1.24
C PRO E 138 17.65 7.67 -0.83
N SER E 139 17.65 7.18 0.39
CA SER E 139 16.56 6.33 0.88
C SER E 139 15.49 7.13 1.65
N ALA E 140 15.84 8.30 2.19
CA ALA E 140 14.89 9.21 2.83
C ALA E 140 14.46 10.35 1.90
N SER E 141 14.87 10.27 0.61
CA SER E 141 14.53 11.25 -0.40
C SER E 141 13.07 11.26 -0.84
N GLU E 142 12.26 10.26 -0.50
CA GLU E 142 10.90 10.27 -1.03
C GLU E 142 10.00 10.90 0.02
N GLY E 143 8.92 11.51 -0.46
CA GLY E 143 8.12 12.36 0.32
C GLY E 143 8.65 13.76 0.39
N LEU E 144 9.99 13.94 0.38
CA LEU E 144 10.55 15.26 0.60
C LEU E 144 10.79 16.02 -0.71
N PRO E 145 10.50 17.34 -0.68
CA PRO E 145 10.61 18.14 -1.92
C PRO E 145 12.03 18.25 -2.40
N PRO E 146 12.24 18.45 -3.72
CA PRO E 146 13.60 18.57 -4.25
C PRO E 146 14.36 19.66 -3.54
N GLY E 147 15.67 19.44 -3.41
CA GLY E 147 16.56 20.37 -2.75
C GLY E 147 16.50 20.36 -1.24
N SER E 148 15.71 19.47 -0.67
CA SER E 148 15.60 19.36 0.77
C SER E 148 16.95 19.11 1.46
N ARG E 149 17.86 18.43 0.79
CA ARG E 149 19.13 18.08 1.38
C ARG E 149 20.10 19.24 1.51
N ALA E 150 19.82 20.40 0.89
CA ALA E 150 20.80 21.47 0.76
C ALA E 150 21.25 21.94 2.13
N HIS E 151 22.56 21.84 2.37
CA HIS E 151 23.06 22.03 3.71
C HIS E 151 24.42 22.74 3.71
N VAL E 152 24.96 22.87 4.92
CA VAL E 152 26.30 23.40 5.08
C VAL E 152 26.95 22.56 6.17
N THR E 153 27.97 21.82 5.81
CA THR E 153 28.65 21.02 6.81
C THR E 153 29.50 21.94 7.70
N LEU E 154 29.36 21.74 8.99
CA LEU E 154 30.09 22.41 10.03
C LEU E 154 31.04 21.50 10.80
N GLY E 155 30.67 20.21 10.98
CA GLY E 155 31.53 19.25 11.64
C GLY E 155 31.11 17.81 11.37
N CYS E 156 32.06 16.92 11.57
CA CYS E 156 31.85 15.49 11.40
C CYS E 156 32.64 14.78 12.48
N ALA E 157 32.08 13.72 13.03
CA ALA E 157 32.85 12.89 13.95
C ALA E 157 33.99 12.28 13.17
N ALA E 158 35.03 11.92 13.89
CA ALA E 158 36.29 11.61 13.23
C ALA E 158 36.10 10.58 12.12
N ASP E 159 35.19 9.62 12.30
CA ASP E 159 35.05 8.51 11.34
C ASP E 159 33.92 8.70 10.33
N VAL E 160 33.29 9.86 10.30
CA VAL E 160 32.19 10.16 9.41
C VAL E 160 32.70 11.02 8.28
N GLN E 161 32.35 10.66 7.12
CA GLN E 161 32.73 11.42 5.97
C GLN E 161 31.72 12.52 5.75
N PRO E 162 32.14 13.60 5.08
CA PRO E 162 31.33 14.83 4.94
C PRO E 162 30.05 14.70 4.14
N VAL E 163 30.05 13.81 3.14
CA VAL E 163 28.83 13.72 2.33
C VAL E 163 27.64 13.24 3.18
N GLN E 164 27.95 12.58 4.31
CA GLN E 164 26.92 12.07 5.24
C GLN E 164 25.96 13.15 5.72
N THR E 165 26.42 14.39 5.87
CA THR E 165 25.62 15.40 6.55
C THR E 165 24.26 15.61 5.87
N GLY E 166 24.24 15.72 4.53
CA GLY E 166 22.95 15.86 3.85
C GLY E 166 22.00 14.67 4.11
N LEU E 167 22.55 13.49 4.32
CA LEU E 167 21.72 12.37 4.65
C LEU E 167 21.21 12.45 6.07
N ASP E 168 21.99 13.00 6.96
CA ASP E 168 21.41 13.26 8.28
C ASP E 168 20.24 14.24 8.17
N LEU E 169 20.40 15.33 7.40
CA LEU E 169 19.32 16.27 7.16
C LEU E 169 18.06 15.57 6.63
N LEU E 170 18.21 14.71 5.63
CA LEU E 170 17.03 14.02 5.09
C LEU E 170 16.37 13.14 6.15
N ASP E 171 17.16 12.35 6.90
CA ASP E 171 16.60 11.56 7.99
C ASP E 171 15.83 12.44 8.97
N ILE E 172 16.40 13.60 9.35
CA ILE E 172 15.67 14.52 10.25
C ILE E 172 14.43 15.10 9.56
N LEU E 173 14.59 15.56 8.31
CA LEU E 173 13.44 16.12 7.60
C LEU E 173 12.36 15.07 7.35
N GLN E 174 12.73 13.80 7.12
CA GLN E 174 11.71 12.74 6.99
C GLN E 174 10.99 12.48 8.30
N GLN E 175 11.62 12.78 9.44
CA GLN E 175 10.99 12.56 10.73
C GLN E 175 9.91 13.60 11.00
N VAL E 176 10.19 14.87 10.75
CA VAL E 176 9.21 15.92 10.96
C VAL E 176 8.01 15.73 10.04
N LYS E 177 8.28 15.42 8.77
CA LYS E 177 7.17 15.16 7.85
C LYS E 177 6.38 13.95 8.31
N GLY E 178 7.05 12.95 8.90
CA GLY E 178 6.40 11.77 9.43
C GLY E 178 5.50 12.06 10.61
N GLY E 179 5.75 13.16 11.32
CA GLY E 179 5.02 13.57 12.49
C GLY E 179 5.79 13.42 13.79
N SER E 180 6.82 12.57 13.81
CA SER E 180 7.58 12.29 15.02
C SER E 180 8.51 13.45 15.35
N GLN E 181 8.12 14.66 14.91
CA GLN E 181 8.92 15.85 15.21
C GLN E 181 9.12 16.01 16.71
N GLY E 182 8.10 15.66 17.50
CA GLY E 182 8.14 15.79 18.95
C GLY E 182 8.14 17.25 19.37
N GLU E 183 7.34 17.61 20.39
CA GLU E 183 7.28 19.01 20.78
C GLU E 183 8.64 19.54 21.26
N ALA E 184 8.70 20.85 21.49
CA ALA E 184 9.95 21.51 21.89
C ALA E 184 10.38 21.11 23.30
N VAL E 185 11.67 20.83 23.41
CA VAL E 185 12.27 20.32 24.64
C VAL E 185 13.12 21.37 25.38
N GLY E 186 13.60 22.41 24.70
CA GLY E 186 14.39 23.42 25.39
C GLY E 186 14.27 24.78 24.73
N GLU E 187 14.20 25.84 25.51
CA GLU E 187 14.16 27.18 24.93
C GLU E 187 15.59 27.74 24.97
N LEU E 188 16.25 27.79 23.75
CA LEU E 188 17.54 28.43 23.51
C LEU E 188 17.32 29.85 23.02
N PRO E 189 18.39 30.68 23.03
CA PRO E 189 18.24 32.11 22.66
C PRO E 189 17.89 32.34 21.19
N ARG E 190 18.36 31.48 20.29
CA ARG E 190 18.05 31.57 18.87
C ARG E 190 16.74 30.88 18.46
N GLY E 191 16.23 29.95 19.25
CA GLY E 191 14.97 29.30 18.94
C GLY E 191 14.66 28.16 19.91
N LYS E 192 13.59 27.42 19.61
CA LYS E 192 13.21 26.26 20.41
C LYS E 192 13.98 25.03 19.93
N LEU E 193 14.45 24.25 20.89
CA LEU E 193 15.24 23.04 20.65
C LEU E 193 14.34 21.81 20.69
N TYR E 194 14.51 20.94 19.68
CA TYR E 194 13.82 19.67 19.51
C TYR E 194 14.76 18.52 19.76
N SER E 195 14.16 17.37 20.10
CA SER E 195 14.86 16.12 20.39
C SER E 195 14.26 15.03 19.52
N LEU E 196 14.98 14.59 18.49
CA LEU E 196 14.30 13.73 17.55
C LEU E 196 14.48 12.24 17.85
N GLY E 197 15.23 11.87 18.88
CA GLY E 197 15.36 10.48 19.23
C GLY E 197 16.78 9.97 19.20
N LYS E 198 17.14 9.31 18.11
CA LYS E 198 18.39 8.57 18.05
C LYS E 198 19.60 9.50 18.14
N GLY E 199 19.68 10.26 19.23
CA GLY E 199 20.74 11.23 19.34
C GLY E 199 20.66 12.36 18.34
N ARG E 200 19.48 12.62 17.76
CA ARG E 200 19.29 13.71 16.82
C ARG E 200 18.59 14.87 17.50
N TRP E 201 19.14 16.07 17.30
CA TRP E 201 18.68 17.32 17.88
C TRP E 201 18.59 18.36 16.78
N MET E 202 17.65 19.26 16.94
CA MET E 202 17.49 20.30 15.94
C MET E 202 17.00 21.57 16.59
N LEU E 203 17.68 22.69 16.27
CA LEU E 203 17.34 24.01 16.79
C LEU E 203 16.71 24.76 15.63
N SER E 204 15.38 24.85 15.63
CA SER E 204 14.69 25.54 14.55
C SER E 204 14.73 27.02 14.85
N LEU E 205 15.43 27.78 14.02
CA LEU E 205 15.67 29.18 14.36
C LEU E 205 14.39 30.02 14.27
N THR E 206 14.12 30.78 15.34
CA THR E 206 13.03 31.75 15.28
C THR E 206 13.30 32.83 14.22
N LYS E 207 14.56 33.21 14.02
CA LYS E 207 14.89 34.16 12.98
C LYS E 207 15.80 33.45 12.01
N LYS E 208 15.42 33.50 10.75
CA LYS E 208 16.24 32.87 9.72
C LYS E 208 17.58 33.60 9.59
N MET E 209 18.66 32.83 9.43
CA MET E 209 19.97 33.44 9.17
C MET E 209 20.16 33.59 7.67
N GLU E 210 20.09 34.82 7.17
CA GLU E 210 20.44 35.02 5.77
C GLU E 210 21.96 35.14 5.62
N VAL E 211 22.55 34.30 4.75
CA VAL E 211 23.99 34.18 4.61
C VAL E 211 24.42 34.44 3.17
N LYS E 212 25.42 35.30 2.98
CA LYS E 212 25.80 35.74 1.65
C LYS E 212 26.76 34.75 1.07
N ALA E 213 26.66 34.53 -0.21
CA ALA E 213 27.61 33.61 -0.82
C ALA E 213 27.68 33.90 -2.28
N ILE E 214 28.63 33.27 -2.94
CA ILE E 214 28.78 33.32 -4.38
C ILE E 214 28.71 31.92 -4.98
N PHE E 215 28.13 31.82 -6.18
CA PHE E 215 28.00 30.54 -6.86
C PHE E 215 29.18 30.31 -7.79
N THR E 216 29.96 29.30 -7.53
CA THR E 216 31.11 29.05 -8.39
C THR E 216 31.56 27.61 -8.25
N GLY E 217 32.57 27.24 -9.06
CA GLY E 217 33.16 25.91 -9.03
C GLY E 217 34.48 25.83 -8.29
N TYR E 218 34.73 24.64 -7.67
CA TYR E 218 35.98 24.34 -6.99
C TYR E 218 37.06 23.62 -7.85
N TYR E 219 38.29 24.21 -7.86
CA TYR E 219 39.43 23.73 -8.62
C TYR E 219 40.67 23.58 -7.72
N GLY E 220 41.19 22.37 -7.62
CA GLY E 220 42.49 22.17 -7.00
C GLY E 220 42.67 22.63 -5.60
N VAL F 2 55.11 4.73 -12.99
CA VAL F 2 53.95 5.14 -12.18
C VAL F 2 52.93 4.00 -12.04
N GLN F 3 53.04 3.21 -10.97
CA GLN F 3 52.32 1.94 -10.89
C GLN F 3 52.11 1.58 -9.43
N LEU F 4 50.91 1.03 -9.12
CA LEU F 4 50.53 0.56 -7.79
C LEU F 4 50.38 -0.93 -7.85
N GLU F 5 51.24 -1.68 -7.14
CA GLU F 5 51.20 -3.13 -7.16
C GLU F 5 50.96 -3.68 -5.76
N GLU F 6 49.76 -4.22 -5.54
CA GLU F 6 49.38 -4.86 -4.28
C GLU F 6 50.23 -6.10 -4.02
N SER F 7 50.03 -6.67 -2.83
CA SER F 7 50.75 -7.88 -2.42
C SER F 7 50.30 -8.31 -1.02
N GLY F 8 50.62 -9.55 -0.70
CA GLY F 8 50.32 -10.11 0.60
C GLY F 8 49.06 -10.93 0.63
N GLY F 9 48.37 -11.08 -0.51
CA GLY F 9 47.14 -11.82 -0.58
C GLY F 9 47.38 -13.29 -0.78
N GLY F 10 46.27 -14.03 -0.83
CA GLY F 10 46.34 -15.45 -1.10
C GLY F 10 45.22 -16.20 -0.40
N LEU F 11 45.44 -17.51 -0.23
CA LEU F 11 44.49 -18.36 0.44
C LEU F 11 44.64 -18.32 1.96
N VAL F 12 43.50 -18.31 2.64
CA VAL F 12 43.45 -18.28 4.11
C VAL F 12 42.07 -18.76 4.55
N GLN F 13 42.04 -19.56 5.61
CA GLN F 13 40.79 -20.17 6.10
C GLN F 13 40.03 -19.22 7.01
N PRO F 14 38.76 -19.56 7.30
CA PRO F 14 37.91 -18.68 8.12
C PRO F 14 38.50 -18.42 9.49
N GLY F 15 38.50 -17.15 9.86
CA GLY F 15 39.09 -16.71 11.10
C GLY F 15 40.52 -16.28 10.98
N GLY F 16 41.23 -16.77 9.97
CA GLY F 16 42.55 -16.26 9.65
C GLY F 16 42.59 -14.75 9.40
N SER F 17 43.78 -14.23 9.17
CA SER F 17 44.02 -12.82 9.02
C SER F 17 45.00 -12.70 7.85
N LEU F 18 44.96 -11.57 7.16
CA LEU F 18 45.90 -11.36 6.06
C LEU F 18 46.27 -9.88 6.11
N ARG F 19 47.51 -9.58 5.69
CA ARG F 19 48.00 -8.21 5.58
C ARG F 19 48.27 -7.92 4.12
N LEU F 20 47.41 -7.13 3.53
CA LEU F 20 47.70 -6.69 2.19
C LEU F 20 48.68 -5.51 2.24
N SER F 21 49.37 -5.29 1.14
CA SER F 21 50.39 -4.25 1.09
C SER F 21 50.39 -3.73 -0.34
N CYS F 22 50.45 -2.39 -0.48
CA CYS F 22 50.61 -1.78 -1.79
C CYS F 22 51.96 -1.06 -1.87
N ALA F 23 52.69 -1.32 -2.95
CA ALA F 23 53.96 -0.66 -3.24
C ALA F 23 53.66 0.55 -4.09
N VAL F 24 53.65 1.72 -3.48
CA VAL F 24 53.38 2.95 -4.21
C VAL F 24 54.65 3.38 -4.94
N SER F 25 54.51 3.67 -6.25
CA SER F 25 55.70 4.11 -6.99
C SER F 25 55.26 5.09 -8.07
N GLY F 26 56.15 6.04 -8.35
CA GLY F 26 55.87 7.17 -9.20
C GLY F 26 54.92 8.15 -8.55
N ILE F 27 54.30 7.75 -7.47
CA ILE F 27 53.33 8.57 -6.78
C ILE F 27 53.70 8.55 -5.30
N THR F 28 53.28 9.60 -4.61
CA THR F 28 53.66 9.85 -3.24
C THR F 28 52.45 9.81 -2.35
N LEU F 29 52.62 9.29 -1.16
CA LEU F 29 51.47 9.09 -0.32
C LEU F 29 51.11 10.34 0.47
N ASP F 30 52.00 11.36 0.44
CA ASP F 30 51.75 12.66 1.03
C ASP F 30 50.82 13.51 0.18
N ASP F 31 50.74 13.24 -1.14
CA ASP F 31 49.82 13.90 -2.03
C ASP F 31 48.60 13.07 -2.47
N PHE F 32 48.63 11.73 -2.34
CA PHE F 32 47.56 10.87 -2.86
C PHE F 32 46.89 10.09 -1.74
N GLY F 33 45.59 10.17 -1.69
CA GLY F 33 44.83 9.26 -0.81
C GLY F 33 44.71 7.87 -1.38
N ILE F 34 44.60 6.89 -0.48
CA ILE F 34 44.56 5.48 -0.90
C ILE F 34 43.26 4.80 -0.45
N GLY F 35 42.61 4.15 -1.39
CA GLY F 35 41.47 3.33 -1.08
C GLY F 35 41.79 1.88 -1.37
N TRP F 36 41.38 1.01 -0.48
CA TRP F 36 41.38 -0.44 -0.74
C TRP F 36 40.01 -0.87 -1.21
N PHE F 37 39.97 -1.52 -2.37
CA PHE F 37 38.73 -2.00 -2.95
C PHE F 37 38.74 -3.54 -3.13
N ARG F 38 37.57 -4.14 -2.96
CA ARG F 38 37.44 -5.57 -3.21
C ARG F 38 36.33 -5.81 -4.22
N GLN F 39 36.60 -6.70 -5.19
CA GLN F 39 35.63 -7.15 -6.17
C GLN F 39 35.68 -8.67 -6.11
N ALA F 40 34.53 -9.35 -5.70
CA ALA F 40 34.42 -10.79 -5.85
C ALA F 40 33.83 -11.10 -7.22
N PRO F 41 33.99 -12.36 -7.69
CA PRO F 41 33.59 -12.71 -9.09
C PRO F 41 32.21 -12.30 -9.53
N GLY F 42 32.14 -11.57 -10.65
CA GLY F 42 30.88 -11.10 -11.21
C GLY F 42 30.35 -9.83 -10.59
N LYS F 43 30.72 -9.57 -9.34
CA LYS F 43 30.35 -8.36 -8.64
C LYS F 43 31.07 -7.15 -9.29
N GLU F 44 30.92 -5.96 -8.67
CA GLU F 44 31.68 -4.75 -9.00
C GLU F 44 32.53 -4.30 -7.82
N ARG F 45 33.48 -3.44 -8.14
CA ARG F 45 34.45 -2.95 -7.18
C ARG F 45 33.76 -2.21 -6.08
N GLU F 46 34.00 -2.61 -4.86
CA GLU F 46 33.33 -1.99 -3.75
C GLU F 46 34.33 -1.61 -2.70
N GLY F 47 34.16 -0.42 -2.16
CA GLY F 47 35.20 0.11 -1.31
C GLY F 47 35.16 -0.52 0.05
N VAL F 48 36.35 -0.78 0.58
CA VAL F 48 36.54 -1.43 1.84
C VAL F 48 37.02 -0.47 2.92
N ALA F 49 38.06 0.36 2.61
CA ALA F 49 38.68 1.30 3.54
C ALA F 49 39.48 2.34 2.79
N CYS F 50 39.69 3.46 3.48
CA CYS F 50 40.37 4.59 2.86
C CYS F 50 41.11 5.42 3.88
N ILE F 51 42.28 5.81 3.46
CA ILE F 51 43.11 6.77 4.20
C ILE F 51 43.51 7.88 3.23
N SER F 52 43.04 8.98 3.45
CA SER F 52 43.45 10.10 2.62
C SER F 52 44.56 10.92 3.31
N PRO F 53 45.42 11.63 2.52
CA PRO F 53 46.54 12.41 3.09
C PRO F 53 45.89 13.56 3.78
N GLY F 54 45.70 13.51 5.09
CA GLY F 54 45.02 14.58 5.73
C GLY F 54 44.90 14.28 7.19
N TYR F 55 43.94 14.92 7.82
CA TYR F 55 43.66 14.66 9.22
C TYR F 55 42.92 13.34 9.42
N GLU F 56 41.88 13.38 10.23
CA GLU F 56 41.12 12.19 10.54
C GLU F 56 40.37 11.61 9.34
N HIS F 57 40.99 11.63 8.18
CA HIS F 57 40.35 11.02 7.03
C HIS F 57 40.74 9.57 6.88
N ILE F 58 40.39 8.79 7.90
CA ILE F 58 40.52 7.35 7.89
C ILE F 58 39.11 6.79 7.93
N TYR F 59 38.66 6.19 6.83
CA TYR F 59 37.30 5.70 6.72
C TYR F 59 37.23 4.18 6.47
N TYR F 60 36.13 3.58 6.88
CA TYR F 60 35.92 2.15 6.70
C TYR F 60 34.51 1.85 6.26
N ALA F 61 34.37 0.88 5.36
CA ALA F 61 33.06 0.37 4.95
C ALA F 61 32.37 -0.32 6.10
N ASP F 62 31.06 -0.19 6.13
CA ASP F 62 30.28 -0.76 7.23
C ASP F 62 30.55 -2.28 7.46
N SER F 63 30.82 -3.05 6.38
CA SER F 63 31.21 -4.44 6.50
C SER F 63 32.41 -4.66 7.42
N ALA F 64 33.45 -3.84 7.25
CA ALA F 64 34.75 -3.92 7.93
C ALA F 64 34.81 -2.97 9.10
N LYS F 65 33.75 -2.89 9.90
CA LYS F 65 33.74 -1.91 10.96
C LYS F 65 34.93 -2.09 11.89
N GLY F 66 35.11 -3.29 12.44
CA GLY F 66 36.20 -3.45 13.37
C GLY F 66 37.25 -4.44 12.93
N ARG F 67 36.99 -5.21 11.87
CA ARG F 67 37.98 -6.20 11.51
C ARG F 67 39.18 -5.58 10.80
N PHE F 68 38.95 -4.62 9.96
CA PHE F 68 40.02 -4.16 9.12
C PHE F 68 40.63 -2.89 9.69
N THR F 69 41.92 -2.70 9.40
CA THR F 69 42.68 -1.56 9.83
C THR F 69 43.57 -1.17 8.69
N ILE F 70 43.43 0.06 8.22
CA ILE F 70 44.24 0.60 7.15
C ILE F 70 45.34 1.42 7.80
N SER F 71 46.53 1.40 7.20
CA SER F 71 47.67 2.08 7.76
C SER F 71 48.67 2.38 6.65
N ARG F 72 49.64 3.20 6.99
CA ARG F 72 50.65 3.62 6.04
C ARG F 72 52.00 3.72 6.70
N ASP F 73 53.02 3.43 5.91
CA ASP F 73 54.41 3.63 6.31
C ASP F 73 55.01 4.67 5.33
N ASN F 74 54.86 5.96 5.67
CA ASN F 74 55.27 7.02 4.76
C ASN F 74 56.74 6.92 4.31
N ALA F 75 57.59 6.31 5.14
CA ALA F 75 58.98 6.09 4.77
C ALA F 75 59.12 5.19 3.56
N LYS F 76 58.33 4.14 3.51
CA LYS F 76 58.35 3.16 2.43
C LYS F 76 57.30 3.41 1.34
N ASN F 77 56.55 4.52 1.41
CA ASN F 77 55.40 4.76 0.52
C ASN F 77 54.70 3.43 0.24
N THR F 78 54.17 2.84 1.30
CA THR F 78 53.34 1.66 1.20
C THR F 78 52.22 1.76 2.22
N VAL F 79 51.05 1.39 1.77
CA VAL F 79 49.85 1.36 2.59
C VAL F 79 49.62 -0.09 2.95
N TYR F 80 49.01 -0.31 4.12
CA TYR F 80 48.76 -1.64 4.61
C TYR F 80 47.28 -1.77 4.95
N LEU F 81 46.76 -2.96 4.82
CA LEU F 81 45.37 -3.25 5.19
C LEU F 81 45.38 -4.59 5.93
N GLN F 82 45.29 -4.49 7.24
CA GLN F 82 45.29 -5.65 8.10
C GLN F 82 43.85 -6.10 8.24
N MET F 83 43.55 -7.30 7.73
CA MET F 83 42.25 -7.92 7.80
C MET F 83 42.31 -9.04 8.82
N ASN F 84 41.45 -8.98 9.82
CA ASN F 84 41.40 -9.99 10.88
C ASN F 84 40.04 -10.66 10.77
N ASN F 85 39.99 -11.93 11.21
CA ASN F 85 38.75 -12.72 11.34
C ASN F 85 37.93 -12.74 10.05
N LEU F 86 38.57 -13.23 8.99
CA LEU F 86 37.98 -13.25 7.65
C LEU F 86 36.85 -14.28 7.54
N LYS F 87 35.85 -13.92 6.74
CA LYS F 87 34.69 -14.77 6.49
C LYS F 87 34.54 -15.00 4.99
N PRO F 88 33.87 -16.09 4.61
CA PRO F 88 33.64 -16.35 3.17
C PRO F 88 33.03 -15.16 2.43
N TRP F 89 32.27 -14.29 3.09
CA TRP F 89 31.79 -13.16 2.30
C TRP F 89 32.87 -12.13 2.00
N ASP F 90 34.07 -12.24 2.56
CA ASP F 90 35.19 -11.34 2.22
C ASP F 90 36.01 -11.83 1.02
N THR F 91 35.78 -13.05 0.54
CA THR F 91 36.46 -13.50 -0.67
C THR F 91 36.34 -12.49 -1.80
N GLY F 92 37.45 -12.27 -2.48
CA GLY F 92 37.46 -11.41 -3.66
C GLY F 92 38.88 -11.06 -4.01
N VAL F 93 39.00 -10.29 -5.09
CA VAL F 93 40.24 -9.64 -5.48
C VAL F 93 40.30 -8.29 -4.77
N TYR F 94 41.39 -8.01 -4.07
CA TYR F 94 41.55 -6.73 -3.37
C TYR F 94 42.42 -5.80 -4.21
N TYR F 95 41.83 -4.70 -4.67
CA TYR F 95 42.51 -3.68 -5.44
C TYR F 95 42.87 -2.51 -4.54
N CYS F 96 43.91 -1.79 -4.93
CA CYS F 96 44.38 -0.66 -4.17
C CYS F 96 44.32 0.52 -5.11
N ALA F 97 43.67 1.60 -4.74
CA ALA F 97 43.61 2.72 -5.67
C ALA F 97 44.11 4.02 -5.03
N ALA F 98 44.56 4.93 -5.88
CA ALA F 98 45.16 6.20 -5.47
C ALA F 98 44.38 7.30 -6.13
N ASP F 99 44.09 8.37 -5.37
CA ASP F 99 43.27 9.46 -5.88
C ASP F 99 43.82 10.76 -5.32
N ASN F 100 44.33 11.62 -6.20
CA ASN F 100 44.83 12.90 -5.75
C ASN F 100 43.76 13.81 -5.24
N ASP F 101 42.49 13.61 -5.62
CA ASP F 101 41.40 14.47 -5.17
C ASP F 101 40.84 14.05 -3.85
N LEU F 102 41.52 13.22 -3.12
CA LEU F 102 41.22 13.01 -1.71
C LEU F 102 42.09 13.91 -0.84
N PRO F 103 41.53 14.53 0.21
CA PRO F 103 40.16 14.47 0.69
C PRO F 103 39.32 15.57 0.07
N ASP F 104 39.87 16.22 -0.95
CA ASP F 104 39.22 17.43 -1.47
C ASP F 104 37.73 17.15 -1.80
N ARG F 105 37.43 16.04 -2.52
CA ARG F 105 36.04 15.74 -2.97
C ARG F 105 35.06 15.31 -1.85
N LEU F 106 35.55 14.69 -0.76
CA LEU F 106 34.70 14.45 0.34
C LEU F 106 33.87 15.66 0.71
N TRP F 107 34.33 16.91 0.54
CA TRP F 107 33.52 18.03 1.04
C TRP F 107 32.63 18.58 -0.03
N GLY F 108 32.79 18.08 -1.27
CA GLY F 108 31.98 18.50 -2.43
C GLY F 108 31.05 17.39 -2.97
N GLY F 109 30.36 16.70 -2.07
CA GLY F 109 29.30 15.83 -2.54
C GLY F 109 29.68 14.39 -2.91
N SER F 110 30.95 14.03 -2.85
CA SER F 110 31.43 12.72 -3.21
C SER F 110 31.75 11.84 -2.00
N ASP F 111 31.62 10.51 -2.25
CA ASP F 111 31.79 9.43 -1.29
C ASP F 111 33.18 8.85 -1.44
N TRP F 112 33.84 8.57 -0.35
CA TRP F 112 35.15 8.03 -0.58
C TRP F 112 35.10 6.71 -1.37
N SER F 113 34.01 5.92 -1.27
CA SER F 113 34.02 4.57 -1.75
C SER F 113 33.63 4.46 -3.22
N ASP F 114 33.25 5.59 -3.83
CA ASP F 114 33.04 5.65 -5.30
C ASP F 114 34.33 5.37 -6.00
N PRO F 115 34.45 4.31 -6.81
CA PRO F 115 35.74 4.05 -7.51
C PRO F 115 35.94 4.86 -8.77
N SER F 116 34.89 5.53 -9.26
CA SER F 116 35.08 6.37 -10.44
C SER F 116 36.12 7.47 -10.20
N PRO F 117 36.05 8.28 -9.13
CA PRO F 117 36.98 9.41 -8.98
C PRO F 117 38.47 9.02 -8.92
N TYR F 118 38.81 7.79 -8.59
CA TYR F 118 40.24 7.52 -8.42
C TYR F 118 40.98 7.75 -9.72
N ASP F 119 42.27 7.83 -9.58
CA ASP F 119 43.12 8.25 -10.65
C ASP F 119 44.07 7.14 -11.07
N TYR F 120 44.47 6.31 -10.12
CA TYR F 120 45.38 5.20 -10.44
C TYR F 120 44.94 4.02 -9.60
N TRP F 121 44.94 2.84 -10.22
CA TRP F 121 44.44 1.57 -9.67
C TRP F 121 45.56 0.55 -9.66
N GLY F 122 45.53 -0.34 -8.69
CA GLY F 122 46.46 -1.46 -8.66
C GLY F 122 46.05 -2.65 -9.53
N GLN F 123 46.91 -3.67 -9.52
CA GLN F 123 46.69 -4.88 -10.31
C GLN F 123 45.84 -5.90 -9.58
N GLY F 124 45.68 -5.78 -8.27
CA GLY F 124 44.75 -6.64 -7.57
C GLY F 124 45.39 -7.90 -7.02
N THR F 125 45.12 -8.22 -5.76
CA THR F 125 45.55 -9.45 -5.13
C THR F 125 44.35 -10.32 -4.79
N GLN F 126 44.41 -11.60 -5.16
CA GLN F 126 43.32 -12.52 -4.90
C GLN F 126 43.36 -12.94 -3.44
N VAL F 127 42.22 -12.81 -2.75
CA VAL F 127 42.00 -13.34 -1.41
C VAL F 127 40.82 -14.30 -1.44
N THR F 128 40.99 -15.50 -0.88
CA THR F 128 39.90 -16.50 -0.86
C THR F 128 39.83 -17.13 0.53
N VAL F 129 38.67 -17.02 1.20
CA VAL F 129 38.48 -17.56 2.55
C VAL F 129 37.66 -18.87 2.45
N SER F 130 38.36 -19.99 2.64
CA SER F 130 37.82 -21.33 2.38
C SER F 130 36.56 -21.57 3.21
N SER F 131 35.88 -22.66 2.86
CA SER F 131 34.70 -23.13 3.61
C SER F 131 33.69 -22.00 3.75
N GLU G 3 -7.59 -37.44 -25.66
CA GLU G 3 -8.98 -37.03 -25.64
C GLU G 3 -9.13 -35.58 -25.26
N LYS G 4 -9.40 -34.69 -26.24
CA LYS G 4 -9.47 -33.23 -26.03
C LYS G 4 -10.70 -32.68 -26.76
N ASP G 5 -10.78 -32.96 -28.05
CA ASP G 5 -11.99 -32.64 -28.80
C ASP G 5 -13.20 -33.40 -28.28
N PHE G 6 -12.97 -34.46 -27.47
CA PHE G 6 -14.04 -35.20 -26.85
C PHE G 6 -14.52 -34.62 -25.56
N LEU G 7 -14.13 -33.39 -25.26
CA LEU G 7 -14.47 -32.83 -23.99
C LEU G 7 -15.93 -32.43 -23.90
N PRO G 8 -16.37 -32.18 -22.68
CA PRO G 8 -17.73 -31.70 -22.47
C PRO G 8 -17.92 -30.19 -22.58
N LEU G 9 -19.17 -29.81 -22.60
CA LEU G 9 -19.48 -28.42 -22.34
C LEU G 9 -18.96 -28.04 -20.97
N TYR G 10 -19.18 -28.88 -19.95
CA TYR G 10 -18.53 -28.56 -18.69
C TYR G 10 -18.54 -29.74 -17.76
N PHE G 11 -17.63 -29.71 -16.77
CA PHE G 11 -17.57 -30.74 -15.75
C PHE G 11 -18.21 -30.24 -14.46
N GLY G 12 -18.64 -31.17 -13.61
CA GLY G 12 -19.25 -30.80 -12.34
C GLY G 12 -19.67 -32.03 -11.57
N TRP G 13 -20.15 -31.80 -10.35
CA TRP G 13 -20.74 -32.84 -9.54
C TRP G 13 -22.25 -32.67 -9.76
N PHE G 14 -22.90 -33.66 -10.36
CA PHE G 14 -24.32 -33.57 -10.64
C PHE G 14 -25.10 -34.34 -9.60
N LEU G 15 -25.85 -33.62 -8.80
CA LEU G 15 -26.56 -34.25 -7.70
C LEU G 15 -27.52 -35.30 -8.27
N THR G 16 -27.69 -36.40 -7.53
CA THR G 16 -28.64 -37.44 -7.92
C THR G 16 -30.05 -36.91 -7.82
N LYS G 17 -30.99 -37.62 -8.45
CA LYS G 17 -32.38 -37.12 -8.45
C LYS G 17 -32.83 -36.96 -7.01
N LYS G 18 -32.63 -38.02 -6.21
CA LYS G 18 -33.05 -37.97 -4.83
C LYS G 18 -32.36 -36.84 -4.07
N SER G 19 -31.07 -36.64 -4.29
CA SER G 19 -30.41 -35.56 -3.52
C SER G 19 -30.91 -34.20 -3.98
N SER G 20 -30.98 -33.98 -5.31
CA SER G 20 -31.46 -32.69 -5.85
C SER G 20 -32.80 -32.28 -5.27
N GLU G 21 -33.78 -33.22 -5.25
CA GLU G 21 -35.11 -32.79 -4.80
C GLU G 21 -35.08 -32.45 -3.32
N THR G 22 -34.34 -33.20 -2.51
CA THR G 22 -34.11 -32.78 -1.14
C THR G 22 -33.60 -31.37 -1.10
N LEU G 23 -32.57 -31.16 -1.91
CA LEU G 23 -31.88 -29.89 -1.94
C LEU G 23 -32.77 -28.79 -2.51
N ARG G 24 -33.60 -29.11 -3.50
CA ARG G 24 -34.45 -28.10 -4.14
C ARG G 24 -35.54 -27.66 -3.16
N LYS G 25 -36.25 -28.63 -2.55
CA LYS G 25 -37.22 -28.28 -1.51
C LYS G 25 -36.57 -27.49 -0.40
N ALA G 26 -35.47 -28.02 0.16
CA ALA G 26 -34.80 -27.28 1.24
C ALA G 26 -34.54 -25.83 0.82
N GLY G 27 -34.05 -25.64 -0.40
CA GLY G 27 -33.89 -24.30 -0.88
C GLY G 27 -35.20 -23.54 -0.84
N GLN G 28 -36.24 -24.15 -1.39
CA GLN G 28 -37.51 -23.44 -1.52
C GLN G 28 -38.10 -23.14 -0.15
N VAL G 29 -37.83 -23.96 0.86
CA VAL G 29 -38.28 -23.62 2.21
C VAL G 29 -37.51 -22.41 2.73
N PHE G 30 -36.22 -22.31 2.39
CA PHE G 30 -35.45 -21.16 2.86
C PHE G 30 -36.00 -19.84 2.31
N LEU G 31 -36.51 -19.84 1.08
CA LEU G 31 -37.15 -18.63 0.56
C LEU G 31 -38.53 -18.40 1.18
N GLU G 32 -39.27 -19.48 1.45
CA GLU G 32 -40.57 -19.35 2.11
C GLU G 32 -40.42 -18.63 3.43
N GLU G 33 -39.44 -19.06 4.24
CA GLU G 33 -39.24 -18.53 5.59
C GLU G 33 -38.51 -17.20 5.63
N LEU G 34 -37.51 -17.00 4.76
CA LEU G 34 -36.78 -15.75 4.77
C LEU G 34 -37.70 -14.58 4.42
N GLY G 35 -38.58 -14.77 3.43
CA GLY G 35 -39.47 -13.70 3.04
C GLY G 35 -40.44 -13.30 4.12
N ASN G 36 -40.71 -14.17 5.09
CA ASN G 36 -41.59 -13.86 6.21
C ASN G 36 -40.85 -13.47 7.47
N HIS G 37 -39.53 -13.54 7.48
CA HIS G 37 -38.77 -13.18 8.67
C HIS G 37 -38.68 -11.65 8.76
N LYS G 38 -39.14 -11.09 9.90
CA LYS G 38 -39.14 -9.64 10.01
C LYS G 38 -37.79 -9.06 9.60
N ALA G 39 -36.70 -9.73 9.97
CA ALA G 39 -35.39 -9.24 9.60
C ALA G 39 -35.26 -9.02 8.09
N PHE G 40 -36.05 -9.73 7.28
CA PHE G 40 -35.92 -9.56 5.83
C PHE G 40 -36.86 -8.51 5.25
N LYS G 41 -38.08 -8.40 5.78
CA LYS G 41 -39.01 -7.37 5.34
C LYS G 41 -38.62 -5.99 5.88
N LYS G 42 -37.88 -5.92 6.99
CA LYS G 42 -37.35 -4.63 7.43
C LYS G 42 -36.33 -4.09 6.44
N GLU G 43 -35.44 -4.95 5.94
CA GLU G 43 -34.40 -4.58 4.99
C GLU G 43 -34.77 -5.08 3.59
N LEU G 44 -35.80 -4.47 3.01
CA LEU G 44 -36.09 -4.66 1.59
C LEU G 44 -35.74 -3.38 0.81
N ARG G 45 -35.48 -2.27 1.50
CA ARG G 45 -35.09 -1.04 0.82
C ARG G 45 -33.99 -1.31 -0.18
N HIS G 46 -32.91 -1.95 0.27
CA HIS G 46 -31.79 -2.35 -0.57
C HIS G 46 -31.99 -3.76 -1.08
N PHE G 47 -33.25 -4.07 -1.40
CA PHE G 47 -33.55 -5.36 -2.02
C PHE G 47 -34.53 -5.17 -3.17
N ILE G 48 -35.39 -4.18 -3.12
CA ILE G 48 -36.32 -3.93 -4.21
C ILE G 48 -36.58 -2.44 -4.31
N SER G 49 -37.02 -1.98 -5.47
CA SER G 49 -37.41 -0.59 -5.69
C SER G 49 -38.67 -0.23 -4.90
N LEU G 57 -44.31 -9.43 -1.25
CA LEU G 57 -43.20 -9.87 -2.10
C LEU G 57 -42.94 -11.36 -1.91
N GLU G 58 -42.77 -12.11 -3.00
CA GLU G 58 -42.66 -13.56 -2.96
C GLU G 58 -41.32 -14.01 -3.52
N LEU G 59 -40.51 -14.65 -2.66
CA LEU G 59 -39.14 -14.95 -3.04
C LEU G 59 -39.05 -16.06 -4.07
N VAL G 60 -39.77 -17.17 -3.84
CA VAL G 60 -39.72 -18.27 -4.79
C VAL G 60 -40.06 -17.71 -6.16
N SER G 61 -41.00 -16.77 -6.18
CA SER G 61 -41.35 -16.10 -7.43
C SER G 61 -40.25 -15.15 -7.88
N TYR G 62 -39.66 -14.39 -6.95
CA TYR G 62 -38.58 -13.50 -7.29
C TYR G 62 -37.46 -14.20 -8.00
N PHE G 63 -37.08 -15.39 -7.49
CA PHE G 63 -36.04 -16.22 -8.14
C PHE G 63 -36.69 -17.19 -9.13
N GLY G 64 -37.29 -16.62 -10.18
CA GLY G 64 -38.05 -17.37 -11.15
C GLY G 64 -37.26 -18.15 -12.18
N LYS G 65 -35.96 -17.89 -12.29
CA LYS G 65 -35.07 -18.56 -13.21
C LYS G 65 -34.41 -19.69 -12.46
N ARG G 66 -34.94 -20.92 -12.61
CA ARG G 66 -34.40 -22.08 -11.91
C ARG G 66 -33.79 -23.06 -12.91
N PRO G 67 -32.79 -23.82 -12.50
CA PRO G 67 -32.24 -24.84 -13.39
C PRO G 67 -33.28 -25.89 -13.76
N PRO G 68 -33.26 -26.37 -15.01
CA PRO G 68 -34.38 -27.16 -15.52
C PRO G 68 -34.25 -28.64 -15.28
N GLY G 69 -33.21 -29.08 -14.62
CA GLY G 69 -33.10 -30.52 -14.30
C GLY G 69 -32.61 -30.78 -12.90
N VAL G 70 -31.55 -31.58 -12.80
CA VAL G 70 -30.93 -31.80 -11.48
C VAL G 70 -29.98 -30.64 -11.19
N LEU G 71 -29.85 -30.32 -9.91
CA LEU G 71 -28.82 -29.40 -9.43
C LEU G 71 -27.42 -29.95 -9.62
N HIS G 72 -26.46 -29.07 -9.82
CA HIS G 72 -25.05 -29.51 -9.93
C HIS G 72 -24.11 -28.47 -9.31
N CYS G 73 -22.86 -28.87 -9.10
CA CYS G 73 -21.78 -27.95 -8.68
C CYS G 73 -20.75 -27.91 -9.81
N THR G 74 -20.75 -26.84 -10.60
CA THR G 74 -19.84 -26.78 -11.73
C THR G 74 -18.40 -26.77 -11.25
N THR G 75 -17.49 -27.41 -11.98
CA THR G 75 -16.07 -27.24 -11.76
C THR G 75 -15.48 -26.38 -12.85
N LYS G 76 -15.32 -26.91 -14.06
CA LYS G 76 -14.56 -26.29 -15.12
C LYS G 76 -15.39 -26.22 -16.38
N PHE G 77 -15.69 -25.01 -16.83
CA PHE G 77 -16.25 -24.81 -18.16
C PHE G 77 -15.19 -25.21 -19.16
N CYS G 78 -15.58 -25.94 -20.20
CA CYS G 78 -14.59 -26.44 -21.14
C CYS G 78 -14.87 -26.06 -22.56
N ASP G 79 -16.09 -25.71 -22.91
CA ASP G 79 -16.49 -25.44 -24.27
C ASP G 79 -15.88 -26.44 -25.23
N TYR G 80 -15.99 -27.71 -24.86
CA TYR G 80 -15.58 -28.86 -25.69
C TYR G 80 -14.11 -28.79 -26.08
N GLY G 81 -13.28 -28.24 -25.18
CA GLY G 81 -11.85 -28.11 -25.37
C GLY G 81 -11.36 -26.73 -25.84
N LYS G 82 -12.25 -25.88 -26.32
CA LYS G 82 -11.78 -24.63 -26.88
C LYS G 82 -11.79 -23.49 -25.88
N ALA G 83 -12.10 -23.79 -24.60
CA ALA G 83 -11.89 -22.80 -23.54
C ALA G 83 -10.45 -22.79 -23.01
N ALA G 84 -10.10 -21.69 -22.33
CA ALA G 84 -8.77 -21.55 -21.78
C ALA G 84 -8.54 -22.54 -20.65
N GLY G 85 -7.38 -23.18 -20.63
CA GLY G 85 -7.08 -24.17 -19.64
C GLY G 85 -7.93 -25.41 -19.69
N ALA G 86 -8.85 -25.54 -20.65
CA ALA G 86 -9.70 -26.71 -20.72
C ALA G 86 -8.90 -27.99 -20.91
N GLU G 87 -8.11 -28.09 -22.01
CA GLU G 87 -7.40 -29.36 -22.26
C GLU G 87 -6.54 -29.76 -21.07
N GLU G 88 -5.80 -28.82 -20.51
CA GLU G 88 -4.94 -29.11 -19.38
C GLU G 88 -5.71 -29.65 -18.19
N TYR G 89 -6.86 -29.02 -17.84
CA TYR G 89 -7.66 -29.46 -16.70
C TYR G 89 -8.12 -30.87 -16.89
N ALA G 90 -8.70 -31.14 -18.06
CA ALA G 90 -9.41 -32.39 -18.27
C ALA G 90 -8.47 -33.59 -18.25
N GLN G 91 -7.30 -33.46 -18.86
CA GLN G 91 -6.40 -34.60 -18.93
C GLN G 91 -5.51 -34.73 -17.69
N GLN G 92 -5.85 -34.03 -16.60
CA GLN G 92 -5.25 -34.33 -15.31
C GLN G 92 -5.65 -35.74 -14.90
N GLU G 93 -4.68 -36.51 -14.38
CA GLU G 93 -4.97 -37.90 -14.01
C GLU G 93 -6.14 -38.04 -13.05
N VAL G 94 -6.33 -37.07 -12.14
CA VAL G 94 -7.43 -37.18 -11.20
C VAL G 94 -8.78 -37.12 -11.88
N VAL G 95 -8.89 -36.28 -12.91
CA VAL G 95 -10.17 -36.00 -13.49
C VAL G 95 -10.71 -37.22 -14.23
N LYS G 96 -9.90 -37.82 -15.10
CA LYS G 96 -10.46 -38.91 -15.88
C LYS G 96 -10.70 -40.17 -15.04
N ARG G 97 -10.05 -40.27 -13.88
CA ARG G 97 -10.29 -41.43 -13.05
C ARG G 97 -11.55 -41.24 -12.20
N SER G 98 -11.77 -40.03 -11.71
CA SER G 98 -12.98 -39.76 -10.94
C SER G 98 -14.14 -39.52 -11.85
N TYR G 99 -14.01 -39.81 -13.14
CA TYR G 99 -15.12 -39.61 -14.06
C TYR G 99 -16.18 -40.70 -13.80
N GLY G 100 -17.38 -40.27 -13.41
CA GLY G 100 -18.40 -41.22 -13.11
C GLY G 100 -18.28 -41.79 -11.70
N LYS G 101 -17.33 -41.32 -10.89
CA LYS G 101 -17.31 -41.78 -9.52
C LYS G 101 -18.16 -40.87 -8.63
N ALA G 102 -18.67 -41.48 -7.56
CA ALA G 102 -19.68 -40.82 -6.73
C ALA G 102 -19.01 -40.02 -5.62
N PHE G 103 -19.61 -38.88 -5.30
CA PHE G 103 -19.08 -37.98 -4.29
C PHE G 103 -20.18 -37.64 -3.30
N LYS G 104 -19.75 -37.20 -2.13
CA LYS G 104 -20.64 -36.82 -1.02
C LYS G 104 -20.13 -35.43 -0.65
N LEU G 105 -20.74 -34.43 -1.26
CA LEU G 105 -20.41 -33.03 -1.08
C LEU G 105 -21.06 -32.49 0.19
N SER G 106 -20.40 -31.54 0.84
CA SER G 106 -20.90 -30.95 2.08
C SER G 106 -21.44 -29.58 1.76
N ILE G 107 -22.65 -29.28 2.21
CA ILE G 107 -23.26 -27.95 2.06
C ILE G 107 -23.16 -27.23 3.40
N SER G 108 -22.66 -25.99 3.37
CA SER G 108 -22.42 -25.28 4.61
C SER G 108 -23.57 -24.35 5.00
N ALA G 109 -24.11 -23.59 4.02
CA ALA G 109 -25.12 -22.56 4.27
C ALA G 109 -25.92 -22.32 3.00
N LEU G 110 -26.99 -21.54 3.15
CA LEU G 110 -27.84 -21.12 2.04
C LEU G 110 -27.89 -19.60 2.02
N PHE G 111 -27.59 -19.01 0.88
CA PHE G 111 -27.41 -17.57 0.84
C PHE G 111 -28.36 -16.92 -0.15
N VAL G 112 -28.60 -15.64 0.07
CA VAL G 112 -29.52 -14.89 -0.77
C VAL G 112 -29.03 -13.46 -0.91
N THR G 113 -28.86 -13.02 -2.12
CA THR G 113 -28.60 -11.62 -2.42
C THR G 113 -29.81 -11.14 -3.20
N PRO G 114 -29.80 -9.90 -3.71
CA PRO G 114 -30.88 -9.44 -4.59
C PRO G 114 -30.77 -9.94 -6.01
N LYS G 115 -29.72 -10.67 -6.35
CA LYS G 115 -29.54 -11.19 -7.70
C LYS G 115 -29.71 -12.70 -7.76
N THR G 116 -29.15 -13.42 -6.80
CA THR G 116 -29.21 -14.86 -6.90
C THR G 116 -29.47 -15.49 -5.53
N ALA G 117 -29.86 -16.74 -5.57
CA ALA G 117 -30.03 -17.55 -4.38
C ALA G 117 -29.34 -18.87 -4.65
N GLY G 118 -28.50 -19.30 -3.71
CA GLY G 118 -27.71 -20.48 -3.94
C GLY G 118 -27.38 -21.17 -2.64
N ALA G 119 -26.61 -22.24 -2.75
CA ALA G 119 -26.14 -23.03 -1.63
C ALA G 119 -24.62 -23.10 -1.73
N GLN G 120 -23.96 -23.06 -0.57
CA GLN G 120 -22.50 -23.06 -0.51
C GLN G 120 -22.01 -24.49 -0.33
N VAL G 121 -20.93 -24.84 -1.01
CA VAL G 121 -20.35 -26.17 -0.89
C VAL G 121 -18.99 -26.00 -0.24
N VAL G 122 -18.69 -26.85 0.75
CA VAL G 122 -17.36 -26.95 1.33
C VAL G 122 -16.75 -28.28 0.86
N LEU G 123 -15.58 -28.18 0.23
CA LEU G 123 -15.00 -29.28 -0.53
C LEU G 123 -13.92 -30.03 0.27
N THR G 124 -14.03 -31.37 0.28
CA THR G 124 -12.94 -32.17 0.82
C THR G 124 -11.64 -31.90 0.04
N ASP G 125 -10.51 -31.96 0.74
CA ASP G 125 -9.23 -31.69 0.07
C ASP G 125 -9.07 -32.53 -1.18
N GLN G 126 -9.47 -33.80 -1.13
CA GLN G 126 -9.34 -34.60 -2.35
C GLN G 126 -10.36 -34.17 -3.39
N GLU G 127 -11.60 -33.85 -2.98
CA GLU G 127 -12.52 -33.25 -3.93
C GLU G 127 -11.97 -31.93 -4.48
N LEU G 128 -11.22 -31.20 -3.65
CA LEU G 128 -10.65 -29.91 -4.04
C LEU G 128 -9.60 -30.03 -5.14
N GLN G 129 -8.96 -31.19 -5.26
CA GLN G 129 -8.06 -31.46 -6.38
C GLN G 129 -8.76 -31.48 -7.74
N LEU G 130 -10.06 -31.68 -7.77
CA LEU G 130 -10.83 -31.61 -9.00
C LEU G 130 -11.36 -30.22 -9.27
N TRP G 131 -11.03 -29.25 -8.39
CA TRP G 131 -11.40 -27.86 -8.64
C TRP G 131 -10.42 -27.26 -9.63
N PRO G 132 -10.89 -26.38 -10.50
CA PRO G 132 -9.98 -25.72 -11.44
C PRO G 132 -9.25 -24.61 -10.73
N SER G 133 -8.25 -24.09 -11.44
CA SER G 133 -7.41 -23.02 -10.96
C SER G 133 -7.27 -21.87 -11.95
N ASP G 134 -7.48 -22.15 -13.24
CA ASP G 134 -7.45 -21.10 -14.26
C ASP G 134 -8.78 -20.36 -14.25
N LEU G 135 -9.03 -19.64 -13.15
CA LEU G 135 -10.32 -19.01 -12.94
C LEU G 135 -10.24 -17.48 -12.93
N ASP G 136 -11.41 -16.86 -13.12
CA ASP G 136 -11.56 -15.41 -13.08
C ASP G 136 -11.23 -14.90 -11.69
N LYS G 137 -10.60 -13.71 -11.61
CA LYS G 137 -10.28 -13.11 -10.32
C LYS G 137 -11.22 -11.94 -10.06
N PRO G 138 -12.38 -12.18 -9.46
CA PRO G 138 -13.28 -11.06 -9.13
C PRO G 138 -12.75 -10.22 -7.99
N SER G 139 -13.42 -9.08 -7.83
CA SER G 139 -13.09 -8.09 -6.83
C SER G 139 -13.13 -8.65 -5.41
N ALA G 140 -13.78 -9.79 -5.20
CA ALA G 140 -13.90 -10.40 -3.89
C ALA G 140 -13.25 -11.78 -3.81
N SER G 141 -12.56 -12.24 -4.86
CA SER G 141 -11.85 -13.50 -4.77
C SER G 141 -10.54 -13.42 -3.98
N GLU G 142 -9.99 -12.21 -3.74
CA GLU G 142 -8.67 -12.18 -3.12
C GLU G 142 -8.86 -12.43 -1.63
N GLY G 143 -7.89 -13.07 -1.01
CA GLY G 143 -8.00 -13.40 0.39
C GLY G 143 -8.72 -14.70 0.69
N LEU G 144 -9.57 -15.15 -0.21
CA LEU G 144 -10.36 -16.32 0.13
C LEU G 144 -9.69 -17.61 -0.34
N PRO G 145 -9.86 -18.69 0.41
CA PRO G 145 -9.22 -19.99 0.04
C PRO G 145 -9.82 -20.62 -1.23
N PRO G 146 -9.02 -21.45 -1.91
CA PRO G 146 -9.47 -22.08 -3.15
C PRO G 146 -10.77 -22.79 -2.91
N GLY G 147 -11.57 -22.88 -3.98
CA GLY G 147 -12.84 -23.56 -3.90
C GLY G 147 -13.92 -22.79 -3.16
N SER G 148 -13.65 -21.59 -2.70
CA SER G 148 -14.67 -20.82 -2.01
C SER G 148 -15.87 -20.57 -2.91
N ARG G 149 -15.65 -20.57 -4.23
CA ARG G 149 -16.72 -20.32 -5.19
C ARG G 149 -17.71 -21.46 -5.24
N ALA G 150 -17.30 -22.63 -4.75
CA ALA G 150 -18.04 -23.86 -4.94
C ALA G 150 -19.44 -23.74 -4.38
N HIS G 151 -20.43 -23.88 -5.26
CA HIS G 151 -21.81 -23.57 -4.92
C HIS G 151 -22.79 -24.47 -5.71
N VAL G 152 -24.09 -24.19 -5.56
CA VAL G 152 -25.15 -24.77 -6.38
C VAL G 152 -26.21 -23.71 -6.59
N THR G 153 -26.41 -23.27 -7.83
CA THR G 153 -27.36 -22.19 -8.04
C THR G 153 -28.79 -22.72 -7.87
N LEU G 154 -29.62 -21.99 -7.16
CA LEU G 154 -31.00 -22.42 -7.00
C LEU G 154 -31.98 -21.55 -7.74
N GLY G 155 -31.68 -20.27 -7.92
CA GLY G 155 -32.58 -19.38 -8.62
C GLY G 155 -31.86 -18.08 -8.91
N CYS G 156 -32.40 -17.35 -9.88
CA CYS G 156 -31.84 -16.05 -10.24
C CYS G 156 -32.93 -15.07 -10.58
N ALA G 157 -32.66 -13.80 -10.28
CA ALA G 157 -33.53 -12.76 -10.79
C ALA G 157 -33.56 -12.81 -12.31
N ALA G 158 -34.65 -12.29 -12.87
CA ALA G 158 -34.88 -12.42 -14.30
C ALA G 158 -33.70 -11.93 -15.13
N ASP G 159 -33.07 -10.82 -14.71
CA ASP G 159 -32.02 -10.17 -15.50
C ASP G 159 -30.61 -10.59 -15.10
N VAL G 160 -30.49 -11.57 -14.21
CA VAL G 160 -29.22 -12.01 -13.70
C VAL G 160 -28.79 -13.28 -14.39
N GLN G 161 -27.62 -13.32 -14.83
CA GLN G 161 -27.21 -14.59 -15.42
C GLN G 161 -26.68 -15.52 -14.32
N PRO G 162 -26.82 -16.86 -14.52
CA PRO G 162 -26.50 -17.80 -13.43
C PRO G 162 -25.06 -17.76 -12.95
N VAL G 163 -24.09 -17.49 -13.81
CA VAL G 163 -22.73 -17.52 -13.25
C VAL G 163 -22.58 -16.49 -12.12
N GLN G 164 -23.48 -15.50 -12.06
CA GLN G 164 -23.41 -14.49 -11.00
C GLN G 164 -23.41 -15.11 -9.60
N THR G 165 -24.14 -16.24 -9.42
CA THR G 165 -24.33 -16.83 -8.09
C THR G 165 -23.00 -17.11 -7.37
N GLY G 166 -21.97 -17.57 -8.10
CA GLY G 166 -20.67 -17.74 -7.50
C GLY G 166 -20.02 -16.42 -7.10
N LEU G 167 -20.27 -15.37 -7.87
CA LEU G 167 -19.63 -14.10 -7.52
C LEU G 167 -20.35 -13.46 -6.34
N ASP G 168 -21.66 -13.77 -6.18
CA ASP G 168 -22.39 -13.37 -4.96
C ASP G 168 -21.85 -14.10 -3.73
N LEU G 169 -21.66 -15.40 -3.86
CA LEU G 169 -21.09 -16.19 -2.77
C LEU G 169 -19.77 -15.63 -2.28
N LEU G 170 -18.87 -15.30 -3.22
CA LEU G 170 -17.55 -14.74 -2.87
C LEU G 170 -17.67 -13.44 -2.09
N ASP G 171 -18.50 -12.51 -2.57
CA ASP G 171 -18.73 -11.23 -1.89
C ASP G 171 -19.16 -11.41 -0.43
N ILE G 172 -20.04 -12.38 -0.14
CA ILE G 172 -20.43 -12.60 1.25
C ILE G 172 -19.26 -13.20 2.06
N LEU G 173 -18.54 -14.16 1.47
CA LEU G 173 -17.39 -14.73 2.18
C LEU G 173 -16.28 -13.68 2.36
N GLN G 174 -16.14 -12.75 1.42
CA GLN G 174 -15.20 -11.63 1.60
C GLN G 174 -15.68 -10.78 2.75
N GLN G 175 -16.97 -10.84 3.09
CA GLN G 175 -17.51 -10.12 4.24
C GLN G 175 -17.34 -10.89 5.55
N VAL G 176 -17.66 -12.18 5.58
CA VAL G 176 -17.47 -13.00 6.78
C VAL G 176 -15.98 -13.06 7.14
N LYS G 177 -15.12 -13.28 6.13
CA LYS G 177 -13.68 -13.32 6.33
C LYS G 177 -13.09 -11.99 6.76
N GLY G 178 -13.64 -10.88 6.27
CA GLY G 178 -13.14 -9.57 6.65
C GLY G 178 -13.33 -9.24 8.11
N GLY G 179 -14.31 -9.88 8.77
CA GLY G 179 -14.67 -9.59 10.12
C GLY G 179 -16.05 -8.96 10.30
N SER G 180 -16.62 -8.43 9.23
CA SER G 180 -17.99 -7.93 9.28
C SER G 180 -19.06 -9.00 9.11
N GLN G 181 -18.79 -10.25 9.52
CA GLN G 181 -19.80 -11.32 9.35
C GLN G 181 -21.15 -10.94 9.95
N GLY G 182 -21.12 -10.21 11.06
CA GLY G 182 -22.31 -9.77 11.76
C GLY G 182 -23.00 -10.92 12.48
N GLU G 183 -23.33 -10.70 13.75
CA GLU G 183 -23.96 -11.76 14.54
C GLU G 183 -25.30 -12.21 13.95
N ALA G 184 -25.85 -13.27 14.53
CA ALA G 184 -27.13 -13.78 14.07
C ALA G 184 -28.27 -12.83 14.50
N VAL G 185 -29.20 -12.59 13.58
CA VAL G 185 -30.33 -11.71 13.84
C VAL G 185 -31.64 -12.50 13.97
N GLY G 186 -31.72 -13.69 13.42
CA GLY G 186 -32.94 -14.44 13.51
C GLY G 186 -32.57 -15.90 13.54
N GLU G 187 -33.26 -16.66 14.36
CA GLU G 187 -33.03 -18.10 14.44
C GLU G 187 -34.03 -18.74 13.49
N LEU G 188 -33.53 -19.40 12.46
CA LEU G 188 -34.36 -20.24 11.62
C LEU G 188 -34.35 -21.67 12.13
N PRO G 189 -35.26 -22.50 11.64
CA PRO G 189 -35.30 -23.91 12.11
C PRO G 189 -34.05 -24.71 11.75
N ARG G 190 -33.37 -24.39 10.63
CA ARG G 190 -32.18 -25.11 10.20
C ARG G 190 -30.89 -24.55 10.77
N GLY G 191 -30.87 -23.30 11.19
CA GLY G 191 -29.69 -22.73 11.83
C GLY G 191 -29.90 -21.26 12.14
N LYS G 192 -28.86 -20.61 12.64
CA LYS G 192 -28.93 -19.17 12.93
C LYS G 192 -28.58 -18.39 11.65
N LEU G 193 -29.43 -17.43 11.31
CA LEU G 193 -29.33 -16.64 10.09
C LEU G 193 -28.73 -15.28 10.38
N TYR G 194 -27.76 -14.88 9.56
CA TYR G 194 -27.11 -13.58 9.67
C TYR G 194 -27.62 -12.68 8.55
N SER G 195 -27.47 -11.38 8.74
CA SER G 195 -27.86 -10.41 7.73
C SER G 195 -26.71 -9.43 7.46
N LEU G 196 -26.13 -9.52 6.25
CA LEU G 196 -24.91 -8.79 5.89
C LEU G 196 -25.17 -7.44 5.23
N GLY G 197 -26.43 -7.05 5.04
CA GLY G 197 -26.76 -5.72 4.59
C GLY G 197 -27.43 -5.77 3.23
N LYS G 198 -26.81 -5.06 2.26
CA LYS G 198 -27.47 -4.77 0.99
C LYS G 198 -28.12 -5.98 0.34
N GLY G 199 -29.28 -6.34 0.90
CA GLY G 199 -30.02 -7.48 0.45
C GLY G 199 -29.26 -8.77 0.54
N ARG G 200 -28.18 -8.80 1.33
CA ARG G 200 -27.39 -10.01 1.48
C ARG G 200 -27.74 -10.71 2.79
N TRP G 201 -28.04 -12.02 2.71
CA TRP G 201 -28.48 -12.84 3.83
C TRP G 201 -27.71 -14.13 3.85
N MET G 202 -27.58 -14.75 5.01
CA MET G 202 -26.90 -16.03 5.04
C MET G 202 -27.53 -16.91 6.11
N LEU G 203 -27.79 -18.16 5.74
CA LEU G 203 -28.34 -19.16 6.66
C LEU G 203 -27.27 -20.21 6.97
N SER G 204 -26.67 -20.09 8.17
CA SER G 204 -25.65 -21.04 8.63
C SER G 204 -26.35 -22.30 9.13
N LEU G 205 -26.13 -23.43 8.45
CA LEU G 205 -26.79 -24.66 8.84
C LEU G 205 -26.27 -25.17 10.18
N THR G 206 -27.17 -25.54 11.08
CA THR G 206 -26.71 -26.18 12.31
C THR G 206 -26.00 -27.49 11.97
N LYS G 207 -26.57 -28.26 11.05
CA LYS G 207 -26.03 -29.53 10.57
C LYS G 207 -25.76 -29.42 9.09
N LYS G 208 -24.53 -29.69 8.68
CA LYS G 208 -24.20 -29.62 7.26
C LYS G 208 -25.01 -30.69 6.52
N MET G 209 -25.47 -30.31 5.32
CA MET G 209 -26.25 -31.19 4.48
C MET G 209 -25.31 -31.95 3.53
N GLU G 210 -25.10 -33.24 3.80
CA GLU G 210 -24.36 -34.05 2.84
C GLU G 210 -25.30 -34.42 1.69
N VAL G 211 -24.85 -34.09 0.47
CA VAL G 211 -25.66 -34.26 -0.73
C VAL G 211 -24.86 -35.13 -1.72
N LYS G 212 -25.49 -36.17 -2.25
CA LYS G 212 -24.76 -37.12 -3.06
C LYS G 212 -24.78 -36.63 -4.49
N ALA G 213 -23.71 -36.91 -5.20
CA ALA G 213 -23.64 -36.51 -6.59
C ALA G 213 -22.61 -37.39 -7.27
N ILE G 214 -22.55 -37.24 -8.58
CA ILE G 214 -21.61 -37.95 -9.43
C ILE G 214 -20.79 -36.93 -10.19
N PHE G 215 -19.51 -37.21 -10.37
CA PHE G 215 -18.64 -36.31 -11.11
C PHE G 215 -18.59 -36.71 -12.60
N THR G 216 -19.10 -35.85 -13.47
CA THR G 216 -19.15 -36.19 -14.89
C THR G 216 -19.24 -34.91 -15.77
N GLY G 217 -19.36 -35.15 -17.09
CA GLY G 217 -19.45 -34.07 -18.06
C GLY G 217 -20.82 -33.88 -18.67
N TYR G 218 -21.12 -32.61 -19.02
CA TYR G 218 -22.37 -32.24 -19.67
C TYR G 218 -22.22 -32.20 -21.19
N TYR G 219 -23.10 -32.92 -21.88
CA TYR G 219 -23.13 -33.00 -23.34
C TYR G 219 -24.57 -32.75 -23.82
N GLY G 220 -24.77 -31.63 -24.51
CA GLY G 220 -26.08 -31.34 -25.09
C GLY G 220 -27.19 -31.33 -24.06
N GLU H 1 -25.60 -23.72 -45.98
CA GLU H 1 -25.21 -22.31 -45.72
C GLU H 1 -25.43 -22.08 -44.26
N VAL H 2 -25.33 -20.83 -43.80
CA VAL H 2 -25.25 -20.46 -42.38
C VAL H 2 -24.72 -19.03 -42.31
N GLN H 3 -25.60 -18.04 -42.18
CA GLN H 3 -25.21 -16.66 -42.41
C GLN H 3 -25.81 -15.68 -41.40
N LEU H 4 -24.97 -14.76 -40.93
CA LEU H 4 -25.39 -13.68 -40.05
C LEU H 4 -25.02 -12.35 -40.71
N GLU H 5 -26.00 -11.59 -41.18
CA GLU H 5 -25.70 -10.32 -41.82
C GLU H 5 -26.32 -9.20 -40.99
N GLU H 6 -25.45 -8.40 -40.34
CA GLU H 6 -25.84 -7.21 -39.61
C GLU H 6 -26.32 -6.12 -40.56
N SER H 7 -26.90 -5.06 -39.99
CA SER H 7 -27.39 -3.95 -40.80
C SER H 7 -28.10 -2.94 -39.90
N GLY H 8 -28.29 -1.76 -40.43
CA GLY H 8 -28.92 -0.69 -39.71
C GLY H 8 -27.93 0.30 -39.08
N GLY H 9 -26.63 0.05 -39.20
CA GLY H 9 -25.66 0.93 -38.60
C GLY H 9 -25.34 2.10 -39.48
N GLY H 10 -24.50 3.01 -38.97
CA GLY H 10 -24.03 4.18 -39.71
C GLY H 10 -23.74 5.39 -38.82
N LEU H 11 -23.77 6.58 -39.45
CA LEU H 11 -23.51 7.82 -38.73
C LEU H 11 -24.72 8.28 -37.92
N VAL H 12 -24.43 8.88 -36.77
CA VAL H 12 -25.47 9.44 -35.92
C VAL H 12 -24.79 10.30 -34.86
N GLN H 13 -25.38 11.38 -34.55
CA GLN H 13 -24.79 12.25 -33.53
C GLN H 13 -25.23 11.79 -32.15
N PRO H 14 -24.56 12.26 -31.10
CA PRO H 14 -24.97 11.91 -29.74
C PRO H 14 -26.44 12.24 -29.52
N GLY H 15 -27.16 11.25 -28.93
CA GLY H 15 -28.57 11.27 -28.73
C GLY H 15 -29.34 10.54 -29.80
N GLY H 16 -28.79 10.40 -31.01
CA GLY H 16 -29.44 9.61 -32.04
C GLY H 16 -29.68 8.19 -31.57
N SER H 17 -30.43 7.46 -32.39
CA SER H 17 -30.91 6.12 -32.08
C SER H 17 -30.76 5.25 -33.31
N LEU H 18 -30.47 3.97 -33.08
CA LEU H 18 -30.24 3.06 -34.18
C LEU H 18 -30.95 1.74 -33.86
N ARG H 19 -31.43 1.08 -34.89
CA ARG H 19 -32.02 -0.24 -34.75
C ARG H 19 -31.14 -1.13 -35.63
N LEU H 20 -30.29 -1.91 -34.97
CA LEU H 20 -29.51 -2.81 -35.76
C LEU H 20 -30.36 -4.02 -36.07
N SER H 21 -29.90 -4.81 -37.02
CA SER H 21 -30.67 -5.98 -37.42
C SER H 21 -29.70 -7.03 -37.88
N CYS H 22 -29.96 -8.27 -37.51
CA CYS H 22 -29.26 -9.38 -38.12
C CYS H 22 -30.26 -10.30 -38.79
N ALA H 23 -29.98 -10.66 -40.04
CA ALA H 23 -30.81 -11.61 -40.78
C ALA H 23 -30.19 -12.99 -40.54
N VAL H 24 -30.81 -13.76 -39.67
CA VAL H 24 -30.34 -15.11 -39.38
C VAL H 24 -30.80 -16.04 -40.49
N SER H 25 -29.89 -16.89 -40.97
CA SER H 25 -30.20 -17.81 -42.06
C SER H 25 -29.31 -19.05 -41.99
N GLY H 26 -29.85 -20.16 -42.48
CA GLY H 26 -29.21 -21.46 -42.39
C GLY H 26 -29.29 -22.05 -40.98
N ILE H 27 -29.58 -21.14 -40.06
CA ILE H 27 -29.66 -21.44 -38.62
C ILE H 27 -30.99 -20.86 -38.17
N THR H 28 -31.53 -21.42 -37.11
CA THR H 28 -32.84 -21.06 -36.66
C THR H 28 -32.72 -20.43 -35.29
N LEU H 29 -33.59 -19.48 -35.05
CA LEU H 29 -33.45 -18.71 -33.81
C LEU H 29 -34.06 -19.39 -32.61
N ASP H 30 -34.81 -20.47 -32.85
CA ASP H 30 -35.42 -21.27 -31.78
C ASP H 30 -34.41 -22.20 -31.10
N ASP H 31 -33.23 -22.41 -31.74
CA ASP H 31 -32.18 -23.21 -31.19
C ASP H 31 -30.93 -22.45 -30.79
N PHE H 32 -30.71 -21.25 -31.34
CA PHE H 32 -29.46 -20.51 -31.16
C PHE H 32 -29.67 -19.21 -30.38
N GLY H 33 -28.86 -19.02 -29.37
CA GLY H 33 -28.83 -17.71 -28.71
C GLY H 33 -28.09 -16.67 -29.51
N ILE H 34 -28.53 -15.42 -29.39
CA ILE H 34 -27.88 -14.36 -30.16
C ILE H 34 -27.22 -13.33 -29.22
N GLY H 35 -25.92 -13.11 -29.44
CA GLY H 35 -25.21 -12.10 -28.73
C GLY H 35 -24.87 -10.99 -29.72
N TRP H 36 -25.13 -9.73 -29.29
CA TRP H 36 -24.60 -8.56 -30.00
C TRP H 36 -23.29 -8.11 -29.35
N PHE H 37 -22.26 -7.98 -30.13
CA PHE H 37 -20.95 -7.57 -29.65
C PHE H 37 -20.46 -6.28 -30.34
N ARG H 38 -19.65 -5.50 -29.60
CA ARG H 38 -19.05 -4.27 -30.21
C ARG H 38 -17.53 -4.22 -30.09
N GLN H 39 -16.87 -3.83 -31.15
CA GLN H 39 -15.43 -3.66 -31.14
C GLN H 39 -15.06 -2.23 -31.51
N ALA H 40 -14.49 -1.51 -30.57
CA ALA H 40 -14.03 -0.22 -31.00
C ALA H 40 -12.60 -0.30 -31.50
N PRO H 41 -12.21 0.67 -32.27
CA PRO H 41 -10.90 0.64 -32.92
C PRO H 41 -9.79 0.34 -31.97
N GLY H 42 -9.05 -0.75 -32.23
CA GLY H 42 -7.96 -1.16 -31.37
C GLY H 42 -8.37 -1.93 -30.13
N LYS H 43 -9.57 -1.72 -29.62
CA LYS H 43 -9.99 -2.54 -28.50
C LYS H 43 -10.28 -3.98 -28.97
N GLU H 44 -10.71 -4.82 -28.04
CA GLU H 44 -11.19 -6.15 -28.37
C GLU H 44 -12.70 -6.23 -28.30
N ARG H 45 -13.24 -7.29 -28.91
CA ARG H 45 -14.69 -7.52 -28.94
C ARG H 45 -15.26 -7.64 -27.53
N GLU H 46 -16.30 -6.90 -27.26
CA GLU H 46 -16.92 -6.97 -25.96
C GLU H 46 -18.42 -7.09 -26.08
N GLY H 47 -19.00 -7.90 -25.18
CA GLY H 47 -20.41 -8.21 -25.29
C GLY H 47 -21.25 -7.03 -24.84
N VAL H 48 -22.37 -6.81 -25.55
CA VAL H 48 -23.32 -5.72 -25.30
C VAL H 48 -24.66 -6.23 -24.76
N ALA H 49 -25.26 -7.18 -25.46
CA ALA H 49 -26.56 -7.76 -25.06
C ALA H 49 -26.72 -9.12 -25.71
N CYS H 50 -27.63 -9.92 -25.11
CA CYS H 50 -27.80 -11.33 -25.45
C CYS H 50 -29.21 -11.77 -25.16
N ILE H 51 -29.72 -12.57 -26.08
CA ILE H 51 -31.03 -13.22 -25.99
C ILE H 51 -30.83 -14.68 -26.40
N SER H 52 -31.04 -15.54 -25.48
CA SER H 52 -31.01 -16.95 -25.75
C SER H 52 -32.42 -17.48 -25.93
N PRO H 53 -32.58 -18.58 -26.67
CA PRO H 53 -33.92 -19.07 -26.99
C PRO H 53 -34.73 -19.59 -25.82
N GLY H 54 -34.24 -19.59 -24.59
CA GLY H 54 -35.06 -20.12 -23.50
C GLY H 54 -36.09 -19.20 -22.83
N TYR H 55 -36.16 -19.32 -21.49
CA TYR H 55 -37.11 -18.61 -20.64
C TYR H 55 -36.40 -17.50 -19.90
N GLU H 56 -36.79 -16.26 -20.11
CA GLU H 56 -36.20 -15.12 -19.40
C GLU H 56 -34.67 -15.04 -19.52
N HIS H 57 -34.08 -15.45 -20.64
CA HIS H 57 -32.66 -15.31 -20.79
C HIS H 57 -32.38 -14.17 -21.79
N ILE H 58 -32.74 -12.95 -21.39
CA ILE H 58 -32.32 -11.73 -22.09
C ILE H 58 -31.43 -10.95 -21.14
N TYR H 59 -30.19 -10.72 -21.55
CA TYR H 59 -29.22 -10.05 -20.70
C TYR H 59 -28.61 -8.81 -21.34
N TYR H 60 -28.11 -7.91 -20.49
CA TYR H 60 -27.44 -6.68 -20.92
C TYR H 60 -26.22 -6.38 -20.10
N ALA H 61 -25.17 -5.90 -20.78
CA ALA H 61 -23.95 -5.41 -20.14
C ALA H 61 -24.21 -4.13 -19.39
N ASP H 62 -23.42 -3.91 -18.33
CA ASP H 62 -23.60 -2.69 -17.54
C ASP H 62 -23.52 -1.42 -18.43
N SER H 63 -22.71 -1.44 -19.49
CA SER H 63 -22.72 -0.36 -20.46
C SER H 63 -24.13 -0.08 -20.96
N ALA H 64 -24.82 -1.15 -21.45
CA ALA H 64 -26.09 -1.04 -22.15
C ALA H 64 -27.30 -1.22 -21.27
N LYS H 65 -27.10 -1.33 -19.95
CA LYS H 65 -28.13 -1.34 -18.94
C LYS H 65 -29.55 -1.05 -19.40
N GLY H 66 -29.95 0.26 -19.43
CA GLY H 66 -31.33 0.61 -19.74
C GLY H 66 -31.54 1.35 -21.05
N ARG H 67 -30.42 1.76 -21.65
CA ARG H 67 -30.51 2.49 -22.91
C ARG H 67 -30.76 1.56 -24.10
N PHE H 68 -30.10 0.42 -24.13
CA PHE H 68 -30.19 -0.48 -25.28
C PHE H 68 -31.27 -1.53 -25.01
N THR H 69 -31.81 -2.09 -26.11
CA THR H 69 -32.85 -3.11 -25.97
C THR H 69 -32.76 -4.12 -27.09
N ILE H 70 -32.61 -5.42 -26.75
CA ILE H 70 -32.52 -6.51 -27.72
C ILE H 70 -33.83 -7.27 -27.80
N SER H 71 -34.16 -7.67 -29.01
CA SER H 71 -35.41 -8.33 -29.27
C SER H 71 -35.27 -9.05 -30.58
N ARG H 72 -36.17 -10.02 -30.81
CA ARG H 72 -36.20 -10.84 -32.01
C ARG H 72 -37.63 -11.07 -32.43
N ASP H 73 -37.85 -11.17 -33.74
CA ASP H 73 -39.14 -11.58 -34.32
C ASP H 73 -38.95 -12.97 -34.91
N ASN H 74 -39.12 -13.99 -34.04
CA ASN H 74 -38.94 -15.37 -34.44
C ASN H 74 -39.76 -15.69 -35.70
N ALA H 75 -40.74 -14.83 -36.06
CA ALA H 75 -41.50 -15.05 -37.30
C ALA H 75 -40.57 -14.87 -38.53
N LYS H 76 -39.79 -13.77 -38.60
CA LYS H 76 -38.81 -13.58 -39.68
C LYS H 76 -37.37 -13.93 -39.32
N ASN H 77 -37.13 -14.57 -38.19
CA ASN H 77 -35.77 -14.93 -37.79
C ASN H 77 -34.82 -13.78 -38.06
N THR H 78 -35.08 -12.69 -37.36
CA THR H 78 -34.24 -11.50 -37.38
C THR H 78 -34.17 -10.96 -35.95
N VAL H 79 -32.99 -10.58 -35.56
CA VAL H 79 -32.77 -9.99 -34.25
C VAL H 79 -32.54 -8.49 -34.42
N TYR H 80 -32.93 -7.72 -33.40
CA TYR H 80 -32.83 -6.28 -33.42
C TYR H 80 -32.06 -5.85 -32.18
N LEU H 81 -31.43 -4.67 -32.25
CA LEU H 81 -30.77 -4.06 -31.09
C LEU H 81 -31.09 -2.56 -31.11
N GLN H 82 -32.04 -2.18 -30.27
CA GLN H 82 -32.47 -0.79 -30.21
C GLN H 82 -31.50 -0.03 -29.31
N MET H 83 -30.75 0.87 -29.91
CA MET H 83 -29.76 1.68 -29.20
C MET H 83 -30.32 3.08 -29.07
N ASN H 84 -30.46 3.54 -27.83
CA ASN H 84 -31.00 4.85 -27.52
C ASN H 84 -29.95 5.67 -26.79
N ASN H 85 -30.00 7.00 -27.07
CA ASN H 85 -29.17 8.00 -26.40
C ASN H 85 -27.70 7.63 -26.45
N LEU H 86 -27.19 7.52 -27.67
CA LEU H 86 -25.86 7.01 -27.92
C LEU H 86 -24.78 7.97 -27.44
N LYS H 87 -23.65 7.39 -27.01
CA LYS H 87 -22.55 8.20 -26.51
C LYS H 87 -21.27 8.03 -27.30
N PRO H 88 -20.55 9.13 -27.51
CA PRO H 88 -19.41 9.09 -28.47
C PRO H 88 -18.47 7.94 -28.32
N TRP H 89 -18.16 7.56 -27.09
CA TRP H 89 -17.30 6.37 -26.86
C TRP H 89 -18.03 5.03 -27.04
N ASP H 90 -19.27 5.01 -27.53
CA ASP H 90 -19.91 3.79 -28.05
C ASP H 90 -19.62 3.56 -29.55
N THR H 91 -18.93 4.47 -30.20
CA THR H 91 -18.45 4.22 -31.56
C THR H 91 -17.75 2.88 -31.66
N GLY H 92 -18.07 2.12 -32.69
CA GLY H 92 -17.39 0.85 -32.90
C GLY H 92 -18.06 -0.01 -33.97
N VAL H 93 -17.40 -1.11 -34.27
CA VAL H 93 -17.99 -2.11 -35.17
C VAL H 93 -18.84 -3.09 -34.32
N TYR H 94 -20.12 -3.17 -34.62
CA TYR H 94 -21.05 -4.00 -33.88
C TYR H 94 -21.25 -5.31 -34.63
N TYR H 95 -20.89 -6.42 -33.99
CA TYR H 95 -21.06 -7.77 -34.53
C TYR H 95 -22.24 -8.52 -33.90
N CYS H 96 -22.73 -9.50 -34.63
CA CYS H 96 -23.81 -10.37 -34.18
C CYS H 96 -23.24 -11.76 -34.11
N ALA H 97 -23.52 -12.48 -33.03
CA ALA H 97 -23.02 -13.86 -32.89
C ALA H 97 -24.09 -14.87 -32.50
N ALA H 98 -23.85 -16.12 -32.87
CA ALA H 98 -24.84 -17.18 -32.66
C ALA H 98 -24.18 -18.33 -31.93
N ASP H 99 -24.88 -18.90 -30.96
CA ASP H 99 -24.33 -19.97 -30.14
C ASP H 99 -25.42 -21.01 -29.77
N ASN H 100 -25.21 -22.24 -30.21
CA ASN H 100 -26.16 -23.27 -29.85
C ASN H 100 -26.05 -23.67 -28.38
N ASP H 101 -24.95 -23.45 -27.74
CA ASP H 101 -24.87 -23.88 -26.36
C ASP H 101 -25.41 -22.86 -25.38
N LEU H 102 -26.16 -21.92 -25.92
CA LEU H 102 -26.99 -21.04 -25.09
C LEU H 102 -28.40 -21.59 -24.97
N PRO H 103 -28.98 -21.56 -23.79
CA PRO H 103 -28.46 -21.06 -22.55
C PRO H 103 -27.76 -22.07 -21.69
N ASP H 104 -27.49 -23.26 -22.24
CA ASP H 104 -26.97 -24.37 -21.44
C ASP H 104 -25.72 -23.95 -20.63
N ARG H 105 -24.74 -23.32 -21.30
CA ARG H 105 -23.48 -22.99 -20.63
C ARG H 105 -23.64 -21.91 -19.55
N LEU H 106 -24.60 -21.00 -19.66
CA LEU H 106 -24.78 -20.08 -18.57
C LEU H 106 -24.84 -20.80 -17.26
N TRP H 107 -25.19 -22.05 -17.21
CA TRP H 107 -25.33 -22.77 -15.92
C TRP H 107 -24.10 -23.59 -15.60
N GLY H 108 -23.17 -23.66 -16.53
CA GLY H 108 -21.91 -24.37 -16.37
C GLY H 108 -20.71 -23.41 -16.41
N GLY H 109 -20.79 -22.37 -15.59
CA GLY H 109 -19.60 -21.59 -15.33
C GLY H 109 -19.26 -20.53 -16.34
N SER H 110 -20.02 -20.39 -17.41
CA SER H 110 -19.74 -19.49 -18.50
C SER H 110 -20.59 -18.23 -18.43
N ASP H 111 -20.05 -17.15 -19.04
CA ASP H 111 -20.65 -15.83 -19.12
C ASP H 111 -21.23 -15.59 -20.52
N TRP H 112 -22.39 -14.94 -20.57
CA TRP H 112 -22.97 -14.78 -21.89
C TRP H 112 -22.10 -13.97 -22.76
N SER H 113 -21.35 -13.08 -22.14
CA SER H 113 -20.62 -12.00 -22.84
C SER H 113 -19.29 -12.44 -23.29
N ASP H 114 -18.77 -13.56 -22.79
CA ASP H 114 -17.58 -14.21 -23.36
C ASP H 114 -17.75 -14.57 -24.83
N PRO H 115 -16.94 -14.02 -25.73
CA PRO H 115 -17.09 -14.35 -27.15
C PRO H 115 -16.44 -15.66 -27.62
N SER H 116 -15.59 -16.29 -26.81
CA SER H 116 -14.93 -17.50 -27.31
C SER H 116 -15.96 -18.62 -27.63
N PRO H 117 -16.93 -18.94 -26.74
CA PRO H 117 -17.85 -20.06 -27.01
C PRO H 117 -18.70 -19.91 -28.28
N TYR H 118 -19.00 -18.69 -28.79
CA TYR H 118 -19.99 -18.61 -29.87
C TYR H 118 -19.54 -19.44 -31.07
N ASP H 119 -20.48 -19.72 -31.97
CA ASP H 119 -20.29 -20.69 -33.05
C ASP H 119 -20.24 -20.06 -34.41
N TYR H 120 -20.99 -19.00 -34.60
CA TYR H 120 -21.01 -18.32 -35.88
C TYR H 120 -20.95 -16.83 -35.57
N TRP H 121 -20.23 -16.10 -36.41
CA TRP H 121 -20.07 -14.65 -36.25
C TRP H 121 -20.51 -13.94 -37.51
N GLY H 122 -21.12 -12.77 -37.35
CA GLY H 122 -21.45 -11.91 -38.48
C GLY H 122 -20.31 -11.05 -39.00
N GLN H 123 -20.61 -10.29 -40.04
CA GLN H 123 -19.57 -9.48 -40.68
C GLN H 123 -19.35 -8.13 -40.00
N GLY H 124 -20.34 -7.64 -39.27
CA GLY H 124 -20.18 -6.41 -38.53
C GLY H 124 -20.67 -5.17 -39.27
N THR H 125 -21.47 -4.35 -38.58
CA THR H 125 -21.94 -3.05 -39.04
C THR H 125 -21.21 -1.96 -38.27
N GLN H 126 -20.76 -0.91 -38.98
CA GLN H 126 -20.03 0.19 -38.35
C GLN H 126 -21.03 1.14 -37.69
N VAL H 127 -20.82 1.44 -36.40
CA VAL H 127 -21.56 2.51 -35.73
C VAL H 127 -20.61 3.60 -35.28
N THR H 128 -20.97 4.85 -35.56
CA THR H 128 -20.13 5.98 -35.21
C THR H 128 -21.01 7.05 -34.59
N VAL H 129 -20.64 7.46 -33.39
CA VAL H 129 -21.26 8.56 -32.68
C VAL H 129 -20.30 9.73 -32.77
N SER H 130 -20.70 10.75 -33.54
CA SER H 130 -19.94 11.98 -33.73
C SER H 130 -19.70 12.63 -32.37
N SER H 131 -18.91 13.69 -32.36
CA SER H 131 -18.62 14.45 -31.14
C SER H 131 -18.05 13.55 -30.03
CA CA I . -16.48 20.45 -20.52
CA CA J . -9.81 25.97 -17.25
CA CA K . 22.82 -22.73 11.19
CA CA L . 14.55 -27.42 10.89
CA CA M . 45.30 16.24 -3.07
CA CA N . -29.50 -25.18 -27.92
CA CA O . -20.49 -23.29 -28.57
#